data_4PIP
#
_entry.id   4PIP
#
_cell.length_a   79.045
_cell.length_b   67.634
_cell.length_c   112.125
_cell.angle_alpha   90.000
_cell.angle_beta   109.240
_cell.angle_gamma   90.000
#
_symmetry.space_group_name_H-M   'P 1 21 1'
#
loop_
_entity.id
_entity.type
_entity.pdbx_description
1 polymer 'Histidine-specific methyltransferase EgtD'
2 non-polymer TRYPTOPHAN
3 non-polymer S-ADENOSYL-L-HOMOCYSTEINE
4 non-polymer 'MAGNESIUM ION'
5 non-polymer 'CHLORIDE ION'
6 water water
#
_entity_poly.entity_id   1
_entity_poly.type   'polypeptide(L)'
_entity_poly.pdbx_seq_one_letter_code
;GHMALSLANYLAADSAAEALRRDVRAGLTATQKSLPPKWFYDAVGSDLFDQITRLPEYYPTRTEAQILRTRSAEIISAAG
ADTLVELGSGTSEKTRMLLDAMRDAELLRRFIPFDVDAGVLRSAGAAIGAEYPGIEIDAVCGDFEEHLGKIPHVGRRLVV
FLGSTIGNLTPAPRAEFLSTLADTLQPGDSLLLGTDLVKDTGRLVRAYDDAAGVTAAFNRNVLAVVNRELSADFDLDAFE
HVAKWNSDEERIEVWLRARTAQHVRVAALDLEVDFAAGEEMLTAVSCKFRPENVVAELAEAGLRQTHWWTDPAGDFGLSL
AVR
;
_entity_poly.pdbx_strand_id   A,B,C,D
#
loop_
_chem_comp.id
_chem_comp.type
_chem_comp.name
_chem_comp.formula
CL non-polymer 'CHLORIDE ION' 'Cl -1'
MG non-polymer 'MAGNESIUM ION' 'Mg 2'
#
# COMPACT_ATOMS: atom_id res chain seq x y z
N LEU A 5 28.46 -2.05 -9.00
CA LEU A 5 29.67 -1.54 -9.59
C LEU A 5 29.71 -1.70 -11.11
N SER A 6 28.89 -2.60 -11.61
CA SER A 6 28.91 -2.94 -13.03
C SER A 6 28.10 -1.95 -13.85
N LEU A 7 28.66 -1.46 -14.96
CA LEU A 7 27.94 -0.54 -15.83
C LEU A 7 26.65 -1.18 -16.34
N ALA A 8 26.70 -2.48 -16.67
CA ALA A 8 25.53 -3.16 -17.19
C ALA A 8 24.42 -3.18 -16.15
N ASN A 9 24.79 -3.31 -14.88
CA ASN A 9 23.79 -3.31 -13.81
C ASN A 9 23.25 -1.92 -13.54
N TYR A 10 24.11 -0.89 -13.62
CA TYR A 10 23.62 0.48 -13.49
C TYR A 10 22.63 0.81 -14.61
N LEU A 11 22.99 0.48 -15.85
CA LEU A 11 22.14 0.84 -16.98
C LEU A 11 20.80 0.11 -16.89
N ALA A 12 20.82 -1.14 -16.42
CA ALA A 12 19.62 -1.97 -16.34
C ALA A 12 18.85 -1.77 -15.03
N ALA A 13 19.38 -0.94 -14.14
CA ALA A 13 18.76 -0.72 -12.83
C ALA A 13 17.38 -0.08 -12.97
N ALA A 16 11.73 3.25 -10.01
CA ALA A 16 10.75 2.42 -10.69
C ALA A 16 9.63 2.02 -9.72
N ALA A 17 9.99 1.30 -8.68
CA ALA A 17 9.05 0.97 -7.62
C ALA A 17 8.59 2.25 -6.93
N GLU A 18 9.49 3.22 -6.83
CA GLU A 18 9.18 4.50 -6.22
C GLU A 18 8.29 5.30 -7.16
N ALA A 19 8.59 5.22 -8.46
CA ALA A 19 7.82 5.95 -9.46
C ALA A 19 6.39 5.43 -9.53
N LEU A 20 6.21 4.12 -9.42
CA LEU A 20 4.87 3.55 -9.45
C LEU A 20 4.09 4.01 -8.22
N ARG A 21 4.74 3.99 -7.06
CA ARG A 21 4.08 4.43 -5.82
C ARG A 21 3.59 5.87 -5.96
N ARG A 22 4.50 6.76 -6.36
CA ARG A 22 4.17 8.16 -6.60
C ARG A 22 3.01 8.31 -7.60
N ASP A 23 3.06 7.60 -8.73
CA ASP A 23 2.05 7.71 -9.79
C ASP A 23 0.69 7.21 -9.36
N VAL A 24 0.68 6.11 -8.60
CA VAL A 24 -0.57 5.49 -8.17
C VAL A 24 -1.25 6.36 -7.12
N ARG A 25 -0.47 6.88 -6.19
CA ARG A 25 -1.00 7.76 -5.16
C ARG A 25 -1.62 9.00 -5.79
N ALA A 26 -0.86 9.65 -6.65
CA ALA A 26 -1.30 10.88 -7.29
C ALA A 26 -2.49 10.64 -8.20
N GLY A 27 -2.45 9.55 -8.95
CA GLY A 27 -3.50 9.25 -9.90
C GLY A 27 -4.81 8.87 -9.23
N LEU A 28 -4.74 8.13 -8.13
CA LEU A 28 -5.92 7.60 -7.48
C LEU A 28 -6.50 8.58 -6.46
N THR A 29 -5.75 9.62 -6.12
CA THR A 29 -6.26 10.61 -5.16
C THR A 29 -6.73 11.88 -5.86
N ALA A 30 -6.51 11.97 -7.16
CA ALA A 30 -7.01 13.09 -7.97
C ALA A 30 -8.53 13.04 -8.09
N THR A 31 -9.17 14.19 -8.28
CA THR A 31 -10.63 14.23 -8.40
C THR A 31 -11.06 13.48 -9.66
N GLN A 32 -10.40 13.78 -10.77
CA GLN A 32 -10.48 12.93 -11.94
C GLN A 32 -9.39 11.88 -11.80
N LYS A 33 -9.77 10.65 -11.45
CA LYS A 33 -8.78 9.59 -11.24
C LYS A 33 -8.10 9.23 -12.54
N SER A 34 -6.84 8.82 -12.45
CA SER A 34 -6.09 8.38 -13.62
C SER A 34 -4.99 7.43 -13.20
N LEU A 35 -4.48 6.66 -14.15
CA LEU A 35 -3.26 5.87 -13.98
C LEU A 35 -2.46 6.06 -15.24
N PRO A 36 -1.12 6.18 -15.14
CA PRO A 36 -0.31 6.39 -16.35
C PRO A 36 -0.16 5.11 -17.19
N PRO A 37 -0.22 5.22 -18.52
CA PRO A 37 -0.15 4.03 -19.36
C PRO A 37 1.21 3.33 -19.38
N LYS A 38 2.26 3.97 -18.87
CA LYS A 38 3.60 3.36 -18.90
C LYS A 38 3.63 2.06 -18.07
N TRP A 39 2.66 1.93 -17.17
CA TRP A 39 2.61 0.81 -16.25
C TRP A 39 1.81 -0.39 -16.78
N PHE A 40 1.29 -0.30 -18.01
CA PHE A 40 0.52 -1.40 -18.59
C PHE A 40 1.40 -2.61 -18.90
N TYR A 41 2.69 -2.41 -19.15
CA TYR A 41 3.45 -3.42 -19.88
C TYR A 41 4.36 -4.33 -19.02
N ASP A 42 3.82 -4.90 -17.95
CA ASP A 42 4.54 -5.96 -17.21
C ASP A 42 4.50 -7.18 -18.10
N ALA A 43 4.89 -8.34 -17.60
CA ALA A 43 4.94 -9.54 -18.44
C ALA A 43 3.58 -9.85 -19.08
N VAL A 44 2.53 -9.77 -18.27
CA VAL A 44 1.18 -10.09 -18.70
C VAL A 44 0.64 -9.06 -19.67
N GLY A 45 0.81 -7.79 -19.32
CA GLY A 45 0.39 -6.71 -20.20
C GLY A 45 1.14 -6.73 -21.52
N SER A 46 2.42 -7.05 -21.51
CA SER A 46 3.21 -7.06 -22.75
C SER A 46 2.75 -8.17 -23.67
N ASP A 47 2.38 -9.29 -23.07
CA ASP A 47 1.87 -10.41 -23.83
C ASP A 47 0.51 -10.05 -24.41
N LEU A 48 -0.30 -9.30 -23.67
CA LEU A 48 -1.59 -8.86 -24.17
C LEU A 48 -1.40 -7.84 -25.28
N PHE A 49 -0.42 -6.98 -25.15
CA PHE A 49 -0.11 -6.00 -26.21
C PHE A 49 0.28 -6.73 -27.49
N ASP A 50 1.20 -7.65 -27.30
CA ASP A 50 1.45 -8.54 -28.39
CA ASP A 50 1.41 -8.56 -28.40
C ASP A 50 0.23 -9.17 -29.33
N GLN A 51 -0.77 -9.55 -28.52
CA GLN A 51 -2.02 -10.03 -29.06
C GLN A 51 -2.74 -8.87 -29.74
N ILE A 52 -2.78 -7.71 -29.07
CA ILE A 52 -3.36 -6.53 -29.68
C ILE A 52 -2.79 -6.24 -31.08
N THR A 53 -1.48 -6.39 -31.26
CA THR A 53 -0.85 -6.13 -32.56
C THR A 53 -1.34 -7.04 -33.68
N ARG A 54 -2.12 -8.07 -33.35
CA ARG A 54 -2.64 -8.99 -34.36
C ARG A 54 -4.17 -8.96 -34.49
N LEU A 55 -4.82 -8.04 -33.80
CA LEU A 55 -6.28 -7.89 -33.95
C LEU A 55 -6.65 -7.20 -35.28
N PRO A 56 -7.75 -7.63 -35.93
CA PRO A 56 -8.13 -7.02 -37.21
C PRO A 56 -8.44 -5.53 -37.07
N GLU A 57 -8.99 -5.12 -35.91
CA GLU A 57 -9.27 -3.72 -35.62
C GLU A 57 -8.03 -2.86 -35.41
N TYR A 58 -6.97 -3.45 -34.85
CA TYR A 58 -5.77 -2.70 -34.50
C TYR A 58 -4.78 -2.71 -35.65
N TYR A 59 -4.98 -1.78 -36.57
CA TYR A 59 -4.15 -1.63 -37.76
C TYR A 59 -2.74 -1.04 -37.53
N PRO A 60 -2.52 -0.25 -36.45
CA PRO A 60 -1.22 0.44 -36.39
C PRO A 60 0.05 -0.40 -36.51
N THR A 61 0.16 -1.55 -35.85
CA THR A 61 1.43 -2.29 -35.86
C THR A 61 1.83 -2.78 -37.25
N ARG A 62 0.90 -3.49 -37.88
CA ARG A 62 1.19 -4.08 -39.18
C ARG A 62 1.34 -3.01 -40.24
N THR A 63 0.69 -1.86 -40.01
CA THR A 63 0.80 -0.75 -40.96
C THR A 63 2.18 -0.13 -40.88
N GLU A 64 2.63 0.19 -39.67
CA GLU A 64 3.98 0.69 -39.51
C GLU A 64 5.01 -0.36 -39.94
N ALA A 65 4.74 -1.65 -39.69
CA ALA A 65 5.64 -2.72 -40.10
C ALA A 65 5.75 -2.75 -41.63
N GLN A 66 4.64 -2.47 -42.29
CA GLN A 66 4.63 -2.46 -43.76
C GLN A 66 5.59 -1.37 -44.29
N ILE A 67 5.55 -0.18 -43.69
CA ILE A 67 6.42 0.91 -44.09
C ILE A 67 7.88 0.56 -43.81
N LEU A 68 8.13 -0.02 -42.65
CA LEU A 68 9.49 -0.33 -42.25
C LEU A 68 10.12 -1.40 -43.14
N ARG A 69 9.31 -2.37 -43.55
CA ARG A 69 9.77 -3.42 -44.43
C ARG A 69 10.21 -2.85 -45.77
N THR A 70 9.47 -1.83 -46.22
CA THR A 70 9.78 -1.14 -47.47
C THR A 70 10.91 -0.09 -47.37
N ARG A 71 11.03 0.57 -46.23
CA ARG A 71 11.92 1.72 -46.09
C ARG A 71 13.18 1.52 -45.23
N SER A 72 13.31 0.41 -44.52
CA SER A 72 14.44 0.27 -43.58
C SER A 72 15.80 0.53 -44.24
N ALA A 73 16.03 0.01 -45.44
CA ALA A 73 17.31 0.21 -46.10
C ALA A 73 17.55 1.67 -46.44
N GLU A 74 16.49 2.34 -46.88
CA GLU A 74 16.52 3.76 -47.14
C GLU A 74 16.80 4.58 -45.87
N ILE A 75 16.16 4.19 -44.77
CA ILE A 75 16.34 4.86 -43.48
C ILE A 75 17.79 4.70 -43.02
N ILE A 76 18.29 3.49 -43.11
CA ILE A 76 19.66 3.20 -42.69
C ILE A 76 20.66 3.94 -43.57
N SER A 77 20.35 4.04 -44.86
CA SER A 77 21.22 4.73 -45.80
C SER A 77 21.29 6.22 -45.47
N ALA A 78 20.15 6.78 -45.12
CA ALA A 78 20.05 8.21 -44.81
C ALA A 78 20.70 8.59 -43.49
N ALA A 79 20.61 7.70 -42.51
CA ALA A 79 21.11 7.97 -41.17
C ALA A 79 22.62 7.70 -41.06
N GLY A 80 23.07 6.61 -41.68
CA GLY A 80 24.48 6.25 -41.62
C GLY A 80 24.90 5.92 -40.20
N ALA A 81 23.95 5.42 -39.40
CA ALA A 81 24.18 5.21 -37.99
C ALA A 81 24.82 3.85 -37.79
N ASP A 82 25.54 3.66 -36.69
CA ASP A 82 26.07 2.33 -36.39
C ASP A 82 25.43 1.73 -35.14
N THR A 83 24.55 2.51 -34.51
CA THR A 83 23.96 2.14 -33.22
C THR A 83 22.44 2.34 -33.26
N LEU A 84 21.70 1.29 -32.93
CA LEU A 84 20.22 1.37 -32.90
C LEU A 84 19.78 1.53 -31.48
N VAL A 85 19.13 2.66 -31.20
CA VAL A 85 18.56 2.95 -29.89
C VAL A 85 17.04 2.86 -30.07
N GLU A 86 16.40 1.96 -29.33
CA GLU A 86 14.95 1.87 -29.44
C GLU A 86 14.30 2.29 -28.16
N LEU A 87 13.47 3.33 -28.27
CA LEU A 87 12.70 3.80 -27.13
C LEU A 87 11.39 3.03 -27.04
N GLY A 88 11.24 2.24 -25.99
CA GLY A 88 10.11 1.35 -25.87
C GLY A 88 10.38 0.12 -26.73
N SER A 89 10.69 -1.00 -26.07
CA SER A 89 11.01 -2.24 -26.77
C SER A 89 9.77 -3.09 -26.85
N GLY A 90 9.94 -4.42 -26.90
CA GLY A 90 8.81 -5.32 -26.76
C GLY A 90 8.14 -5.83 -28.03
N THR A 91 8.51 -5.28 -29.18
CA THR A 91 7.92 -5.70 -30.47
C THR A 91 9.02 -5.89 -31.50
N SER A 92 9.77 -6.97 -31.36
CA SER A 92 11.04 -7.07 -32.07
C SER A 92 10.88 -7.26 -33.58
N GLU A 93 9.66 -7.50 -34.04
CA GLU A 93 9.45 -7.71 -35.49
C GLU A 93 9.89 -6.44 -36.22
N LYS A 94 9.63 -5.29 -35.62
CA LYS A 94 9.99 -4.02 -36.24
C LYS A 94 11.48 -3.74 -36.04
N THR A 95 12.00 -4.11 -34.87
CA THR A 95 13.40 -3.89 -34.52
C THR A 95 14.33 -4.65 -35.46
N ARG A 96 13.95 -5.91 -35.74
CA ARG A 96 14.78 -6.77 -36.58
CA ARG A 96 14.77 -6.78 -36.59
C ARG A 96 14.92 -6.20 -37.99
N MET A 97 13.89 -5.51 -38.45
CA MET A 97 13.93 -4.95 -39.80
C MET A 97 15.03 -3.92 -39.95
N LEU A 98 15.20 -3.12 -38.90
CA LEU A 98 16.18 -2.06 -38.93
C LEU A 98 17.57 -2.64 -38.67
N LEU A 99 17.68 -3.56 -37.73
CA LEU A 99 18.95 -4.26 -37.48
C LEU A 99 19.44 -5.00 -38.73
N ASP A 100 18.55 -5.68 -39.45
CA ASP A 100 18.93 -6.40 -40.67
C ASP A 100 19.49 -5.42 -41.69
N ALA A 101 18.83 -4.28 -41.84
CA ALA A 101 19.28 -3.29 -42.81
C ALA A 101 20.64 -2.73 -42.42
N MET A 102 20.82 -2.49 -41.13
CA MET A 102 22.08 -1.97 -40.63
C MET A 102 23.20 -2.99 -40.82
N ARG A 103 22.89 -4.26 -40.62
CA ARG A 103 23.85 -5.32 -40.85
C ARG A 103 24.16 -5.46 -42.35
N ASP A 104 23.14 -5.39 -43.19
CA ASP A 104 23.32 -5.43 -44.65
C ASP A 104 24.29 -4.35 -45.11
N ALA A 105 24.18 -3.18 -44.50
CA ALA A 105 24.95 -2.02 -44.87
C ALA A 105 26.36 -2.05 -44.29
N GLU A 106 26.62 -3.10 -43.50
CA GLU A 106 27.91 -3.28 -42.83
C GLU A 106 28.19 -2.13 -41.84
N LEU A 107 27.12 -1.63 -41.22
CA LEU A 107 27.17 -0.49 -40.31
C LEU A 107 26.91 -0.86 -38.85
N LEU A 108 26.29 -2.01 -38.62
CA LEU A 108 25.74 -2.30 -37.30
C LEU A 108 26.84 -2.67 -36.29
N ARG A 109 26.97 -1.86 -35.24
CA ARG A 109 27.96 -2.13 -34.22
C ARG A 109 27.35 -2.34 -32.85
N ARG A 110 26.15 -1.81 -32.65
CA ARG A 110 25.64 -1.61 -31.30
C ARG A 110 24.11 -1.55 -31.26
N PHE A 111 23.53 -2.14 -30.21
CA PHE A 111 22.08 -2.09 -29.98
C PHE A 111 21.79 -1.67 -28.54
N ILE A 112 20.94 -0.66 -28.40
CA ILE A 112 20.56 -0.14 -27.08
C ILE A 112 19.03 -0.08 -26.96
N PRO A 113 18.43 -1.16 -26.44
CA PRO A 113 17.00 -1.10 -26.10
C PRO A 113 16.76 -0.33 -24.82
N PHE A 114 15.70 0.48 -24.83
CA PHE A 114 15.35 1.34 -23.72
C PHE A 114 13.89 1.09 -23.30
N ASP A 115 13.65 0.69 -22.05
CA ASP A 115 12.28 0.40 -21.61
C ASP A 115 12.13 0.60 -20.12
N VAL A 116 10.91 0.88 -19.66
CA VAL A 116 10.70 1.07 -18.23
C VAL A 116 10.57 -0.27 -17.52
N ASP A 117 10.38 -1.34 -18.28
CA ASP A 117 10.21 -2.67 -17.73
C ASP A 117 11.48 -3.51 -17.93
N ALA A 118 12.09 -3.93 -16.82
CA ALA A 118 13.35 -4.67 -16.90
C ALA A 118 13.16 -6.03 -17.57
N GLY A 119 11.96 -6.62 -17.44
CA GLY A 119 11.68 -7.92 -18.04
C GLY A 119 11.73 -7.88 -19.56
N VAL A 120 11.09 -6.88 -20.15
CA VAL A 120 11.07 -6.69 -21.60
C VAL A 120 12.48 -6.49 -22.17
N LEU A 121 13.30 -5.73 -21.47
CA LEU A 121 14.71 -5.53 -21.86
C LEU A 121 15.52 -6.82 -21.93
N ARG A 122 15.33 -7.69 -20.94
CA ARG A 122 16.08 -8.93 -20.90
C ARG A 122 15.74 -9.81 -22.10
N SER A 123 14.45 -9.88 -22.44
CA SER A 123 14.00 -10.68 -23.57
C SER A 123 14.57 -10.17 -24.89
N ALA A 124 14.41 -8.88 -25.15
CA ALA A 124 14.95 -8.26 -26.36
C ALA A 124 16.47 -8.44 -26.42
N GLY A 125 17.16 -8.15 -25.32
CA GLY A 125 18.61 -8.34 -25.28
C GLY A 125 19.05 -9.76 -25.61
N ALA A 126 18.34 -10.73 -25.05
CA ALA A 126 18.67 -12.13 -25.32
C ALA A 126 18.40 -12.46 -26.78
N ALA A 127 17.24 -12.06 -27.27
CA ALA A 127 16.84 -12.35 -28.64
C ALA A 127 17.85 -11.77 -29.64
N ILE A 128 18.02 -10.45 -29.60
CA ILE A 128 18.93 -9.77 -30.51
C ILE A 128 20.39 -10.23 -30.31
N GLY A 129 20.76 -10.56 -29.07
CA GLY A 129 22.10 -11.08 -28.82
C GLY A 129 22.36 -12.37 -29.56
N ALA A 130 21.36 -13.23 -29.64
CA ALA A 130 21.53 -14.51 -30.32
C ALA A 130 21.53 -14.36 -31.85
N GLU A 131 20.87 -13.32 -32.35
CA GLU A 131 20.63 -13.22 -33.79
C GLU A 131 21.68 -12.36 -34.49
N TYR A 132 22.38 -11.53 -33.72
CA TYR A 132 23.30 -10.53 -34.27
C TYR A 132 24.67 -10.61 -33.62
N PRO A 133 25.52 -11.54 -34.09
CA PRO A 133 26.82 -11.69 -33.44
C PRO A 133 27.75 -10.52 -33.68
N GLY A 134 28.57 -10.23 -32.68
CA GLY A 134 29.60 -9.23 -32.84
C GLY A 134 29.06 -7.81 -32.73
N ILE A 135 27.95 -7.64 -32.02
CA ILE A 135 27.48 -6.28 -31.70
C ILE A 135 27.45 -6.05 -30.19
N GLU A 136 27.65 -4.80 -29.79
CA GLU A 136 27.59 -4.42 -28.39
C GLU A 136 26.13 -4.25 -28.00
N ILE A 137 25.74 -4.75 -26.83
CA ILE A 137 24.36 -4.60 -26.38
C ILE A 137 24.30 -4.03 -24.97
N ASP A 138 23.67 -2.88 -24.82
CA ASP A 138 23.47 -2.26 -23.51
C ASP A 138 21.99 -1.97 -23.31
N ALA A 139 21.37 -2.74 -22.43
CA ALA A 139 19.98 -2.51 -22.06
C ALA A 139 19.93 -1.34 -21.08
N VAL A 140 19.04 -0.39 -21.34
CA VAL A 140 18.85 0.74 -20.46
C VAL A 140 17.44 0.77 -19.88
N CYS A 141 17.35 0.71 -18.56
CA CYS A 141 16.04 0.67 -17.92
C CYS A 141 15.73 2.07 -17.42
N GLY A 142 14.58 2.59 -17.82
CA GLY A 142 14.17 3.92 -17.45
C GLY A 142 12.87 4.35 -18.13
N ASP A 143 12.43 5.54 -17.75
CA ASP A 143 11.25 6.23 -18.27
C ASP A 143 11.72 7.20 -19.34
N PHE A 144 11.18 7.15 -20.55
CA PHE A 144 11.71 8.02 -21.61
C PHE A 144 11.28 9.47 -21.40
N GLU A 145 10.47 9.74 -20.37
CA GLU A 145 10.22 11.12 -19.98
C GLU A 145 11.21 11.68 -18.95
N GLU A 146 12.09 10.84 -18.40
CA GLU A 146 12.99 11.28 -17.33
C GLU A 146 14.43 10.83 -17.50
N HIS A 147 14.65 9.68 -18.12
CA HIS A 147 15.95 9.00 -18.03
C HIS A 147 16.68 8.81 -19.36
N LEU A 148 16.41 9.68 -20.33
CA LEU A 148 17.14 9.60 -21.60
C LEU A 148 18.66 9.78 -21.40
N GLY A 149 19.03 10.54 -20.38
CA GLY A 149 20.43 10.73 -20.05
C GLY A 149 21.16 9.42 -19.77
N LYS A 150 20.44 8.37 -19.39
CA LYS A 150 21.08 7.08 -19.11
C LYS A 150 21.55 6.40 -20.38
N ILE A 151 21.06 6.85 -21.53
CA ILE A 151 21.45 6.29 -22.81
C ILE A 151 22.89 6.69 -23.11
N PRO A 152 23.79 5.71 -23.29
CA PRO A 152 25.17 6.04 -23.64
C PRO A 152 25.25 6.94 -24.89
N HIS A 153 26.13 7.93 -24.82
CA HIS A 153 26.44 8.81 -25.94
C HIS A 153 27.67 8.25 -26.64
N VAL A 154 27.45 7.28 -27.51
CA VAL A 154 28.53 6.63 -28.23
C VAL A 154 28.12 6.42 -29.69
N GLY A 155 29.13 6.39 -30.56
CA GLY A 155 28.90 6.12 -31.98
C GLY A 155 27.93 7.09 -32.63
N ARG A 156 27.32 6.65 -33.73
CA ARG A 156 26.28 7.41 -34.42
C ARG A 156 24.98 6.71 -34.20
N ARG A 157 24.08 7.36 -33.47
CA ARG A 157 22.90 6.69 -32.97
C ARG A 157 21.65 7.01 -33.78
N LEU A 158 20.99 5.95 -34.25
CA LEU A 158 19.65 6.04 -34.80
C LEU A 158 18.69 5.67 -33.68
N VAL A 159 18.03 6.70 -33.15
CA VAL A 159 17.01 6.54 -32.12
C VAL A 159 15.66 6.36 -32.78
N VAL A 160 14.98 5.29 -32.43
CA VAL A 160 13.69 5.00 -33.03
C VAL A 160 12.66 4.95 -31.91
N PHE A 161 11.50 5.51 -32.21
CA PHE A 161 10.39 5.61 -31.26
C PHE A 161 9.13 5.25 -32.02
N LEU A 162 8.80 3.97 -32.06
CA LEU A 162 7.77 3.48 -32.96
C LEU A 162 6.44 3.21 -32.24
N GLY A 163 5.45 2.80 -33.01
CA GLY A 163 4.18 2.31 -32.46
C GLY A 163 3.22 3.40 -32.07
N SER A 164 3.55 4.63 -32.42
CA SER A 164 2.79 5.81 -32.00
C SER A 164 2.76 5.94 -30.48
N THR A 165 3.80 5.41 -29.83
CA THR A 165 3.96 5.53 -28.39
C THR A 165 4.04 7.01 -28.00
N ILE A 166 4.55 7.85 -28.90
CA ILE A 166 4.58 9.29 -28.64
C ILE A 166 3.15 9.82 -28.49
N GLY A 167 2.18 9.17 -29.11
CA GLY A 167 0.79 9.56 -28.98
C GLY A 167 0.18 9.25 -27.62
N ASN A 168 0.93 8.56 -26.77
CA ASN A 168 0.47 8.21 -25.43
C ASN A 168 0.89 9.32 -24.45
N LEU A 169 1.49 10.39 -24.99
CA LEU A 169 1.76 11.62 -24.24
C LEU A 169 0.78 12.69 -24.69
N THR A 170 0.28 13.48 -23.73
CA THR A 170 -0.56 14.64 -24.06
C THR A 170 0.38 15.75 -24.54
N PRO A 171 -0.17 16.81 -25.14
CA PRO A 171 0.70 17.77 -25.86
C PRO A 171 1.83 18.42 -25.06
N ALA A 172 1.58 18.88 -23.83
CA ALA A 172 2.64 19.51 -23.06
C ALA A 172 3.76 18.52 -22.72
N PRO A 173 3.42 17.36 -22.11
CA PRO A 173 4.47 16.35 -21.89
C PRO A 173 5.16 15.92 -23.18
N ARG A 174 4.40 15.88 -24.26
CA ARG A 174 4.95 15.47 -25.53
C ARG A 174 5.98 16.48 -26.03
N ALA A 175 5.68 17.77 -25.87
CA ALA A 175 6.60 18.81 -26.31
C ALA A 175 7.87 18.79 -25.47
N GLU A 176 7.72 18.59 -24.16
CA GLU A 176 8.88 18.51 -23.27
C GLU A 176 9.74 17.29 -23.60
N PHE A 177 9.07 16.19 -23.96
CA PHE A 177 9.78 14.98 -24.35
C PHE A 177 10.60 15.22 -25.62
N LEU A 178 10.00 15.83 -26.63
CA LEU A 178 10.73 16.06 -27.88
C LEU A 178 11.92 16.99 -27.70
N SER A 179 11.74 18.03 -26.88
CA SER A 179 12.81 18.98 -26.62
C SER A 179 13.96 18.31 -25.86
N THR A 180 13.62 17.48 -24.87
CA THR A 180 14.65 16.77 -24.12
C THR A 180 15.32 15.75 -25.02
N LEU A 181 14.54 15.11 -25.88
CA LEU A 181 15.09 14.17 -26.85
C LEU A 181 16.11 14.89 -27.73
N ALA A 182 15.75 16.08 -28.21
CA ALA A 182 16.65 16.85 -29.09
C ALA A 182 17.97 17.21 -28.43
N ASP A 183 17.95 17.53 -27.15
CA ASP A 183 19.15 17.87 -26.39
C ASP A 183 20.04 16.65 -26.15
N THR A 184 19.43 15.47 -26.18
CA THR A 184 20.15 14.23 -25.96
C THR A 184 20.84 13.80 -27.25
N LEU A 185 20.23 14.11 -28.38
CA LEU A 185 20.82 13.82 -29.68
C LEU A 185 22.01 14.72 -29.91
N GLN A 186 23.08 14.15 -30.46
CA GLN A 186 24.22 14.92 -30.90
C GLN A 186 24.18 15.04 -32.42
N PRO A 187 24.87 16.04 -32.98
CA PRO A 187 24.92 16.17 -34.44
C PRO A 187 25.36 14.87 -35.12
N GLY A 188 24.64 14.45 -36.15
CA GLY A 188 24.89 13.16 -36.77
C GLY A 188 23.91 12.09 -36.34
N ASP A 189 23.37 12.20 -35.12
CA ASP A 189 22.35 11.29 -34.66
C ASP A 189 21.05 11.55 -35.45
N SER A 190 20.17 10.56 -35.50
CA SER A 190 18.88 10.70 -36.21
C SER A 190 17.76 10.13 -35.35
N LEU A 191 16.55 10.65 -35.58
CA LEU A 191 15.34 10.21 -34.89
C LEU A 191 14.33 9.63 -35.87
N LEU A 192 13.89 8.39 -35.65
CA LEU A 192 12.83 7.78 -36.46
C LEU A 192 11.55 7.70 -35.62
N LEU A 193 10.49 8.39 -36.05
CA LEU A 193 9.28 8.56 -35.23
C LEU A 193 8.02 8.08 -35.92
N GLY A 194 7.27 7.19 -35.27
CA GLY A 194 6.01 6.70 -35.81
C GLY A 194 4.82 7.39 -35.20
N THR A 195 3.89 7.83 -36.03
CA THR A 195 2.74 8.61 -35.61
C THR A 195 1.50 8.15 -36.35
N ASP A 196 0.53 7.63 -35.61
CA ASP A 196 -0.74 7.20 -36.17
C ASP A 196 -1.53 8.44 -36.55
N LEU A 197 -2.27 8.36 -37.65
CA LEU A 197 -2.89 9.53 -38.25
C LEU A 197 -4.39 9.60 -38.04
N VAL A 198 -4.91 10.83 -38.03
CA VAL A 198 -6.34 11.05 -37.96
C VAL A 198 -7.00 10.35 -39.16
N LYS A 199 -8.19 9.83 -38.94
CA LYS A 199 -8.90 9.00 -39.89
C LYS A 199 -10.31 8.81 -39.37
N ASP A 200 -11.10 7.99 -40.05
CA ASP A 200 -12.48 7.70 -39.65
C ASP A 200 -12.58 7.38 -38.15
N THR A 201 -13.47 8.09 -37.44
CA THR A 201 -13.52 7.97 -35.96
C THR A 201 -13.93 6.58 -35.47
N GLY A 202 -14.80 5.91 -36.24
CA GLY A 202 -15.19 4.56 -35.92
C GLY A 202 -14.05 3.56 -36.03
N ARG A 203 -13.25 3.65 -37.09
CA ARG A 203 -12.04 2.83 -37.20
C ARG A 203 -11.13 3.07 -36.01
N LEU A 204 -11.00 4.33 -35.60
CA LEU A 204 -10.18 4.70 -34.45
C LEU A 204 -10.70 4.06 -33.14
N VAL A 205 -11.99 4.18 -32.87
CA VAL A 205 -12.54 3.64 -31.62
C VAL A 205 -12.43 2.12 -31.58
N ARG A 206 -12.71 1.46 -32.70
CA ARG A 206 -12.70 0.00 -32.73
C ARG A 206 -11.31 -0.57 -32.50
N ALA A 207 -10.28 0.17 -32.92
CA ALA A 207 -8.91 -0.22 -32.73
C ALA A 207 -8.55 -0.35 -31.24
N TYR A 208 -9.34 0.31 -30.38
CA TYR A 208 -9.10 0.27 -28.93
C TYR A 208 -10.30 -0.36 -28.19
N ASP A 209 -11.07 -1.17 -28.92
CA ASP A 209 -12.32 -1.72 -28.41
C ASP A 209 -12.72 -2.91 -29.28
N ASP A 210 -11.80 -3.86 -29.41
CA ASP A 210 -11.95 -4.99 -30.33
C ASP A 210 -13.01 -5.98 -29.86
N ALA A 211 -13.53 -6.77 -30.80
CA ALA A 211 -14.57 -7.76 -30.51
C ALA A 211 -14.06 -8.87 -29.59
N ALA A 212 -12.77 -9.22 -29.74
CA ALA A 212 -12.21 -10.33 -28.98
C ALA A 212 -12.02 -10.00 -27.50
N GLY A 213 -12.16 -8.73 -27.14
CA GLY A 213 -12.11 -8.33 -25.75
C GLY A 213 -10.68 -8.26 -25.20
N VAL A 214 -9.70 -8.31 -26.10
CA VAL A 214 -8.30 -8.29 -25.71
C VAL A 214 -7.85 -6.93 -25.20
N THR A 215 -8.29 -5.84 -25.83
CA THR A 215 -7.90 -4.52 -25.36
C THR A 215 -8.49 -4.29 -23.97
N ALA A 216 -9.68 -4.82 -23.74
CA ALA A 216 -10.29 -4.71 -22.42
C ALA A 216 -9.43 -5.41 -21.35
N ALA A 217 -8.90 -6.59 -21.65
CA ALA A 217 -8.09 -7.35 -20.71
C ALA A 217 -6.79 -6.61 -20.44
N PHE A 218 -6.26 -6.00 -21.49
CA PHE A 218 -5.04 -5.19 -21.43
C PHE A 218 -5.24 -4.00 -20.49
N ASN A 219 -6.36 -3.29 -20.66
CA ASN A 219 -6.70 -2.16 -19.80
C ASN A 219 -6.88 -2.59 -18.33
N ARG A 220 -7.72 -3.61 -18.10
CA ARG A 220 -7.95 -4.12 -16.74
C ARG A 220 -6.66 -4.62 -16.10
N ASN A 221 -5.71 -5.06 -16.90
CA ASN A 221 -4.47 -5.57 -16.35
C ASN A 221 -3.64 -4.52 -15.59
N VAL A 222 -3.86 -3.22 -15.83
CA VAL A 222 -3.13 -2.22 -15.05
C VAL A 222 -3.57 -2.31 -13.58
N LEU A 223 -4.82 -2.73 -13.37
CA LEU A 223 -5.32 -2.94 -12.01
C LEU A 223 -4.64 -4.13 -11.36
N ALA A 224 -4.31 -5.15 -12.15
CA ALA A 224 -3.58 -6.31 -11.64
C ALA A 224 -2.14 -5.97 -11.30
N VAL A 225 -1.53 -5.09 -12.10
CA VAL A 225 -0.19 -4.59 -11.80
C VAL A 225 -0.18 -3.90 -10.44
N VAL A 226 -1.09 -2.96 -10.23
CA VAL A 226 -1.20 -2.26 -8.95
C VAL A 226 -1.54 -3.24 -7.81
N ASN A 227 -2.42 -4.19 -8.06
CA ASN A 227 -2.79 -5.19 -7.03
C ASN A 227 -1.56 -5.93 -6.53
N ARG A 228 -0.74 -6.41 -7.46
CA ARG A 228 0.43 -7.18 -7.13
C ARG A 228 1.51 -6.31 -6.50
N GLU A 229 1.89 -5.26 -7.20
CA GLU A 229 3.02 -4.43 -6.82
C GLU A 229 2.79 -3.63 -5.53
N LEU A 230 1.55 -3.23 -5.26
CA LEU A 230 1.25 -2.37 -4.12
C LEU A 230 0.22 -2.98 -3.15
N SER A 231 -0.03 -4.28 -3.31
CA SER A 231 -0.94 -5.02 -2.43
C SER A 231 -2.29 -4.35 -2.39
N ALA A 232 -2.93 -4.24 -3.55
CA ALA A 232 -4.27 -3.64 -3.62
C ALA A 232 -5.30 -4.74 -3.85
N ASP A 233 -6.57 -4.39 -3.81
CA ASP A 233 -7.65 -5.36 -3.97
C ASP A 233 -8.70 -4.88 -4.98
N PHE A 234 -8.22 -4.32 -6.09
CA PHE A 234 -9.08 -4.07 -7.24
C PHE A 234 -9.73 -5.37 -7.69
N ASP A 235 -11.06 -5.35 -7.82
CA ASP A 235 -11.80 -6.42 -8.48
C ASP A 235 -11.89 -6.06 -9.98
N LEU A 236 -11.05 -6.69 -10.79
CA LEU A 236 -10.97 -6.36 -12.20
C LEU A 236 -12.30 -6.38 -12.94
N ASP A 237 -13.14 -7.37 -12.66
CA ASP A 237 -14.41 -7.51 -13.35
C ASP A 237 -15.43 -6.45 -12.97
N ALA A 238 -15.11 -5.63 -11.97
CA ALA A 238 -16.01 -4.57 -11.54
C ALA A 238 -15.76 -3.30 -12.35
N PHE A 239 -14.73 -3.32 -13.17
CA PHE A 239 -14.38 -2.18 -14.01
C PHE A 239 -14.55 -2.48 -15.50
N GLU A 240 -15.35 -1.64 -16.15
CA GLU A 240 -15.66 -1.78 -17.57
C GLU A 240 -14.66 -1.00 -18.42
N HIS A 241 -14.13 -1.66 -19.44
CA HIS A 241 -13.33 -0.99 -20.45
C HIS A 241 -14.20 -0.07 -21.34
N VAL A 242 -13.75 1.17 -21.51
CA VAL A 242 -14.44 2.10 -22.40
C VAL A 242 -13.42 2.90 -23.19
N ALA A 243 -13.59 2.97 -24.50
CA ALA A 243 -12.71 3.75 -25.35
C ALA A 243 -13.56 4.80 -26.04
N LYS A 244 -13.08 6.04 -26.06
CA LYS A 244 -13.84 7.15 -26.62
C LYS A 244 -12.98 7.99 -27.52
N TRP A 245 -13.59 8.65 -28.49
CA TRP A 245 -12.89 9.65 -29.29
C TRP A 245 -13.11 11.05 -28.72
N ASN A 246 -12.03 11.83 -28.57
CA ASN A 246 -12.12 13.22 -28.14
C ASN A 246 -11.90 14.13 -29.33
N SER A 247 -12.99 14.70 -29.85
CA SER A 247 -12.95 15.50 -31.07
CA SER A 247 -12.96 15.49 -31.06
C SER A 247 -12.12 16.76 -30.91
N ASP A 248 -12.22 17.41 -29.77
CA ASP A 248 -11.48 18.66 -29.52
C ASP A 248 -9.97 18.46 -29.54
N GLU A 249 -9.51 17.35 -28.95
CA GLU A 249 -8.09 17.08 -28.80
C GLU A 249 -7.55 16.09 -29.84
N GLU A 250 -8.45 15.59 -30.69
CA GLU A 250 -8.12 14.59 -31.70
C GLU A 250 -7.31 13.46 -31.08
N ARG A 251 -7.90 12.82 -30.08
CA ARG A 251 -7.26 11.70 -29.40
C ARG A 251 -8.27 10.68 -28.89
N ILE A 252 -7.89 9.41 -28.97
CA ILE A 252 -8.59 8.35 -28.28
C ILE A 252 -8.33 8.46 -26.78
N GLU A 253 -9.36 8.25 -25.99
CA GLU A 253 -9.22 8.25 -24.54
C GLU A 253 -9.74 6.91 -24.04
N VAL A 254 -8.93 6.26 -23.21
CA VAL A 254 -9.24 4.95 -22.66
C VAL A 254 -9.49 5.04 -21.16
N TRP A 255 -10.62 4.46 -20.73
CA TRP A 255 -11.12 4.58 -19.37
C TRP A 255 -11.46 3.22 -18.78
N LEU A 256 -11.40 3.16 -17.44
CA LEU A 256 -12.01 2.07 -16.69
C LEU A 256 -13.18 2.70 -15.94
N ARG A 257 -14.37 2.11 -16.09
CA ARG A 257 -15.58 2.63 -15.47
C ARG A 257 -16.09 1.65 -14.42
N ALA A 258 -16.27 2.15 -13.21
CA ALA A 258 -16.79 1.34 -12.11
C ALA A 258 -18.26 1.01 -12.37
N ARG A 259 -18.57 -0.28 -12.42
CA ARG A 259 -19.94 -0.77 -12.68
C ARG A 259 -20.86 -0.50 -11.50
N THR A 260 -20.29 -0.68 -10.31
CA THR A 260 -20.95 -0.43 -9.04
C THR A 260 -19.94 0.30 -8.17
N ALA A 261 -20.39 0.90 -7.07
CA ALA A 261 -19.46 1.55 -6.13
C ALA A 261 -18.38 0.56 -5.69
N GLN A 262 -17.14 1.02 -5.64
CA GLN A 262 -16.01 0.18 -5.23
C GLN A 262 -15.18 0.84 -4.14
N HIS A 263 -14.76 0.04 -3.16
CA HIS A 263 -13.80 0.48 -2.15
C HIS A 263 -12.52 -0.32 -2.34
N VAL A 264 -11.41 0.38 -2.53
CA VAL A 264 -10.13 -0.26 -2.81
C VAL A 264 -9.10 0.11 -1.76
N ARG A 265 -8.47 -0.91 -1.20
CA ARG A 265 -7.41 -0.75 -0.23
C ARG A 265 -6.08 -0.99 -0.94
N VAL A 266 -5.26 0.06 -1.02
CA VAL A 266 -3.90 -0.07 -1.54
C VAL A 266 -2.99 -0.10 -0.32
N ALA A 267 -2.66 -1.31 0.12
CA ALA A 267 -1.98 -1.50 1.41
C ALA A 267 -0.57 -0.92 1.42
N ALA A 268 0.18 -1.12 0.34
CA ALA A 268 1.55 -0.61 0.28
C ALA A 268 1.64 0.92 0.39
N LEU A 269 0.57 1.62 0.03
CA LEU A 269 0.54 3.07 0.12
C LEU A 269 -0.21 3.57 1.36
N ASP A 270 -0.75 2.62 2.14
CA ASP A 270 -1.57 2.96 3.30
C ASP A 270 -2.68 3.89 2.83
N LEU A 271 -3.37 3.46 1.78
CA LEU A 271 -4.33 4.29 1.05
C LEU A 271 -5.63 3.57 0.79
N GLU A 272 -6.75 4.24 1.09
CA GLU A 272 -8.07 3.75 0.72
C GLU A 272 -8.72 4.73 -0.26
N VAL A 273 -9.30 4.20 -1.33
CA VAL A 273 -9.94 5.04 -2.33
C VAL A 273 -11.32 4.51 -2.69
N ASP A 274 -12.23 5.43 -3.01
CA ASP A 274 -13.60 5.06 -3.36
C ASP A 274 -13.93 5.42 -4.80
N PHE A 275 -14.66 4.51 -5.46
CA PHE A 275 -15.23 4.76 -6.78
C PHE A 275 -16.74 4.83 -6.66
N ALA A 276 -17.33 5.89 -7.17
CA ALA A 276 -18.78 5.94 -7.22
C ALA A 276 -19.21 5.00 -8.34
N ALA A 277 -20.48 4.62 -8.34
CA ALA A 277 -21.03 3.87 -9.45
C ALA A 277 -20.98 4.77 -10.68
N GLY A 278 -20.44 4.27 -11.79
CA GLY A 278 -20.33 5.05 -13.00
C GLY A 278 -19.08 5.95 -13.09
N GLU A 279 -18.28 5.99 -12.02
CA GLU A 279 -17.07 6.81 -12.02
C GLU A 279 -16.04 6.23 -12.99
N GLU A 280 -15.42 7.11 -13.77
CA GLU A 280 -14.47 6.70 -14.80
C GLU A 280 -13.06 7.16 -14.42
N MET A 281 -12.08 6.31 -14.72
CA MET A 281 -10.68 6.59 -14.43
C MET A 281 -9.94 6.52 -15.75
N LEU A 282 -9.22 7.59 -16.08
CA LEU A 282 -8.42 7.62 -17.31
C LEU A 282 -7.16 6.78 -17.21
N THR A 283 -7.00 5.78 -18.07
CA THR A 283 -5.81 4.94 -18.03
C THR A 283 -4.89 5.14 -19.24
N ALA A 284 -5.38 5.80 -20.30
CA ALA A 284 -4.52 6.16 -21.44
C ALA A 284 -5.16 7.16 -22.38
N VAL A 285 -4.31 7.91 -23.09
CA VAL A 285 -4.74 8.60 -24.30
C VAL A 285 -3.90 8.03 -25.43
N SER A 286 -4.45 8.14 -26.63
CA SER A 286 -3.70 7.82 -27.84
C SER A 286 -3.98 8.92 -28.85
N CYS A 287 -3.10 9.91 -28.88
CA CYS A 287 -3.26 11.04 -29.79
C CYS A 287 -3.03 10.65 -31.25
N LYS A 288 -3.89 11.18 -32.12
CA LYS A 288 -3.78 10.95 -33.56
C LYS A 288 -3.39 12.25 -34.26
N PHE A 289 -2.50 12.13 -35.22
CA PHE A 289 -1.80 13.29 -35.78
C PHE A 289 -2.22 13.59 -37.20
N ARG A 290 -2.13 14.86 -37.57
CA ARG A 290 -2.17 15.28 -38.97
C ARG A 290 -0.75 15.43 -39.51
N PRO A 291 -0.48 14.88 -40.72
CA PRO A 291 0.90 14.84 -41.22
C PRO A 291 1.63 16.18 -41.14
N GLU A 292 0.93 17.21 -41.67
N GLU A 292 0.97 17.29 -41.48
CA GLU A 292 1.25 18.59 -41.40
CA GLU A 292 1.66 18.59 -41.49
C GLU A 292 0.77 18.82 -39.98
C GLU A 292 2.12 19.10 -40.11
N ASN A 293 1.64 18.44 -39.05
CA ASN A 293 1.73 18.95 -37.69
C ASN A 293 2.91 18.27 -37.03
N VAL A 294 3.21 17.06 -37.49
CA VAL A 294 4.37 16.31 -37.03
C VAL A 294 5.63 17.11 -37.35
N VAL A 295 5.63 17.66 -38.56
CA VAL A 295 6.69 18.52 -39.02
C VAL A 295 6.83 19.72 -38.08
N ALA A 296 5.71 20.34 -37.74
CA ALA A 296 5.70 21.47 -36.82
C ALA A 296 6.14 21.11 -35.39
N GLU A 297 5.61 20.01 -34.84
CA GLU A 297 6.01 19.59 -33.50
C GLU A 297 7.50 19.29 -33.45
N LEU A 298 8.03 18.66 -34.50
CA LEU A 298 9.46 18.36 -34.53
C LEU A 298 10.27 19.65 -34.62
N ALA A 299 9.83 20.56 -35.48
CA ALA A 299 10.48 21.86 -35.63
C ALA A 299 10.54 22.61 -34.29
N GLU A 300 9.42 22.68 -33.57
CA GLU A 300 9.37 23.31 -32.25
C GLU A 300 10.46 22.80 -31.30
N ALA A 301 10.77 21.52 -31.40
CA ALA A 301 11.72 20.86 -30.51
C ALA A 301 13.15 21.03 -31.00
N GLY A 302 13.30 21.61 -32.19
CA GLY A 302 14.61 21.89 -32.75
C GLY A 302 15.12 20.80 -33.66
N LEU A 303 14.21 19.92 -34.08
CA LEU A 303 14.54 18.80 -34.95
C LEU A 303 14.00 19.07 -36.34
N ARG A 304 14.77 18.71 -37.35
CA ARG A 304 14.41 19.00 -38.73
C ARG A 304 14.08 17.71 -39.45
N GLN A 305 12.82 17.56 -39.83
CA GLN A 305 12.37 16.36 -40.52
C GLN A 305 12.95 16.33 -41.92
N THR A 306 13.62 15.23 -42.25
CA THR A 306 14.24 15.11 -43.56
C THR A 306 13.46 14.15 -44.45
N HIS A 307 12.73 13.22 -43.86
CA HIS A 307 11.88 12.34 -44.64
C HIS A 307 10.54 12.04 -43.98
N TRP A 308 9.53 11.87 -44.83
CA TRP A 308 8.21 11.43 -44.39
C TRP A 308 7.77 10.25 -45.25
N TRP A 309 7.32 9.17 -44.61
CA TRP A 309 6.78 8.02 -45.31
C TRP A 309 5.42 7.65 -44.73
N THR A 310 4.58 7.05 -45.57
CA THR A 310 3.29 6.59 -45.12
C THR A 310 3.02 5.26 -45.82
N ASP A 311 2.09 4.48 -45.27
CA ASP A 311 1.69 3.21 -45.88
C ASP A 311 0.83 3.47 -47.11
N PRO A 312 0.57 2.43 -47.92
CA PRO A 312 -0.22 2.65 -49.14
C PRO A 312 -1.66 3.17 -48.93
N ALA A 313 -2.19 3.10 -47.72
CA ALA A 313 -3.56 3.55 -47.45
C ALA A 313 -3.58 4.88 -46.72
N GLY A 314 -2.40 5.36 -46.37
CA GLY A 314 -2.29 6.58 -45.59
C GLY A 314 -2.83 6.52 -44.17
N ASP A 315 -2.76 5.35 -43.54
CA ASP A 315 -3.18 5.19 -42.15
C ASP A 315 -2.16 5.64 -41.12
N PHE A 316 -0.88 5.63 -41.47
CA PHE A 316 0.18 5.76 -40.47
C PHE A 316 1.36 6.52 -41.07
N GLY A 317 2.04 7.30 -40.24
CA GLY A 317 3.15 8.12 -40.68
C GLY A 317 4.43 7.75 -39.97
N LEU A 318 5.54 7.85 -40.69
CA LEU A 318 6.85 7.61 -40.15
C LEU A 318 7.77 8.75 -40.61
N SER A 319 8.45 9.36 -39.63
CA SER A 319 9.30 10.54 -39.84
CA SER A 319 9.30 10.52 -39.86
C SER A 319 10.76 10.24 -39.52
N LEU A 320 11.66 10.75 -40.35
CA LEU A 320 13.09 10.74 -40.05
C LEU A 320 13.52 12.19 -39.81
N ALA A 321 14.21 12.46 -38.71
CA ALA A 321 14.67 13.83 -38.41
C ALA A 321 16.08 13.85 -37.86
N VAL A 322 16.68 15.04 -37.95
CA VAL A 322 18.01 15.33 -37.37
C VAL A 322 18.06 16.68 -36.64
N SER B 15 7.75 -18.99 33.56
CA SER B 15 8.80 -18.03 33.81
C SER B 15 8.84 -17.05 32.67
N ALA B 16 9.07 -15.82 33.05
CA ALA B 16 8.92 -14.70 32.18
C ALA B 16 10.13 -14.52 31.31
N ALA B 17 11.29 -14.81 31.83
CA ALA B 17 12.52 -14.68 31.03
C ALA B 17 12.52 -15.70 29.91
N GLU B 18 12.03 -16.91 30.20
CA GLU B 18 11.96 -17.96 29.19
C GLU B 18 10.98 -17.56 28.09
N ALA B 19 9.86 -16.98 28.50
CA ALA B 19 8.79 -16.58 27.58
C ALA B 19 9.25 -15.46 26.65
N LEU B 20 10.03 -14.53 27.19
CA LEU B 20 10.55 -13.44 26.37
C LEU B 20 11.53 -13.98 25.34
N ARG B 21 12.37 -14.91 25.75
CA ARG B 21 13.37 -15.47 24.84
C ARG B 21 12.67 -16.18 23.70
N ARG B 22 11.66 -16.97 24.04
CA ARG B 22 10.89 -17.70 23.05
C ARG B 22 10.19 -16.77 22.06
N ASP B 23 9.62 -15.69 22.58
CA ASP B 23 8.86 -14.73 21.79
C ASP B 23 9.72 -13.92 20.84
N VAL B 24 10.89 -13.50 21.32
CA VAL B 24 11.79 -12.67 20.53
C VAL B 24 12.44 -13.52 19.43
N ARG B 25 12.77 -14.76 19.75
CA ARG B 25 13.38 -15.63 18.77
C ARG B 25 12.38 -15.87 17.65
N ALA B 26 11.19 -16.34 18.01
CA ALA B 26 10.15 -16.65 17.04
C ALA B 26 9.74 -15.40 16.24
N GLY B 27 9.59 -14.29 16.94
CA GLY B 27 9.16 -13.06 16.32
C GLY B 27 10.16 -12.49 15.33
N LEU B 28 11.45 -12.61 15.64
CA LEU B 28 12.47 -11.97 14.82
C LEU B 28 13.01 -12.89 13.72
N THR B 29 12.78 -14.19 13.85
CA THR B 29 13.26 -15.13 12.85
C THR B 29 12.21 -15.44 11.79
N ALA B 30 10.98 -15.01 12.04
CA ALA B 30 9.92 -15.10 11.04
C ALA B 30 10.17 -14.11 9.91
N THR B 31 9.60 -14.41 8.75
CA THR B 31 9.74 -13.57 7.56
C THR B 31 9.01 -12.23 7.72
N GLN B 32 7.77 -12.31 8.21
CA GLN B 32 7.09 -11.15 8.73
C GLN B 32 7.48 -11.03 10.20
N LYS B 33 8.43 -10.15 10.49
CA LYS B 33 8.91 -10.02 11.86
C LYS B 33 7.81 -9.42 12.74
N SER B 34 7.86 -9.76 14.02
CA SER B 34 6.92 -9.24 14.99
C SER B 34 7.47 -9.39 16.38
N LEU B 35 6.92 -8.60 17.31
CA LEU B 35 7.21 -8.72 18.73
C LEU B 35 5.87 -8.56 19.45
N PRO B 36 5.64 -9.32 20.54
CA PRO B 36 4.36 -9.24 21.25
C PRO B 36 4.17 -7.98 22.09
N PRO B 37 2.96 -7.39 22.09
CA PRO B 37 2.76 -6.15 22.86
C PRO B 37 2.76 -6.31 24.38
N LYS B 38 2.68 -7.54 24.88
CA LYS B 38 2.74 -7.75 26.33
C LYS B 38 4.06 -7.27 26.92
N TRP B 39 5.11 -7.20 26.11
CA TRP B 39 6.44 -6.84 26.58
C TRP B 39 6.72 -5.34 26.55
N PHE B 40 5.69 -4.55 26.22
CA PHE B 40 5.85 -3.09 26.16
C PHE B 40 5.94 -2.47 27.55
N TYR B 41 5.41 -3.12 28.58
CA TYR B 41 5.08 -2.37 29.81
C TYR B 41 6.03 -2.62 30.99
N ASP B 42 7.33 -2.47 30.76
CA ASP B 42 8.29 -2.43 31.85
C ASP B 42 8.14 -1.08 32.55
N ALA B 43 9.06 -0.71 33.43
CA ALA B 43 8.90 0.56 34.16
C ALA B 43 8.83 1.76 33.20
N VAL B 44 9.74 1.77 32.23
CA VAL B 44 9.79 2.86 31.26
C VAL B 44 8.53 2.87 30.36
N GLY B 45 8.22 1.72 29.78
CA GLY B 45 7.05 1.58 28.95
C GLY B 45 5.76 1.95 29.66
N SER B 46 5.62 1.54 30.91
CA SER B 46 4.44 1.89 31.71
C SER B 46 4.30 3.40 31.95
N ASP B 47 5.43 4.07 32.11
CA ASP B 47 5.45 5.52 32.28
C ASP B 47 5.07 6.21 30.96
N LEU B 48 5.46 5.63 29.83
CA LEU B 48 5.09 6.17 28.54
C LEU B 48 3.62 5.91 28.28
N PHE B 49 3.14 4.72 28.63
CA PHE B 49 1.72 4.43 28.45
C PHE B 49 0.88 5.39 29.27
N ASP B 50 1.29 5.62 30.51
CA ASP B 50 0.64 6.63 31.34
C ASP B 50 0.50 7.96 30.60
N GLN B 51 1.57 8.40 29.94
CA GLN B 51 1.52 9.63 29.15
C GLN B 51 0.50 9.50 28.02
N ILE B 52 0.51 8.34 27.35
CA ILE B 52 -0.42 8.10 26.26
C ILE B 52 -1.85 8.38 26.68
N THR B 53 -2.20 8.06 27.93
CA THR B 53 -3.57 8.16 28.39
C THR B 53 -4.08 9.60 28.45
N ARG B 54 -3.19 10.56 28.26
CA ARG B 54 -3.56 11.99 28.32
C ARG B 54 -3.26 12.74 27.03
N LEU B 55 -2.82 12.04 26.00
CA LEU B 55 -2.65 12.68 24.70
C LEU B 55 -4.00 13.15 24.16
N PRO B 56 -4.05 14.34 23.55
CA PRO B 56 -5.33 14.82 23.02
C PRO B 56 -5.96 13.83 22.06
N GLU B 57 -5.14 13.22 21.23
CA GLU B 57 -5.59 12.26 20.23
C GLU B 57 -6.11 10.95 20.83
N TYR B 58 -5.57 10.59 21.99
CA TYR B 58 -5.90 9.30 22.60
C TYR B 58 -7.09 9.43 23.57
N TYR B 59 -8.28 9.30 23.01
CA TYR B 59 -9.53 9.38 23.75
C TYR B 59 -9.88 8.15 24.65
N PRO B 60 -9.36 6.95 24.35
CA PRO B 60 -9.91 5.79 25.08
C PRO B 60 -9.91 5.87 26.61
N THR B 61 -8.81 6.24 27.25
CA THR B 61 -8.76 6.21 28.70
C THR B 61 -9.77 7.18 29.31
N ARG B 62 -9.76 8.44 28.89
CA ARG B 62 -10.68 9.42 29.45
CA ARG B 62 -10.68 9.41 29.46
C ARG B 62 -12.14 9.06 29.13
N THR B 63 -12.37 8.52 27.93
CA THR B 63 -13.72 8.13 27.55
C THR B 63 -14.25 7.01 28.44
N GLU B 64 -13.46 5.94 28.61
CA GLU B 64 -13.85 4.84 29.49
C GLU B 64 -14.01 5.30 30.94
N ALA B 65 -13.09 6.13 31.40
CA ALA B 65 -13.13 6.67 32.76
C ALA B 65 -14.40 7.47 33.00
N GLN B 66 -14.87 8.18 31.97
CA GLN B 66 -16.09 8.98 32.11
C GLN B 66 -17.31 8.06 32.25
N ILE B 67 -17.35 7.01 31.45
CA ILE B 67 -18.44 6.03 31.54
C ILE B 67 -18.48 5.40 32.93
N LEU B 68 -17.31 5.01 33.45
CA LEU B 68 -17.22 4.38 34.76
C LEU B 68 -17.64 5.30 35.90
N ARG B 69 -17.35 6.58 35.78
CA ARG B 69 -17.74 7.50 36.84
C ARG B 69 -19.25 7.57 36.92
N THR B 70 -19.88 7.53 35.74
CA THR B 70 -21.33 7.61 35.65
C THR B 70 -21.98 6.30 36.09
N ARG B 71 -21.32 5.18 35.83
CA ARG B 71 -21.96 3.87 35.96
C ARG B 71 -21.39 2.97 37.06
N SER B 72 -20.33 3.38 37.74
CA SER B 72 -19.70 2.52 38.75
C SER B 72 -20.72 2.00 39.77
N ALA B 73 -21.56 2.90 40.30
CA ALA B 73 -22.58 2.47 41.26
C ALA B 73 -23.49 1.40 40.66
N GLU B 74 -23.97 1.62 39.43
CA GLU B 74 -24.90 0.68 38.80
C GLU B 74 -24.21 -0.64 38.52
N ILE B 75 -22.92 -0.57 38.19
CA ILE B 75 -22.12 -1.75 37.94
C ILE B 75 -21.99 -2.56 39.21
N ILE B 76 -21.72 -1.87 40.32
CA ILE B 76 -21.58 -2.56 41.59
C ILE B 76 -22.91 -3.16 42.03
N SER B 77 -24.00 -2.43 41.85
CA SER B 77 -25.32 -2.94 42.22
C SER B 77 -25.65 -4.19 41.42
N ALA B 78 -25.34 -4.17 40.12
CA ALA B 78 -25.65 -5.29 39.22
C ALA B 78 -24.79 -6.51 39.49
N ALA B 79 -23.55 -6.29 39.91
CA ALA B 79 -22.62 -7.40 40.17
C ALA B 79 -22.79 -7.98 41.56
N GLY B 80 -22.96 -7.11 42.55
CA GLY B 80 -23.04 -7.53 43.94
C GLY B 80 -21.78 -8.25 44.41
N ALA B 81 -20.64 -7.90 43.81
CA ALA B 81 -19.38 -8.60 44.08
C ALA B 81 -18.66 -8.04 45.31
N ASP B 82 -17.92 -8.90 46.00
CA ASP B 82 -17.09 -8.50 47.13
C ASP B 82 -15.60 -8.55 46.79
N THR B 83 -15.30 -9.05 45.60
CA THR B 83 -13.94 -9.15 45.11
C THR B 83 -13.76 -8.49 43.75
N LEU B 84 -12.76 -7.63 43.65
CA LEU B 84 -12.39 -7.02 42.38
C LEU B 84 -11.15 -7.70 41.81
N VAL B 85 -11.29 -8.30 40.63
CA VAL B 85 -10.15 -8.87 39.90
C VAL B 85 -9.84 -8.01 38.68
N GLU B 86 -8.61 -7.51 38.59
CA GLU B 86 -8.24 -6.69 37.43
C GLU B 86 -7.18 -7.33 36.55
N LEU B 87 -7.56 -7.57 35.29
CA LEU B 87 -6.65 -8.08 34.28
C LEU B 87 -5.98 -6.90 33.58
N GLY B 88 -4.68 -6.77 33.78
CA GLY B 88 -3.96 -5.60 33.33
C GLY B 88 -4.18 -4.51 34.35
N SER B 89 -3.19 -4.35 35.21
CA SER B 89 -3.32 -3.52 36.38
C SER B 89 -2.50 -2.27 36.19
N GLY B 90 -2.07 -1.70 37.29
CA GLY B 90 -1.53 -0.38 37.30
C GLY B 90 -2.22 0.42 38.37
N THR B 91 -1.97 1.69 38.44
CA THR B 91 -2.64 2.55 39.37
C THR B 91 -3.51 3.21 38.43
N SER B 92 -4.73 3.37 38.85
CA SER B 92 -5.69 3.84 38.02
C SER B 92 -6.91 4.42 38.71
N GLU B 93 -7.37 5.50 38.15
CA GLU B 93 -8.58 6.09 38.64
C GLU B 93 -9.74 5.16 38.37
N LYS B 94 -9.60 4.32 37.35
CA LYS B 94 -10.62 3.33 37.05
C LYS B 94 -10.74 2.32 38.17
N THR B 95 -9.60 1.86 38.69
CA THR B 95 -9.62 0.89 39.78
C THR B 95 -10.29 1.52 41.00
N ARG B 96 -9.91 2.74 41.32
CA ARG B 96 -10.49 3.41 42.48
C ARG B 96 -12.00 3.65 42.33
N MET B 97 -12.46 3.98 41.12
CA MET B 97 -13.90 4.21 40.95
C MET B 97 -14.66 2.94 41.33
N LEU B 98 -14.15 1.77 40.93
CA LEU B 98 -14.87 0.53 41.16
C LEU B 98 -14.77 0.10 42.62
N LEU B 99 -13.59 0.25 43.20
CA LEU B 99 -13.41 -0.03 44.63
C LEU B 99 -14.23 0.91 45.52
N ASP B 100 -14.27 2.19 45.19
CA ASP B 100 -15.09 3.15 45.92
C ASP B 100 -16.55 2.71 45.99
N ALA B 101 -17.10 2.30 44.84
CA ALA B 101 -18.51 1.96 44.73
C ALA B 101 -18.80 0.71 45.54
N MET B 102 -17.83 -0.22 45.52
CA MET B 102 -17.92 -1.45 46.27
C MET B 102 -17.90 -1.18 47.79
N ARG B 103 -17.04 -0.24 48.21
CA ARG B 103 -16.96 0.08 49.63
C ARG B 103 -18.18 0.88 50.09
N ASP B 104 -18.65 1.81 49.26
CA ASP B 104 -19.88 2.54 49.59
C ASP B 104 -21.01 1.55 49.87
N ALA B 105 -21.05 0.46 49.11
CA ALA B 105 -22.11 -0.52 49.22
C ALA B 105 -21.85 -1.52 50.35
N GLU B 106 -20.73 -1.35 51.04
CA GLU B 106 -20.31 -2.24 52.12
C GLU B 106 -20.10 -3.69 51.67
N LEU B 107 -19.60 -3.87 50.46
CA LEU B 107 -19.39 -5.19 49.86
C LEU B 107 -17.91 -5.55 49.75
N LEU B 108 -17.05 -4.54 49.66
CA LEU B 108 -15.64 -4.77 49.32
C LEU B 108 -14.89 -5.57 50.38
N ARG B 109 -14.29 -6.68 49.96
CA ARG B 109 -13.50 -7.50 50.88
C ARG B 109 -12.10 -7.80 50.32
N ARG B 110 -11.95 -7.76 49.00
CA ARG B 110 -10.78 -8.34 48.35
C ARG B 110 -10.45 -7.68 47.03
N PHE B 111 -9.15 -7.53 46.75
CA PHE B 111 -8.66 -6.94 45.50
C PHE B 111 -7.55 -7.79 44.92
N ILE B 112 -7.73 -8.23 43.68
CA ILE B 112 -6.79 -9.12 43.01
C ILE B 112 -6.30 -8.54 41.67
N PRO B 113 -5.18 -7.78 41.70
CA PRO B 113 -4.56 -7.28 40.47
C PRO B 113 -3.75 -8.36 39.75
N PHE B 114 -3.95 -8.48 38.44
CA PHE B 114 -3.28 -9.49 37.61
C PHE B 114 -2.47 -8.77 36.53
N ASP B 115 -1.18 -9.03 36.47
CA ASP B 115 -0.34 -8.36 35.48
C ASP B 115 0.93 -9.15 35.20
N VAL B 116 1.51 -8.98 34.02
CA VAL B 116 2.70 -9.73 33.68
C VAL B 116 3.93 -9.08 34.34
N ASP B 117 3.79 -7.82 34.75
CA ASP B 117 4.90 -7.06 35.31
C ASP B 117 4.79 -6.92 36.84
N ALA B 118 5.79 -7.44 37.53
CA ALA B 118 5.80 -7.44 38.97
C ALA B 118 5.89 -6.05 39.58
N GLY B 119 6.57 -5.12 38.90
CA GLY B 119 6.71 -3.76 39.40
C GLY B 119 5.38 -3.04 39.48
N VAL B 120 4.60 -3.20 38.42
CA VAL B 120 3.26 -2.63 38.34
C VAL B 120 2.40 -3.11 39.51
N LEU B 121 2.40 -4.43 39.72
CA LEU B 121 1.67 -5.04 40.84
C LEU B 121 2.13 -4.53 42.21
N ARG B 122 3.43 -4.36 42.38
CA ARG B 122 3.95 -3.85 43.64
C ARG B 122 3.46 -2.44 43.90
N SER B 123 3.40 -1.63 42.85
CA SER B 123 2.93 -0.26 42.97
C SER B 123 1.41 -0.19 43.15
N ALA B 124 0.68 -1.00 42.39
CA ALA B 124 -0.78 -1.05 42.54
C ALA B 124 -1.15 -1.43 43.99
N GLY B 125 -0.49 -2.46 44.51
CA GLY B 125 -0.81 -2.99 45.82
C GLY B 125 -0.57 -1.98 46.92
N ALA B 126 0.49 -1.19 46.75
CA ALA B 126 0.83 -0.16 47.71
C ALA B 126 -0.20 0.97 47.73
N ALA B 127 -0.59 1.43 46.55
CA ALA B 127 -1.54 2.54 46.47
C ALA B 127 -2.91 2.14 47.03
N ILE B 128 -3.37 0.96 46.66
CA ILE B 128 -4.68 0.50 47.12
C ILE B 128 -4.62 0.18 48.61
N GLY B 129 -3.56 -0.50 49.02
CA GLY B 129 -3.37 -0.80 50.42
C GLY B 129 -3.42 0.45 51.29
N ALA B 130 -3.02 1.59 50.72
CA ALA B 130 -2.94 2.82 51.51
C ALA B 130 -4.31 3.40 51.83
N GLU B 131 -5.28 3.17 50.95
CA GLU B 131 -6.56 3.88 51.01
C GLU B 131 -7.78 3.01 51.26
N TYR B 132 -7.60 1.70 51.22
CA TYR B 132 -8.70 0.76 51.42
C TYR B 132 -8.33 -0.23 52.54
N PRO B 133 -8.41 0.22 53.81
CA PRO B 133 -8.02 -0.61 54.94
C PRO B 133 -8.98 -1.78 55.12
N GLY B 134 -8.48 -2.91 55.60
CA GLY B 134 -9.34 -4.04 55.89
C GLY B 134 -9.75 -4.87 54.68
N ILE B 135 -9.03 -4.73 53.57
CA ILE B 135 -9.27 -5.61 52.44
C ILE B 135 -8.04 -6.49 52.16
N GLU B 136 -8.31 -7.69 51.67
CA GLU B 136 -7.25 -8.60 51.26
C GLU B 136 -6.74 -8.21 49.89
N ILE B 137 -5.43 -8.04 49.77
CA ILE B 137 -4.83 -7.70 48.48
C ILE B 137 -3.95 -8.84 48.05
N ASP B 138 -4.34 -9.49 46.96
CA ASP B 138 -3.68 -10.71 46.53
C ASP B 138 -3.27 -10.59 45.07
N ALA B 139 -2.05 -10.12 44.85
CA ALA B 139 -1.51 -9.87 43.51
C ALA B 139 -1.06 -11.16 42.84
N VAL B 140 -1.47 -11.32 41.58
CA VAL B 140 -1.10 -12.46 40.76
C VAL B 140 -0.26 -11.98 39.58
N CYS B 141 0.93 -12.56 39.45
CA CYS B 141 1.81 -12.22 38.33
C CYS B 141 1.81 -13.28 37.24
N GLY B 142 1.42 -12.87 36.04
CA GLY B 142 1.36 -13.80 34.92
C GLY B 142 0.83 -13.19 33.64
N ASP B 143 0.76 -14.04 32.62
CA ASP B 143 0.24 -13.71 31.29
C ASP B 143 -1.24 -14.09 31.26
N PHE B 144 -2.14 -13.14 30.97
CA PHE B 144 -3.57 -13.46 31.00
C PHE B 144 -3.97 -14.35 29.82
N GLU B 145 -3.02 -14.71 28.96
CA GLU B 145 -3.31 -15.68 27.91
C GLU B 145 -2.94 -17.11 28.32
N GLU B 146 -2.34 -17.25 29.50
CA GLU B 146 -1.75 -18.53 29.93
C GLU B 146 -2.09 -18.90 31.39
N HIS B 147 -2.20 -17.90 32.26
CA HIS B 147 -2.21 -18.14 33.71
C HIS B 147 -3.46 -17.65 34.45
N LEU B 148 -4.63 -17.67 33.80
CA LEU B 148 -5.85 -17.27 34.49
C LEU B 148 -6.20 -18.28 35.59
N GLY B 149 -5.68 -19.50 35.45
CA GLY B 149 -5.90 -20.54 36.44
C GLY B 149 -5.25 -20.18 37.76
N LYS B 150 -4.36 -19.21 37.74
CA LYS B 150 -3.71 -18.78 38.98
C LYS B 150 -4.57 -17.83 39.79
N ILE B 151 -5.63 -17.30 39.18
CA ILE B 151 -6.52 -16.41 39.92
C ILE B 151 -7.35 -17.25 40.90
N PRO B 152 -7.37 -16.86 42.19
CA PRO B 152 -8.21 -17.59 43.14
C PRO B 152 -9.70 -17.49 42.80
N HIS B 153 -10.40 -18.61 42.91
CA HIS B 153 -11.85 -18.63 42.76
C HIS B 153 -12.46 -18.51 44.15
N VAL B 154 -12.44 -17.29 44.67
CA VAL B 154 -12.94 -17.00 46.01
C VAL B 154 -13.96 -15.89 45.93
N GLY B 155 -14.95 -15.94 46.82
CA GLY B 155 -15.95 -14.91 46.90
C GLY B 155 -16.68 -14.71 45.59
N ARG B 156 -17.34 -13.56 45.49
CA ARG B 156 -18.13 -13.21 44.33
C ARG B 156 -17.33 -12.17 43.55
N ARG B 157 -16.81 -12.53 42.38
CA ARG B 157 -15.80 -11.71 41.71
C ARG B 157 -16.33 -10.88 40.54
N LEU B 158 -15.99 -9.60 40.56
CA LEU B 158 -16.17 -8.73 39.41
C LEU B 158 -14.83 -8.67 38.72
N VAL B 159 -14.72 -9.32 37.57
CA VAL B 159 -13.47 -9.40 36.80
C VAL B 159 -13.56 -8.31 35.78
N VAL B 160 -12.56 -7.44 35.76
CA VAL B 160 -12.57 -6.28 34.87
C VAL B 160 -11.36 -6.35 33.98
N PHE B 161 -11.58 -6.01 32.71
CA PHE B 161 -10.56 -6.06 31.66
C PHE B 161 -10.79 -4.80 30.83
N LEU B 162 -10.13 -3.72 31.22
CA LEU B 162 -10.45 -2.39 30.72
C LEU B 162 -9.39 -1.89 29.75
N GLY B 163 -9.56 -0.68 29.21
CA GLY B 163 -8.55 -0.10 28.34
C GLY B 163 -8.58 -0.62 26.90
N SER B 164 -9.61 -1.40 26.57
CA SER B 164 -9.66 -2.10 25.29
C SER B 164 -8.42 -2.98 25.09
N THR B 165 -7.83 -3.45 26.18
CA THR B 165 -6.70 -4.37 26.08
C THR B 165 -7.10 -5.65 25.36
N ILE B 166 -8.39 -6.01 25.38
CA ILE B 166 -8.82 -7.19 24.64
C ILE B 166 -8.60 -6.98 23.15
N GLY B 167 -8.55 -5.71 22.73
CA GLY B 167 -8.32 -5.39 21.34
C GLY B 167 -6.89 -5.62 20.90
N ASN B 168 -6.00 -5.93 21.85
CA ASN B 168 -4.59 -6.15 21.54
C ASN B 168 -4.34 -7.63 21.28
N LEU B 169 -5.43 -8.38 21.16
CA LEU B 169 -5.42 -9.78 20.72
C LEU B 169 -6.16 -9.89 19.38
N THR B 170 -5.57 -10.57 18.40
CA THR B 170 -6.24 -10.81 17.13
C THR B 170 -7.38 -11.80 17.37
N PRO B 171 -8.33 -11.90 16.42
CA PRO B 171 -9.57 -12.66 16.64
C PRO B 171 -9.40 -14.09 17.17
N ALA B 172 -8.47 -14.87 16.64
CA ALA B 172 -8.38 -16.26 17.09
C ALA B 172 -7.85 -16.34 18.53
N PRO B 173 -6.72 -15.67 18.83
CA PRO B 173 -6.31 -15.63 20.24
C PRO B 173 -7.32 -14.96 21.16
N ARG B 174 -8.08 -14.01 20.63
CA ARG B 174 -9.05 -13.29 21.44
C ARG B 174 -10.17 -14.21 21.85
N ALA B 175 -10.61 -15.02 20.90
CA ALA B 175 -11.71 -15.95 21.12
C ALA B 175 -11.30 -16.97 22.15
N GLU B 176 -10.02 -17.38 22.11
CA GLU B 176 -9.55 -18.43 23.00
C GLU B 176 -9.46 -17.86 24.41
N PHE B 177 -8.92 -16.65 24.51
CA PHE B 177 -8.88 -15.96 25.79
C PHE B 177 -10.28 -15.86 26.38
N LEU B 178 -11.25 -15.36 25.62
CA LEU B 178 -12.58 -15.15 26.18
C LEU B 178 -13.18 -16.46 26.63
N SER B 179 -12.97 -17.51 25.84
CA SER B 179 -13.53 -18.82 26.15
C SER B 179 -12.91 -19.35 27.44
N THR B 180 -11.60 -19.16 27.55
CA THR B 180 -10.85 -19.61 28.72
C THR B 180 -11.21 -18.80 29.97
N LEU B 181 -11.32 -17.49 29.82
CA LEU B 181 -11.77 -16.63 30.92
C LEU B 181 -13.14 -17.06 31.38
N ALA B 182 -14.07 -17.16 30.43
CA ALA B 182 -15.44 -17.56 30.74
C ALA B 182 -15.47 -18.87 31.53
N ASP B 183 -14.54 -19.77 31.25
CA ASP B 183 -14.54 -21.06 31.96
C ASP B 183 -14.04 -20.90 33.39
N THR B 184 -13.35 -19.80 33.68
CA THR B 184 -12.89 -19.50 35.04
C THR B 184 -13.97 -18.79 35.83
N LEU B 185 -14.91 -18.17 35.14
CA LEU B 185 -15.99 -17.46 35.82
C LEU B 185 -17.01 -18.46 36.37
N GLN B 186 -17.43 -18.21 37.60
CA GLN B 186 -18.51 -18.95 38.22
C GLN B 186 -19.82 -18.18 38.08
N PRO B 187 -20.96 -18.87 38.23
CA PRO B 187 -22.28 -18.23 38.05
C PRO B 187 -22.43 -16.89 38.77
N GLY B 188 -21.97 -16.80 40.00
CA GLY B 188 -22.06 -15.54 40.74
C GLY B 188 -21.13 -14.43 40.27
N ASP B 189 -20.18 -14.75 39.41
CA ASP B 189 -19.21 -13.76 38.94
C ASP B 189 -19.72 -12.93 37.77
N SER B 190 -19.03 -11.84 37.48
CA SER B 190 -19.41 -10.91 36.41
C SER B 190 -18.14 -10.38 35.73
N LEU B 191 -18.22 -10.17 34.42
CA LEU B 191 -17.12 -9.62 33.64
C LEU B 191 -17.49 -8.23 33.18
N LEU B 192 -16.61 -7.28 33.45
CA LEU B 192 -16.72 -5.92 32.95
C LEU B 192 -15.65 -5.75 31.89
N LEU B 193 -16.08 -5.43 30.67
CA LEU B 193 -15.20 -5.43 29.51
C LEU B 193 -15.29 -4.13 28.73
N GLY B 194 -14.13 -3.48 28.55
CA GLY B 194 -14.05 -2.26 27.77
C GLY B 194 -13.59 -2.52 26.36
N THR B 195 -14.36 -2.05 25.39
CA THR B 195 -14.05 -2.20 23.98
C THR B 195 -14.17 -0.87 23.26
N ASP B 196 -13.08 -0.45 22.62
CA ASP B 196 -13.08 0.74 21.79
C ASP B 196 -13.75 0.42 20.45
N LEU B 197 -14.47 1.40 19.92
CA LEU B 197 -15.42 1.14 18.84
C LEU B 197 -15.02 1.74 17.51
N VAL B 198 -15.49 1.13 16.42
CA VAL B 198 -15.21 1.63 15.09
C VAL B 198 -15.75 3.04 14.97
N LYS B 199 -14.97 3.90 14.33
CA LYS B 199 -15.29 5.31 14.21
C LYS B 199 -14.44 5.87 13.08
N ASP B 200 -14.49 7.18 12.90
CA ASP B 200 -13.67 7.85 11.90
C ASP B 200 -12.23 7.32 11.91
N THR B 201 -11.74 6.89 10.74
CA THR B 201 -10.46 6.21 10.67
C THR B 201 -9.32 7.19 10.94
N GLY B 202 -9.54 8.46 10.60
CA GLY B 202 -8.61 9.51 10.97
C GLY B 202 -8.40 9.61 12.47
N ARG B 203 -9.50 9.62 13.23
CA ARG B 203 -9.43 9.69 14.69
C ARG B 203 -8.77 8.43 15.27
N LEU B 204 -8.97 7.31 14.59
CA LEU B 204 -8.36 6.07 15.04
C LEU B 204 -6.86 6.10 14.82
N VAL B 205 -6.40 6.49 13.63
CA VAL B 205 -4.98 6.46 13.37
C VAL B 205 -4.25 7.43 14.29
N ARG B 206 -4.77 8.65 14.41
CA ARG B 206 -4.10 9.68 15.20
C ARG B 206 -3.95 9.30 16.65
N ALA B 207 -4.89 8.51 17.16
CA ALA B 207 -4.84 8.04 18.53
C ALA B 207 -3.60 7.16 18.77
N TYR B 208 -2.99 6.64 17.70
CA TYR B 208 -1.79 5.81 17.77
C TYR B 208 -0.61 6.39 16.98
N ASP B 209 -0.65 7.70 16.76
CA ASP B 209 0.31 8.41 15.95
C ASP B 209 0.17 9.89 16.30
N ASP B 210 0.43 10.20 17.57
CA ASP B 210 0.13 11.52 18.11
C ASP B 210 1.18 12.53 17.70
N ALA B 211 0.80 13.81 17.71
CA ALA B 211 1.70 14.88 17.28
C ALA B 211 2.92 14.98 18.21
N ALA B 212 2.76 14.60 19.47
CA ALA B 212 3.85 14.76 20.44
C ALA B 212 4.93 13.67 20.33
N GLY B 213 4.66 12.62 19.56
CA GLY B 213 5.65 11.58 19.36
C GLY B 213 5.75 10.62 20.54
N VAL B 214 4.77 10.64 21.44
CA VAL B 214 4.80 9.80 22.64
C VAL B 214 4.52 8.32 22.32
N THR B 215 3.52 8.06 21.49
CA THR B 215 3.26 6.69 21.09
C THR B 215 4.49 6.12 20.37
N ALA B 216 5.15 6.96 19.59
CA ALA B 216 6.35 6.53 18.87
C ALA B 216 7.45 6.05 19.83
N ALA B 217 7.60 6.76 20.96
CA ALA B 217 8.58 6.41 21.99
C ALA B 217 8.20 5.14 22.73
N PHE B 218 6.90 4.99 22.99
CA PHE B 218 6.35 3.78 23.58
C PHE B 218 6.68 2.55 22.70
N ASN B 219 6.44 2.69 21.40
CA ASN B 219 6.70 1.62 20.43
C ASN B 219 8.19 1.26 20.39
N ARG B 220 9.06 2.26 20.21
CA ARG B 220 10.50 2.06 20.17
C ARG B 220 11.05 1.44 21.47
N ASN B 221 10.38 1.71 22.58
CA ASN B 221 10.82 1.18 23.86
C ASN B 221 10.82 -0.33 23.93
N VAL B 222 10.02 -1.00 23.10
CA VAL B 222 10.05 -2.45 23.14
C VAL B 222 11.43 -2.92 22.67
N LEU B 223 12.09 -2.13 21.82
CA LEU B 223 13.45 -2.46 21.39
C LEU B 223 14.42 -2.30 22.55
N ALA B 224 14.19 -1.29 23.39
CA ALA B 224 14.98 -1.09 24.60
C ALA B 224 14.79 -2.25 25.58
N VAL B 225 13.58 -2.76 25.66
CA VAL B 225 13.32 -3.92 26.51
C VAL B 225 14.15 -5.12 26.07
N VAL B 226 14.14 -5.38 24.77
CA VAL B 226 14.89 -6.51 24.23
C VAL B 226 16.39 -6.29 24.41
N ASN B 227 16.86 -5.07 24.13
CA ASN B 227 18.27 -4.73 24.32
C ASN B 227 18.76 -5.05 25.74
N ARG B 228 17.98 -4.66 26.75
CA ARG B 228 18.39 -4.86 28.13
C ARG B 228 18.27 -6.32 28.56
N GLU B 229 17.10 -6.91 28.33
CA GLU B 229 16.81 -8.23 28.85
C GLU B 229 17.59 -9.31 28.11
N LEU B 230 17.90 -9.06 26.84
CA LEU B 230 18.52 -10.08 25.98
C LEU B 230 19.83 -9.61 25.35
N SER B 231 20.37 -8.51 25.87
CA SER B 231 21.67 -8.01 25.46
C SER B 231 21.71 -7.86 23.95
N ALA B 232 20.76 -7.12 23.42
CA ALA B 232 20.71 -6.84 22.00
C ALA B 232 21.21 -5.43 21.74
N ASP B 233 21.43 -5.10 20.48
CA ASP B 233 21.95 -3.79 20.10
C ASP B 233 21.08 -3.09 19.07
N PHE B 234 19.76 -3.10 19.29
CA PHE B 234 18.86 -2.29 18.47
C PHE B 234 19.25 -0.82 18.61
N ASP B 235 19.41 -0.16 17.47
CA ASP B 235 19.49 1.30 17.41
C ASP B 235 18.05 1.84 17.28
N LEU B 236 17.51 2.35 18.38
CA LEU B 236 16.12 2.76 18.41
C LEU B 236 15.82 3.84 17.40
N ASP B 237 16.77 4.74 17.18
CA ASP B 237 16.57 5.84 16.24
C ASP B 237 16.52 5.38 14.78
N ALA B 238 16.94 4.14 14.54
CA ALA B 238 16.97 3.59 13.19
C ALA B 238 15.64 2.98 12.79
N PHE B 239 14.70 2.98 13.73
CA PHE B 239 13.37 2.42 13.49
C PHE B 239 12.29 3.48 13.61
N GLU B 240 11.43 3.56 12.60
CA GLU B 240 10.38 4.55 12.56
C GLU B 240 9.03 3.98 12.99
N HIS B 241 8.33 4.72 13.84
CA HIS B 241 6.98 4.38 14.22
C HIS B 241 5.98 4.63 13.10
N VAL B 242 5.17 3.62 12.79
CA VAL B 242 4.10 3.77 11.81
C VAL B 242 2.84 3.11 12.36
N ALA B 243 1.73 3.82 12.27
CA ALA B 243 0.43 3.30 12.68
C ALA B 243 -0.51 3.36 11.50
N LYS B 244 -1.21 2.26 11.24
CA LYS B 244 -2.05 2.13 10.06
C LYS B 244 -3.41 1.58 10.41
N TRP B 245 -4.42 1.99 9.67
CA TRP B 245 -5.71 1.35 9.74
C TRP B 245 -5.78 0.22 8.71
N ASN B 246 -6.15 -0.97 9.17
CA ASN B 246 -6.44 -2.11 8.31
C ASN B 246 -7.95 -2.24 8.15
N SER B 247 -8.48 -1.83 7.00
CA SER B 247 -9.92 -1.79 6.84
C SER B 247 -10.50 -3.19 6.69
N ASP B 248 -9.72 -4.13 6.18
CA ASP B 248 -10.18 -5.51 6.04
C ASP B 248 -10.49 -6.12 7.40
N GLU B 249 -9.60 -5.87 8.37
CA GLU B 249 -9.71 -6.48 9.70
C GLU B 249 -10.23 -5.52 10.78
N GLU B 250 -10.50 -4.28 10.37
CA GLU B 250 -10.97 -3.24 11.28
C GLU B 250 -10.15 -3.20 12.57
N ARG B 251 -8.88 -2.91 12.40
CA ARG B 251 -7.97 -2.82 13.52
C ARG B 251 -6.82 -1.91 13.14
N ILE B 252 -6.35 -1.18 14.14
CA ILE B 252 -5.11 -0.46 14.01
C ILE B 252 -3.94 -1.44 14.07
N GLU B 253 -2.93 -1.19 13.24
CA GLU B 253 -1.74 -2.01 13.27
C GLU B 253 -0.54 -1.09 13.50
N VAL B 254 0.30 -1.47 14.45
CA VAL B 254 1.43 -0.64 14.84
C VAL B 254 2.74 -1.32 14.45
N TRP B 255 3.60 -0.58 13.75
CA TRP B 255 4.80 -1.13 13.14
C TRP B 255 6.05 -0.32 13.50
N LEU B 256 7.19 -0.98 13.45
CA LEU B 256 8.49 -0.32 13.44
C LEU B 256 9.10 -0.55 12.07
N ARG B 257 9.54 0.53 11.43
CA ARG B 257 10.09 0.48 10.07
C ARG B 257 11.56 0.90 10.09
N ALA B 258 12.42 -0.03 9.67
CA ALA B 258 13.85 0.23 9.56
C ALA B 258 14.12 1.30 8.50
N ARG B 259 14.73 2.40 8.91
CA ARG B 259 15.03 3.49 7.99
C ARG B 259 16.14 3.09 7.05
N THR B 260 17.15 2.43 7.60
CA THR B 260 18.24 1.90 6.81
C THR B 260 18.40 0.42 7.15
N ALA B 261 19.22 -0.29 6.39
CA ALA B 261 19.49 -1.68 6.70
C ALA B 261 20.12 -1.79 8.07
N GLN B 262 19.64 -2.74 8.86
CA GLN B 262 20.11 -2.94 10.23
C GLN B 262 20.52 -4.38 10.47
N HIS B 263 21.69 -4.55 11.09
CA HIS B 263 22.14 -5.84 11.57
C HIS B 263 22.04 -5.85 13.08
N VAL B 264 21.22 -6.73 13.63
CA VAL B 264 20.96 -6.74 15.05
C VAL B 264 21.46 -8.04 15.67
N ARG B 265 22.37 -7.89 16.63
CA ARG B 265 22.84 -9.02 17.42
C ARG B 265 22.02 -9.10 18.69
N VAL B 266 21.35 -10.24 18.91
CA VAL B 266 20.68 -10.49 20.17
C VAL B 266 21.51 -11.51 20.93
N ALA B 267 22.34 -11.02 21.84
CA ALA B 267 23.41 -11.83 22.40
C ALA B 267 22.89 -13.01 23.21
N ALA B 268 21.85 -12.80 24.01
CA ALA B 268 21.37 -13.87 24.87
C ALA B 268 20.84 -15.05 24.06
N LEU B 269 20.53 -14.81 22.79
CA LEU B 269 19.95 -15.84 21.93
C LEU B 269 20.96 -16.36 20.90
N ASP B 270 22.15 -15.77 20.86
CA ASP B 270 23.14 -16.09 19.82
C ASP B 270 22.51 -15.94 18.45
N LEU B 271 21.83 -14.81 18.25
CA LEU B 271 21.01 -14.61 17.07
C LEU B 271 21.34 -13.33 16.34
N GLU B 272 21.73 -13.47 15.08
CA GLU B 272 21.91 -12.35 14.18
C GLU B 272 20.70 -12.31 13.26
N VAL B 273 20.05 -11.15 13.21
CA VAL B 273 18.93 -10.96 12.29
C VAL B 273 19.12 -9.66 11.56
N ASP B 274 18.65 -9.63 10.32
CA ASP B 274 18.84 -8.49 9.45
C ASP B 274 17.53 -7.82 9.11
N PHE B 275 17.57 -6.50 9.05
CA PHE B 275 16.46 -5.72 8.54
C PHE B 275 16.89 -5.06 7.25
N ALA B 276 16.08 -5.22 6.21
CA ALA B 276 16.24 -4.45 4.99
C ALA B 276 15.72 -3.04 5.23
N ALA B 277 16.23 -2.10 4.44
CA ALA B 277 15.71 -0.74 4.47
C ALA B 277 14.26 -0.78 4.06
N GLY B 278 13.38 -0.24 4.90
CA GLY B 278 11.96 -0.21 4.61
C GLY B 278 11.21 -1.41 5.16
N GLU B 279 11.92 -2.36 5.76
CA GLU B 279 11.28 -3.55 6.34
C GLU B 279 10.48 -3.15 7.58
N GLU B 280 9.27 -3.68 7.68
CA GLU B 280 8.36 -3.36 8.77
C GLU B 280 8.14 -4.55 9.69
N MET B 281 8.19 -4.29 11.00
CA MET B 281 7.95 -5.29 12.04
C MET B 281 6.68 -4.93 12.83
N LEU B 282 5.76 -5.89 12.97
CA LEU B 282 4.52 -5.69 13.70
C LEU B 282 4.74 -5.79 15.21
N THR B 283 4.48 -4.70 15.94
CA THR B 283 4.68 -4.71 17.38
C THR B 283 3.37 -4.68 18.16
N ALA B 284 2.25 -4.35 17.51
CA ALA B 284 0.94 -4.48 18.16
C ALA B 284 -0.23 -4.33 17.19
N VAL B 285 -1.39 -4.87 17.57
CA VAL B 285 -2.65 -4.49 16.95
C VAL B 285 -3.56 -3.92 18.02
N SER B 286 -4.53 -3.13 17.59
CA SER B 286 -5.58 -2.63 18.49
C SER B 286 -6.89 -2.75 17.73
N CYS B 287 -7.59 -3.86 17.95
CA CYS B 287 -8.82 -4.14 17.23
C CYS B 287 -9.96 -3.25 17.70
N LYS B 288 -10.71 -2.73 16.74
CA LYS B 288 -11.86 -1.88 17.04
C LYS B 288 -13.15 -2.65 16.75
N PHE B 289 -14.15 -2.40 17.57
CA PHE B 289 -15.35 -3.22 17.59
C PHE B 289 -16.62 -2.49 17.15
N ARG B 290 -17.56 -3.28 16.65
CA ARG B 290 -18.92 -2.82 16.42
C ARG B 290 -19.79 -3.37 17.56
N PRO B 291 -20.63 -2.53 18.18
CA PRO B 291 -21.40 -2.93 19.36
C PRO B 291 -22.16 -4.27 19.24
N GLU B 292 -22.81 -4.51 18.10
CA GLU B 292 -23.51 -5.78 17.91
C GLU B 292 -22.56 -6.98 17.96
N ASN B 293 -21.35 -6.79 17.46
CA ASN B 293 -20.39 -7.89 17.37
C ASN B 293 -19.81 -8.23 18.75
N VAL B 294 -19.76 -7.25 19.66
CA VAL B 294 -19.26 -7.49 21.01
C VAL B 294 -20.19 -8.49 21.70
N VAL B 295 -21.49 -8.32 21.51
CA VAL B 295 -22.46 -9.26 22.05
C VAL B 295 -22.20 -10.65 21.47
N ALA B 296 -21.96 -10.71 20.17
CA ALA B 296 -21.75 -11.98 19.47
C ALA B 296 -20.48 -12.66 19.91
N GLU B 297 -19.40 -11.90 20.12
CA GLU B 297 -18.14 -12.52 20.59
C GLU B 297 -18.28 -13.02 22.04
N LEU B 298 -19.01 -12.29 22.87
CA LEU B 298 -19.24 -12.74 24.23
C LEU B 298 -20.04 -14.03 24.24
N ALA B 299 -21.10 -14.09 23.43
CA ALA B 299 -21.93 -15.29 23.39
C ALA B 299 -21.12 -16.49 22.90
N GLU B 300 -20.24 -16.26 21.93
CA GLU B 300 -19.42 -17.33 21.38
C GLU B 300 -18.55 -17.94 22.49
N ALA B 301 -18.21 -17.13 23.49
CA ALA B 301 -17.38 -17.57 24.60
C ALA B 301 -18.20 -18.18 25.73
N GLY B 302 -19.53 -18.15 25.57
CA GLY B 302 -20.47 -18.66 26.57
C GLY B 302 -20.88 -17.63 27.61
N LEU B 303 -20.73 -16.35 27.27
CA LEU B 303 -21.07 -15.24 28.17
C LEU B 303 -22.25 -14.43 27.64
N ARG B 304 -23.16 -14.07 28.53
CA ARG B 304 -24.32 -13.26 28.19
C ARG B 304 -24.10 -11.80 28.60
N GLN B 305 -24.16 -10.89 27.63
CA GLN B 305 -24.08 -9.47 27.96
C GLN B 305 -25.37 -9.02 28.61
N THR B 306 -25.26 -8.50 29.84
CA THR B 306 -26.44 -8.04 30.58
C THR B 306 -26.61 -6.53 30.54
N HIS B 307 -25.52 -5.80 30.32
CA HIS B 307 -25.53 -4.34 30.29
C HIS B 307 -24.54 -3.85 29.25
N TRP B 308 -24.88 -2.74 28.61
CA TRP B 308 -24.00 -2.08 27.65
C TRP B 308 -24.13 -0.59 27.88
N TRP B 309 -23.00 0.04 28.15
CA TRP B 309 -22.96 1.50 28.33
C TRP B 309 -21.97 2.07 27.37
N THR B 310 -22.25 3.29 26.93
CA THR B 310 -21.36 4.01 26.04
C THR B 310 -21.30 5.48 26.48
N ASP B 311 -20.31 6.19 25.97
CA ASP B 311 -20.16 7.60 26.23
C ASP B 311 -21.17 8.37 25.37
N PRO B 312 -21.39 9.65 25.65
CA PRO B 312 -22.40 10.42 24.92
C PRO B 312 -22.15 10.48 23.42
N ALA B 313 -20.91 10.25 22.98
CA ALA B 313 -20.57 10.31 21.58
C ALA B 313 -20.51 8.93 20.95
N GLY B 314 -20.60 7.89 21.78
CA GLY B 314 -20.56 6.54 21.25
C GLY B 314 -19.19 6.15 20.78
N ASP B 315 -18.17 6.79 21.35
CA ASP B 315 -16.79 6.49 20.97
C ASP B 315 -16.30 5.16 21.54
N PHE B 316 -16.83 4.81 22.71
CA PHE B 316 -16.31 3.67 23.48
C PHE B 316 -17.45 2.88 24.08
N GLY B 317 -17.20 1.60 24.39
CA GLY B 317 -18.25 0.72 24.89
C GLY B 317 -17.80 -0.10 26.10
N LEU B 318 -18.71 -0.27 27.05
CA LEU B 318 -18.45 -1.04 28.27
C LEU B 318 -19.54 -2.10 28.44
N SER B 319 -19.12 -3.36 28.51
CA SER B 319 -20.01 -4.51 28.63
C SER B 319 -19.94 -5.13 30.03
N LEU B 320 -21.09 -5.47 30.59
CA LEU B 320 -21.15 -6.31 31.78
C LEU B 320 -21.77 -7.63 31.34
N ALA B 321 -21.17 -8.74 31.77
CA ALA B 321 -21.60 -10.03 31.26
C ALA B 321 -21.42 -11.11 32.31
N VAL B 322 -22.19 -12.18 32.14
CA VAL B 322 -22.24 -13.28 33.08
C VAL B 322 -22.38 -14.59 32.32
N ARG B 323 -22.22 -15.69 33.06
CA ARG B 323 -22.49 -17.01 32.52
C ARG B 323 -23.98 -17.22 32.24
N GLY C 1 30.11 -46.29 1.06
CA GLY C 1 30.03 -46.11 2.54
C GLY C 1 30.97 -45.02 3.08
N HIS C 2 31.50 -44.16 2.21
CA HIS C 2 32.39 -43.07 2.59
C HIS C 2 31.67 -41.97 3.34
N MET C 3 30.40 -41.80 3.03
CA MET C 3 29.59 -40.76 3.64
C MET C 3 28.99 -41.27 4.97
N ALA C 4 29.24 -42.53 5.31
CA ALA C 4 28.64 -43.12 6.49
C ALA C 4 29.07 -42.40 7.76
N LEU C 5 30.29 -41.87 7.76
CA LEU C 5 30.80 -41.17 8.92
C LEU C 5 30.10 -39.82 9.10
N SER C 6 30.09 -39.01 8.05
CA SER C 6 29.51 -37.72 8.19
C SER C 6 27.96 -37.75 8.45
N LEU C 7 27.28 -38.74 7.95
CA LEU C 7 25.88 -38.92 8.21
C LEU C 7 25.59 -39.53 9.54
N ALA C 16 19.49 -28.71 14.90
CA ALA C 16 19.38 -30.16 14.99
C ALA C 16 18.04 -30.53 15.64
N ALA C 17 18.09 -31.20 16.80
CA ALA C 17 16.92 -31.41 17.63
C ALA C 17 16.40 -30.05 18.12
N GLU C 18 17.32 -29.10 18.21
CA GLU C 18 17.01 -27.74 18.63
C GLU C 18 15.99 -27.09 17.69
N ALA C 19 16.15 -27.32 16.39
CA ALA C 19 15.28 -26.71 15.39
C ALA C 19 13.86 -27.27 15.46
N LEU C 20 13.76 -28.57 15.71
CA LEU C 20 12.45 -29.22 15.83
C LEU C 20 11.66 -28.66 16.99
N ARG C 21 12.28 -28.59 18.17
CA ARG C 21 11.59 -28.10 19.37
C ARG C 21 11.10 -26.67 19.18
N ARG C 22 11.89 -25.84 18.51
CA ARG C 22 11.50 -24.46 18.27
C ARG C 22 10.31 -24.36 17.31
N ASP C 23 10.38 -25.10 16.20
CA ASP C 23 9.30 -25.07 15.22
C ASP C 23 7.99 -25.59 15.77
N VAL C 24 8.06 -26.72 16.49
CA VAL C 24 6.87 -27.37 17.03
C VAL C 24 6.25 -26.53 18.13
N ARG C 25 7.07 -25.90 18.96
CA ARG C 25 6.55 -25.01 20.01
C ARG C 25 5.82 -23.82 19.39
N ALA C 26 6.42 -23.27 18.33
CA ALA C 26 5.85 -22.13 17.65
C ALA C 26 4.55 -22.51 16.95
N GLY C 27 4.58 -23.65 16.27
CA GLY C 27 3.45 -24.09 15.46
C GLY C 27 2.27 -24.51 16.30
N LEU C 28 2.52 -25.20 17.41
CA LEU C 28 1.44 -25.77 18.23
C LEU C 28 0.86 -24.82 19.29
N THR C 29 1.62 -23.79 19.67
CA THR C 29 1.12 -22.83 20.67
C THR C 29 0.41 -21.65 19.99
N ALA C 30 0.58 -21.52 18.68
CA ALA C 30 -0.17 -20.53 17.90
C ALA C 30 -1.63 -20.92 17.82
N THR C 31 -2.50 -19.93 17.62
CA THR C 31 -3.93 -20.18 17.58
C THR C 31 -4.32 -20.98 16.34
N GLN C 32 -3.92 -20.50 15.17
CA GLN C 32 -3.96 -21.35 13.98
C GLN C 32 -2.70 -22.19 14.04
N LYS C 33 -2.87 -23.43 14.49
CA LYS C 33 -1.74 -24.32 14.65
C LYS C 33 -1.13 -24.72 13.31
N SER C 34 0.13 -25.12 13.34
CA SER C 34 0.81 -25.57 12.14
C SER C 34 2.03 -26.40 12.51
N LEU C 35 2.49 -27.20 11.55
CA LEU C 35 3.79 -27.87 11.67
C LEU C 35 4.53 -27.71 10.34
N PRO C 36 5.86 -27.46 10.39
CA PRO C 36 6.57 -27.26 9.12
C PRO C 36 6.74 -28.55 8.31
N PRO C 37 6.61 -28.48 6.97
CA PRO C 37 6.67 -29.71 6.16
C PRO C 37 8.06 -30.34 6.04
N LYS C 38 9.13 -29.62 6.34
CA LYS C 38 10.46 -30.25 6.32
C LYS C 38 10.49 -31.48 7.25
N TRP C 39 9.66 -31.47 8.29
CA TRP C 39 9.69 -32.55 9.28
C TRP C 39 8.94 -33.81 8.86
N PHE C 40 8.29 -33.76 7.69
CA PHE C 40 7.67 -34.96 7.13
C PHE C 40 8.69 -36.06 6.86
N TYR C 41 9.92 -35.66 6.56
CA TYR C 41 10.82 -36.53 5.82
C TYR C 41 11.80 -37.29 6.70
N ASP C 42 11.25 -38.21 7.49
CA ASP C 42 12.06 -39.24 8.14
C ASP C 42 12.02 -40.45 7.23
N ALA C 43 12.52 -41.60 7.71
CA ALA C 43 12.54 -42.79 6.88
C ALA C 43 11.15 -43.15 6.35
N VAL C 44 10.16 -43.21 7.23
CA VAL C 44 8.80 -43.53 6.83
C VAL C 44 8.22 -42.50 5.86
N GLY C 45 8.44 -41.22 6.15
CA GLY C 45 7.90 -40.15 5.34
C GLY C 45 8.56 -40.00 3.98
N SER C 46 9.86 -40.23 3.92
CA SER C 46 10.55 -40.17 2.63
C SER C 46 10.11 -41.32 1.76
N ASP C 47 9.89 -42.48 2.39
CA ASP C 47 9.44 -43.66 1.66
C ASP C 47 8.02 -43.44 1.13
N LEU C 48 7.18 -42.76 1.94
CA LEU C 48 5.82 -42.45 1.53
C LEU C 48 5.79 -41.45 0.37
N PHE C 49 6.68 -40.46 0.39
CA PHE C 49 6.74 -39.55 -0.75
C PHE C 49 7.17 -40.29 -2.01
N ASP C 50 8.11 -41.21 -1.86
CA ASP C 50 8.55 -42.00 -3.00
C ASP C 50 7.33 -42.69 -3.61
N GLN C 51 6.44 -43.21 -2.77
CA GLN C 51 5.20 -43.81 -3.26
C GLN C 51 4.26 -42.80 -3.94
N ILE C 52 4.11 -41.61 -3.34
CA ILE C 52 3.32 -40.55 -3.94
C ILE C 52 3.70 -40.33 -5.41
N THR C 53 4.99 -40.39 -5.71
CA THR C 53 5.45 -40.06 -7.06
C THR C 53 4.95 -41.05 -8.13
N ARG C 54 4.33 -42.15 -7.70
CA ARG C 54 3.83 -43.14 -8.64
C ARG C 54 2.30 -43.26 -8.62
N LEU C 55 1.65 -42.42 -7.82
CA LEU C 55 0.19 -42.40 -7.81
C LEU C 55 -0.38 -41.91 -9.15
N PRO C 56 -1.53 -42.44 -9.57
CA PRO C 56 -2.13 -41.96 -10.83
C PRO C 56 -2.41 -40.46 -10.80
N GLU C 57 -2.90 -39.96 -9.67
CA GLU C 57 -3.31 -38.56 -9.53
C GLU C 57 -2.13 -37.58 -9.49
N TYR C 58 -0.96 -38.05 -9.07
CA TYR C 58 0.15 -37.14 -8.81
C TYR C 58 1.00 -37.01 -10.07
N TYR C 59 0.54 -36.12 -10.95
CA TYR C 59 1.20 -35.87 -12.23
C TYR C 59 2.59 -35.21 -12.14
N PRO C 60 2.89 -34.45 -11.05
CA PRO C 60 4.14 -33.69 -11.14
C PRO C 60 5.42 -34.51 -11.44
N THR C 61 5.63 -35.66 -10.80
CA THR C 61 6.89 -36.40 -10.99
C THR C 61 7.10 -36.83 -12.45
N ARG C 62 6.12 -37.50 -13.05
CA ARG C 62 6.25 -37.96 -14.42
C ARG C 62 6.24 -36.81 -15.45
N THR C 63 5.56 -35.72 -15.13
CA THR C 63 5.53 -34.58 -16.04
C THR C 63 6.91 -33.93 -16.07
N GLU C 64 7.48 -33.68 -14.89
CA GLU C 64 8.81 -33.08 -14.84
C GLU C 64 9.86 -34.02 -15.44
N ALA C 65 9.67 -35.31 -15.26
CA ALA C 65 10.65 -36.28 -15.74
C ALA C 65 10.72 -36.27 -17.26
N GLN C 66 9.57 -36.24 -17.91
CA GLN C 66 9.56 -36.29 -19.36
C GLN C 66 10.13 -34.99 -19.95
N ILE C 67 9.93 -33.85 -19.27
CA ILE C 67 10.54 -32.60 -19.74
C ILE C 67 12.06 -32.70 -19.62
N LEU C 68 12.53 -33.26 -18.50
CA LEU C 68 13.97 -33.43 -18.26
C LEU C 68 14.61 -34.36 -19.28
N ARG C 69 13.86 -35.38 -19.69
CA ARG C 69 14.35 -36.30 -20.71
C ARG C 69 14.58 -35.60 -22.04
N THR C 70 13.70 -34.66 -22.36
CA THR C 70 13.80 -33.94 -23.60
C THR C 70 14.93 -32.93 -23.55
N ARG C 71 15.06 -32.28 -22.40
CA ARG C 71 15.86 -31.06 -22.29
C ARG C 71 17.23 -31.23 -21.61
N SER C 72 17.54 -32.43 -21.13
CA SER C 72 18.74 -32.60 -20.29
C SER C 72 20.00 -32.22 -21.07
N ALA C 73 20.12 -32.68 -22.31
CA ALA C 73 21.28 -32.33 -23.10
C ALA C 73 21.37 -30.80 -23.29
N GLU C 74 20.25 -30.15 -23.62
CA GLU C 74 20.22 -28.70 -23.83
C GLU C 74 20.60 -27.96 -22.55
N ILE C 75 20.08 -28.44 -21.43
CA ILE C 75 20.37 -27.86 -20.12
C ILE C 75 21.87 -27.94 -19.83
N ILE C 76 22.44 -29.14 -20.01
CA ILE C 76 23.86 -29.34 -19.71
C ILE C 76 24.75 -28.53 -20.64
N SER C 77 24.36 -28.43 -21.90
CA SER C 77 25.10 -27.61 -22.85
C SER C 77 25.10 -26.14 -22.44
N ALA C 78 23.93 -25.62 -22.04
CA ALA C 78 23.80 -24.22 -21.64
C ALA C 78 24.59 -23.91 -20.35
N ALA C 79 24.58 -24.84 -19.41
CA ALA C 79 25.14 -24.62 -18.09
C ALA C 79 26.66 -24.75 -18.06
N GLY C 80 27.20 -25.67 -18.84
CA GLY C 80 28.64 -25.83 -18.93
C GLY C 80 29.26 -26.24 -17.61
N ALA C 81 28.41 -26.77 -16.72
CA ALA C 81 28.81 -27.10 -15.36
C ALA C 81 29.57 -28.44 -15.29
N ASP C 82 30.47 -28.57 -14.32
CA ASP C 82 31.14 -29.85 -14.05
C ASP C 82 30.67 -30.43 -12.72
N THR C 83 29.83 -29.66 -12.01
CA THR C 83 29.36 -30.01 -10.67
C THR C 83 27.84 -29.85 -10.61
N LEU C 84 27.14 -30.92 -10.26
CA LEU C 84 25.68 -30.87 -10.08
C LEU C 84 25.37 -30.89 -8.60
N VAL C 85 24.74 -29.82 -8.13
CA VAL C 85 24.28 -29.72 -6.75
C VAL C 85 22.77 -29.88 -6.76
N GLU C 86 22.21 -30.76 -5.92
CA GLU C 86 20.74 -30.85 -5.86
C GLU C 86 20.18 -30.60 -4.47
N LEU C 87 19.26 -29.64 -4.42
CA LEU C 87 18.59 -29.28 -3.18
C LEU C 87 17.35 -30.15 -3.00
N GLY C 88 17.10 -30.56 -1.77
CA GLY C 88 16.00 -31.47 -1.49
C GLY C 88 16.04 -32.62 -2.48
N SER C 89 17.17 -33.31 -2.52
CA SER C 89 17.47 -34.28 -3.57
C SER C 89 16.63 -35.56 -3.53
N GLY C 90 16.21 -35.95 -2.33
CA GLY C 90 15.47 -37.19 -2.19
C GLY C 90 16.24 -38.34 -2.80
N THR C 91 15.59 -39.10 -3.65
CA THR C 91 16.20 -40.27 -4.25
C THR C 91 17.01 -39.95 -5.50
N SER C 92 16.88 -38.72 -5.99
CA SER C 92 17.56 -38.28 -7.22
C SER C 92 17.33 -39.20 -8.42
N GLU C 93 16.11 -39.72 -8.56
CA GLU C 93 15.76 -40.53 -9.71
C GLU C 93 15.80 -39.69 -11.00
N LYS C 94 15.12 -38.55 -10.97
CA LYS C 94 15.09 -37.67 -12.13
C LYS C 94 16.47 -37.05 -12.42
N THR C 95 17.24 -36.89 -11.37
CA THR C 95 18.54 -36.22 -11.46
C THR C 95 19.52 -37.00 -12.32
N ARG C 96 19.30 -38.30 -12.42
CA ARG C 96 20.16 -39.12 -13.25
C ARG C 96 20.16 -38.70 -14.73
N MET C 97 19.04 -38.19 -15.23
CA MET C 97 19.00 -37.75 -16.62
C MET C 97 19.99 -36.61 -16.83
N LEU C 98 20.09 -35.73 -15.84
CA LEU C 98 21.03 -34.60 -15.86
C LEU C 98 22.48 -35.06 -15.70
N LEU C 99 22.73 -35.89 -14.70
CA LEU C 99 24.03 -36.51 -14.54
C LEU C 99 24.49 -37.23 -15.83
N ASP C 100 23.59 -37.98 -16.46
CA ASP C 100 23.92 -38.69 -17.71
C ASP C 100 24.40 -37.74 -18.81
N ALA C 101 23.67 -36.64 -18.95
CA ALA C 101 23.98 -35.64 -19.98
C ALA C 101 25.34 -35.00 -19.69
N MET C 102 25.60 -34.74 -18.41
CA MET C 102 26.89 -34.15 -18.02
C MET C 102 28.06 -35.08 -18.30
N ARG C 103 27.83 -36.37 -18.07
CA ARG C 103 28.78 -37.42 -18.36
C ARG C 103 29.07 -37.49 -19.87
N ASP C 104 28.00 -37.50 -20.67
CA ASP C 104 28.10 -37.56 -22.14
C ASP C 104 28.88 -36.35 -22.67
N ALA C 105 28.73 -35.23 -21.99
CA ALA C 105 29.38 -33.98 -22.37
C ALA C 105 30.82 -33.92 -21.86
N GLU C 106 31.26 -35.00 -21.23
CA GLU C 106 32.60 -35.10 -20.63
C GLU C 106 32.84 -33.97 -19.62
N LEU C 107 31.77 -33.53 -18.96
CA LEU C 107 31.86 -32.44 -18.01
C LEU C 107 31.79 -32.90 -16.55
N LEU C 108 31.08 -34.00 -16.32
CA LEU C 108 30.76 -34.44 -14.96
C LEU C 108 31.98 -34.83 -14.11
N ARG C 109 32.22 -34.03 -13.07
CA ARG C 109 33.26 -34.32 -12.08
C ARG C 109 32.68 -34.80 -10.75
N ARG C 110 31.51 -34.29 -10.39
CA ARG C 110 30.99 -34.58 -9.05
C ARG C 110 29.52 -34.21 -8.84
N PHE C 111 28.93 -34.93 -7.89
CA PHE C 111 27.53 -34.83 -7.54
C PHE C 111 27.40 -34.48 -6.05
N ILE C 112 26.64 -33.43 -5.77
CA ILE C 112 26.48 -32.93 -4.41
C ILE C 112 24.99 -32.88 -4.06
N PRO C 113 24.45 -34.03 -3.62
CA PRO C 113 23.06 -34.07 -3.15
C PRO C 113 22.93 -33.42 -1.78
N PHE C 114 21.85 -32.68 -1.58
CA PHE C 114 21.59 -31.91 -0.38
C PHE C 114 20.18 -32.25 0.11
N ASP C 115 20.04 -32.78 1.32
CA ASP C 115 18.72 -33.14 1.81
C ASP C 115 18.65 -33.13 3.34
N VAL C 116 17.46 -32.92 3.88
CA VAL C 116 17.30 -32.94 5.34
C VAL C 116 17.28 -34.38 5.87
N ASP C 117 16.98 -35.34 4.99
CA ASP C 117 16.94 -36.76 5.38
C ASP C 117 18.26 -37.52 5.09
N ALA C 118 19.07 -37.74 6.11
CA ALA C 118 20.35 -38.44 5.94
C ALA C 118 20.15 -39.89 5.47
N GLY C 119 18.97 -40.45 5.74
CA GLY C 119 18.65 -41.80 5.30
C GLY C 119 18.59 -41.93 3.78
N VAL C 120 17.89 -41.00 3.13
CA VAL C 120 17.73 -41.08 1.69
C VAL C 120 19.07 -40.75 1.01
N LEU C 121 19.88 -39.90 1.64
CA LEU C 121 21.20 -39.57 1.08
C LEU C 121 22.11 -40.80 1.06
N ARG C 122 22.05 -41.60 2.12
CA ARG C 122 22.90 -42.78 2.25
C ARG C 122 22.53 -43.80 1.18
N SER C 123 21.22 -44.06 1.04
CA SER C 123 20.76 -45.10 0.11
C SER C 123 20.83 -44.67 -1.36
N ALA C 124 20.38 -43.45 -1.67
CA ALA C 124 20.50 -42.93 -3.03
C ALA C 124 21.96 -42.71 -3.43
N GLY C 125 22.78 -42.21 -2.50
CA GLY C 125 24.18 -41.99 -2.77
C GLY C 125 24.93 -43.27 -3.10
N ALA C 126 24.54 -44.37 -2.45
CA ALA C 126 25.13 -45.67 -2.73
C ALA C 126 24.71 -46.19 -4.10
N ALA C 127 23.44 -46.03 -4.45
CA ALA C 127 22.97 -46.47 -5.76
C ALA C 127 23.63 -45.66 -6.86
N ILE C 128 23.75 -44.35 -6.67
CA ILE C 128 24.34 -43.49 -7.69
C ILE C 128 25.86 -43.73 -7.77
N GLY C 129 26.47 -44.02 -6.63
CA GLY C 129 27.87 -44.42 -6.61
C GLY C 129 28.13 -45.65 -7.47
N ALA C 130 27.20 -46.61 -7.44
CA ALA C 130 27.35 -47.84 -8.21
C ALA C 130 27.08 -47.60 -9.71
N GLU C 131 26.22 -46.63 -10.00
CA GLU C 131 25.82 -46.33 -11.37
C GLU C 131 26.80 -45.39 -12.07
N TYR C 132 27.52 -44.59 -11.28
CA TYR C 132 28.40 -43.57 -11.85
C TYR C 132 29.81 -43.70 -11.28
N PRO C 133 30.48 -44.82 -11.54
CA PRO C 133 31.89 -44.93 -11.16
C PRO C 133 32.72 -43.83 -11.83
N GLY C 134 33.71 -43.27 -11.14
CA GLY C 134 34.55 -42.24 -11.74
C GLY C 134 34.01 -40.83 -11.57
N ILE C 135 32.94 -40.68 -10.79
CA ILE C 135 32.49 -39.36 -10.34
C ILE C 135 32.65 -39.26 -8.82
N GLU C 136 32.92 -38.06 -8.34
CA GLU C 136 32.91 -37.79 -6.91
C GLU C 136 31.48 -37.62 -6.42
N ILE C 137 31.23 -38.09 -5.20
CA ILE C 137 29.94 -37.91 -4.55
C ILE C 137 30.14 -37.28 -3.16
N ASP C 138 29.57 -36.09 -2.96
CA ASP C 138 29.69 -35.37 -1.70
C ASP C 138 28.32 -34.96 -1.17
N ALA C 139 27.79 -35.76 -0.25
CA ALA C 139 26.45 -35.57 0.29
C ALA C 139 26.44 -34.57 1.43
N VAL C 140 25.47 -33.67 1.40
CA VAL C 140 25.29 -32.64 2.42
CA VAL C 140 25.29 -32.64 2.42
C VAL C 140 23.95 -32.82 3.12
N CYS C 141 23.98 -32.97 4.44
CA CYS C 141 22.73 -33.09 5.19
C CYS C 141 22.44 -31.74 5.82
N GLY C 142 21.22 -31.24 5.60
CA GLY C 142 20.79 -29.98 6.18
C GLY C 142 19.48 -29.42 5.64
N ASP C 143 19.23 -28.18 6.04
CA ASP C 143 17.98 -27.47 5.77
C ASP C 143 18.26 -26.43 4.70
N PHE C 144 17.62 -26.54 3.53
CA PHE C 144 17.96 -25.63 2.43
C PHE C 144 17.57 -24.19 2.71
N GLU C 145 16.91 -23.95 3.84
CA GLU C 145 16.62 -22.58 4.27
C GLU C 145 17.71 -21.99 5.18
N GLU C 146 18.66 -22.81 5.64
CA GLU C 146 19.64 -22.35 6.63
C GLU C 146 21.11 -22.73 6.34
N HIS C 147 21.32 -23.84 5.62
CA HIS C 147 22.65 -24.45 5.54
C HIS C 147 23.22 -24.51 4.12
N LEU C 148 22.83 -23.57 3.25
CA LEU C 148 23.36 -23.56 1.90
C LEU C 148 24.85 -23.27 1.90
N GLY C 149 25.32 -22.61 2.96
CA GLY C 149 26.75 -22.38 3.10
C GLY C 149 27.57 -23.65 3.29
N LYS C 150 26.90 -24.78 3.50
CA LYS C 150 27.58 -26.07 3.58
C LYS C 150 28.01 -26.60 2.23
N ILE C 151 27.37 -26.10 1.17
CA ILE C 151 27.62 -26.57 -0.18
C ILE C 151 28.97 -26.05 -0.65
N PRO C 152 29.90 -26.96 -1.01
CA PRO C 152 31.21 -26.44 -1.41
C PRO C 152 31.16 -25.53 -2.63
N HIS C 153 32.01 -24.50 -2.58
CA HIS C 153 32.26 -23.61 -3.71
C HIS C 153 33.39 -24.21 -4.52
N VAL C 154 33.02 -24.96 -5.54
CA VAL C 154 33.97 -25.71 -6.36
C VAL C 154 33.48 -25.73 -7.80
N GLY C 155 34.41 -25.58 -8.76
CA GLY C 155 34.07 -25.68 -10.17
C GLY C 155 32.97 -24.75 -10.66
N ARG C 156 32.25 -25.20 -11.68
CA ARG C 156 31.10 -24.48 -12.21
C ARG C 156 29.89 -25.33 -11.89
N ARG C 157 28.98 -24.77 -11.10
CA ARG C 157 27.92 -25.56 -10.49
C ARG C 157 26.58 -25.34 -11.17
N LEU C 158 25.94 -26.48 -11.45
CA LEU C 158 24.53 -26.50 -11.80
C LEU C 158 23.75 -26.90 -10.54
N VAL C 159 23.01 -25.95 -9.99
CA VAL C 159 22.18 -26.19 -8.82
C VAL C 159 20.77 -26.51 -9.30
N VAL C 160 20.25 -27.62 -8.80
CA VAL C 160 19.00 -28.20 -9.29
C VAL C 160 18.00 -28.31 -8.13
N PHE C 161 16.79 -27.81 -8.38
CA PHE C 161 15.74 -27.82 -7.37
C PHE C 161 14.44 -28.19 -8.05
N LEU C 162 14.20 -29.50 -8.09
CA LEU C 162 13.10 -30.08 -8.85
C LEU C 162 11.88 -30.35 -7.98
N GLY C 163 10.79 -30.78 -8.61
CA GLY C 163 9.67 -31.32 -7.85
C GLY C 163 8.66 -30.29 -7.38
N SER C 164 8.91 -29.04 -7.74
CA SER C 164 8.13 -27.91 -7.24
C SER C 164 8.25 -27.79 -5.73
N THR C 165 9.37 -28.26 -5.20
CA THR C 165 9.61 -28.15 -3.76
C THR C 165 9.79 -26.68 -3.38
N ILE C 166 10.12 -25.82 -4.34
CA ILE C 166 10.21 -24.40 -4.03
C ILE C 166 8.81 -23.89 -3.67
N GLY C 167 7.79 -24.63 -4.12
CA GLY C 167 6.40 -24.30 -3.83
C GLY C 167 5.98 -24.66 -2.42
N ASN C 168 6.84 -25.37 -1.70
CA ASN C 168 6.55 -25.75 -0.31
C ASN C 168 7.01 -24.64 0.65
N LEU C 169 7.40 -23.51 0.08
CA LEU C 169 7.63 -22.28 0.84
C LEU C 169 6.58 -21.23 0.47
N THR C 170 6.04 -20.52 1.46
CA THR C 170 5.13 -19.39 1.15
C THR C 170 5.96 -18.22 0.57
N PRO C 171 5.30 -17.23 -0.04
CA PRO C 171 6.05 -16.20 -0.78
C PRO C 171 7.15 -15.50 0.01
N ALA C 172 6.94 -15.13 1.27
CA ALA C 172 7.97 -14.38 2.00
C ALA C 172 9.21 -15.25 2.25
N PRO C 173 9.04 -16.46 2.84
CA PRO C 173 10.23 -17.31 3.01
C PRO C 173 10.83 -17.81 1.70
N ARG C 174 10.00 -17.90 0.66
CA ARG C 174 10.47 -18.34 -0.66
C ARG C 174 11.46 -17.30 -1.22
N ALA C 175 11.10 -16.03 -1.09
CA ALA C 175 11.95 -14.92 -1.56
C ALA C 175 13.26 -14.84 -0.78
N GLU C 176 13.23 -15.03 0.53
CA GLU C 176 14.48 -15.00 1.27
C GLU C 176 15.34 -16.21 0.87
N PHE C 177 14.69 -17.35 0.61
CA PHE C 177 15.41 -18.54 0.18
C PHE C 177 16.15 -18.28 -1.15
N LEU C 178 15.43 -17.73 -2.14
CA LEU C 178 16.04 -17.45 -3.45
C LEU C 178 17.16 -16.42 -3.36
N SER C 179 17.00 -15.41 -2.50
CA SER C 179 18.03 -14.38 -2.38
C SER C 179 19.28 -14.96 -1.73
N THR C 180 19.08 -15.82 -0.74
CA THR C 180 20.18 -16.47 -0.04
C THR C 180 20.88 -17.44 -0.98
N LEU C 181 20.10 -18.23 -1.73
CA LEU C 181 20.66 -19.11 -2.74
C LEU C 181 21.46 -18.35 -3.82
N ALA C 182 20.91 -17.25 -4.33
CA ALA C 182 21.58 -16.46 -5.36
C ALA C 182 22.93 -15.98 -4.87
N ASP C 183 23.01 -15.63 -3.59
CA ASP C 183 24.25 -15.11 -3.01
C ASP C 183 25.32 -16.19 -2.84
N THR C 184 24.90 -17.45 -2.69
CA THR C 184 25.86 -18.54 -2.56
C THR C 184 26.37 -18.95 -3.94
N LEU C 185 25.66 -18.53 -4.98
CA LEU C 185 26.09 -18.85 -6.34
C LEU C 185 27.17 -17.87 -6.80
N GLN C 186 28.02 -18.35 -7.68
CA GLN C 186 29.04 -17.54 -8.32
C GLN C 186 28.67 -17.32 -9.78
N PRO C 187 29.22 -16.25 -10.39
CA PRO C 187 28.91 -16.02 -11.80
C PRO C 187 29.32 -17.22 -12.64
N GLY C 188 28.43 -17.62 -13.55
CA GLY C 188 28.63 -18.83 -14.33
C GLY C 188 27.82 -20.00 -13.78
N ASP C 189 27.49 -19.97 -12.50
CA ASP C 189 26.66 -21.03 -11.94
C ASP C 189 25.27 -20.88 -12.51
N SER C 190 24.51 -21.97 -12.48
CA SER C 190 23.15 -21.96 -13.01
C SER C 190 22.18 -22.55 -11.99
N LEU C 191 20.92 -22.13 -12.09
CA LEU C 191 19.85 -22.75 -11.32
C LEU C 191 18.80 -23.33 -12.24
N LEU C 192 18.45 -24.59 -11.98
CA LEU C 192 17.45 -25.30 -12.73
C LEU C 192 16.32 -25.54 -11.76
N LEU C 193 15.17 -24.93 -12.04
CA LEU C 193 14.08 -24.86 -11.08
C LEU C 193 12.81 -25.45 -11.66
N GLY C 194 12.28 -26.46 -10.99
CA GLY C 194 11.02 -27.06 -11.35
C GLY C 194 9.88 -26.40 -10.58
N THR C 195 8.90 -25.93 -11.34
CA THR C 195 7.73 -25.26 -10.76
C THR C 195 6.44 -25.81 -11.37
N ASP C 196 5.59 -26.38 -10.52
CA ASP C 196 4.25 -26.80 -10.93
C ASP C 196 3.36 -25.57 -11.19
N LEU C 197 2.54 -25.64 -12.23
CA LEU C 197 1.81 -24.46 -12.70
C LEU C 197 0.33 -24.56 -12.41
N VAL C 198 -0.30 -23.40 -12.27
CA VAL C 198 -1.71 -23.33 -12.02
C VAL C 198 -2.45 -24.00 -13.19
N LYS C 199 -3.50 -24.74 -12.84
CA LYS C 199 -4.25 -25.54 -13.80
C LYS C 199 -5.62 -25.83 -13.18
N ASP C 200 -6.39 -26.72 -13.80
CA ASP C 200 -7.70 -27.14 -13.27
C ASP C 200 -7.61 -27.47 -11.77
N THR C 201 -8.50 -26.88 -10.96
CA THR C 201 -8.50 -27.07 -9.51
C THR C 201 -8.71 -28.53 -9.07
N GLY C 202 -9.55 -29.28 -9.80
CA GLY C 202 -9.82 -30.66 -9.45
C GLY C 202 -8.60 -31.54 -9.60
N ARG C 203 -7.82 -31.29 -10.66
CA ARG C 203 -6.59 -32.02 -10.88
C ARG C 203 -5.57 -31.71 -9.79
N LEU C 204 -5.50 -30.45 -9.39
CA LEU C 204 -4.61 -30.01 -8.33
C LEU C 204 -4.95 -30.69 -7.00
N VAL C 205 -6.21 -30.59 -6.58
CA VAL C 205 -6.61 -31.19 -5.31
C VAL C 205 -6.47 -32.72 -5.30
N ARG C 206 -6.85 -33.40 -6.37
CA ARG C 206 -6.72 -34.86 -6.41
C ARG C 206 -5.26 -35.31 -6.26
N ALA C 207 -4.33 -34.49 -6.74
CA ALA C 207 -2.90 -34.80 -6.63
C ALA C 207 -2.42 -34.88 -5.18
N TYR C 208 -3.15 -34.24 -4.27
CA TYR C 208 -2.79 -34.18 -2.86
C TYR C 208 -3.86 -34.85 -2.00
N ASP C 209 -4.67 -35.71 -2.64
CA ASP C 209 -5.81 -36.33 -1.99
C ASP C 209 -6.19 -37.62 -2.75
N ASP C 210 -5.21 -38.49 -2.89
CA ASP C 210 -5.33 -39.73 -3.67
C ASP C 210 -6.24 -40.74 -3.04
N ALA C 211 -6.82 -41.59 -3.88
CA ALA C 211 -7.80 -42.57 -3.46
C ALA C 211 -7.20 -43.64 -2.55
N ALA C 212 -5.91 -43.91 -2.72
CA ALA C 212 -5.28 -45.03 -2.02
C ALA C 212 -4.87 -44.69 -0.58
N GLY C 213 -4.99 -43.43 -0.20
CA GLY C 213 -4.71 -43.03 1.18
C GLY C 213 -3.22 -42.85 1.46
N VAL C 214 -2.40 -42.84 0.41
CA VAL C 214 -0.96 -42.72 0.58
C VAL C 214 -0.56 -41.33 1.03
N THR C 215 -1.16 -40.30 0.44
CA THR C 215 -0.84 -38.93 0.85
C THR C 215 -1.36 -38.67 2.27
N ALA C 216 -2.51 -39.24 2.62
CA ALA C 216 -3.03 -39.08 3.99
C ALA C 216 -2.06 -39.67 5.01
N ALA C 217 -1.43 -40.78 4.67
CA ALA C 217 -0.49 -41.42 5.58
C ALA C 217 0.80 -40.59 5.67
N PHE C 218 1.19 -39.99 4.54
CA PHE C 218 2.31 -39.08 4.46
C PHE C 218 2.08 -37.87 5.39
N ASN C 219 0.85 -37.36 5.36
CA ASN C 219 0.48 -36.23 6.20
C ASN C 219 0.48 -36.58 7.70
N ARG C 220 -0.23 -37.65 8.07
CA ARG C 220 -0.34 -38.06 9.47
C ARG C 220 1.02 -38.38 10.06
N ASN C 221 1.97 -38.73 9.20
CA ASN C 221 3.26 -39.20 9.68
C ASN C 221 4.01 -38.09 10.38
N VAL C 222 3.73 -36.84 10.05
CA VAL C 222 4.42 -35.77 10.73
C VAL C 222 4.13 -35.85 12.25
N LEU C 223 2.96 -36.35 12.59
CA LEU C 223 2.59 -36.53 13.99
C LEU C 223 3.38 -37.67 14.65
N ALA C 224 3.73 -38.69 13.89
CA ALA C 224 4.55 -39.80 14.41
C ALA C 224 5.96 -39.31 14.70
N VAL C 225 6.47 -38.42 13.85
CA VAL C 225 7.79 -37.83 14.04
C VAL C 225 7.83 -37.04 15.36
N VAL C 226 6.85 -36.17 15.56
CA VAL C 226 6.77 -35.36 16.76
C VAL C 226 6.62 -36.28 17.97
N ASN C 227 5.75 -37.28 17.86
CA ASN C 227 5.55 -38.26 18.94
C ASN C 227 6.86 -38.92 19.36
N ARG C 228 7.62 -39.39 18.38
CA ARG C 228 8.88 -40.07 18.65
C ARG C 228 9.96 -39.12 19.18
N GLU C 229 10.20 -38.04 18.43
CA GLU C 229 11.34 -37.18 18.72
C GLU C 229 11.08 -36.28 19.93
N LEU C 230 9.83 -35.87 20.14
CA LEU C 230 9.52 -34.98 21.26
C LEU C 230 8.73 -35.66 22.38
N SER C 231 8.59 -36.98 22.29
CA SER C 231 7.81 -37.74 23.28
C SER C 231 6.41 -37.15 23.44
N ALA C 232 5.67 -37.04 22.32
CA ALA C 232 4.28 -36.58 22.37
C ALA C 232 3.31 -37.76 22.23
N ASP C 233 2.01 -37.52 22.43
CA ASP C 233 1.02 -38.60 22.32
C ASP C 233 -0.15 -38.28 21.38
N PHE C 234 0.17 -37.70 20.23
CA PHE C 234 -0.80 -37.61 19.14
C PHE C 234 -1.38 -38.97 18.83
N ASP C 235 -2.71 -39.06 18.70
CA ASP C 235 -3.36 -40.24 18.13
C ASP C 235 -3.57 -39.97 16.65
N LEU C 236 -2.76 -40.61 15.80
CA LEU C 236 -2.78 -40.30 14.37
C LEU C 236 -4.17 -40.51 13.76
N ASP C 237 -4.89 -41.52 14.24
CA ASP C 237 -6.20 -41.88 13.71
C ASP C 237 -7.30 -40.89 14.08
N ALA C 238 -7.02 -40.01 15.04
CA ALA C 238 -7.98 -38.99 15.45
C ALA C 238 -7.96 -37.78 14.53
N PHE C 239 -7.01 -37.75 13.60
CA PHE C 239 -6.87 -36.63 12.66
C PHE C 239 -7.13 -37.06 11.22
N GLU C 240 -7.91 -36.24 10.51
CA GLU C 240 -8.23 -36.47 9.10
C GLU C 240 -7.35 -35.65 8.18
N HIS C 241 -6.87 -36.28 7.10
CA HIS C 241 -6.15 -35.61 6.04
C HIS C 241 -7.11 -34.77 5.21
N VAL C 242 -6.78 -33.50 5.00
CA VAL C 242 -7.60 -32.65 4.15
C VAL C 242 -6.71 -31.77 3.26
N ALA C 243 -6.99 -31.81 1.96
CA ALA C 243 -6.26 -31.00 0.98
C ALA C 243 -7.20 -29.96 0.45
N LYS C 244 -6.77 -28.70 0.49
CA LYS C 244 -7.60 -27.60 0.03
C LYS C 244 -6.89 -26.72 -0.98
N TRP C 245 -7.69 -26.12 -1.87
CA TRP C 245 -7.19 -25.13 -2.81
C TRP C 245 -7.53 -23.73 -2.32
N ASN C 246 -6.49 -22.95 -2.04
CA ASN C 246 -6.63 -21.54 -1.73
C ASN C 246 -6.50 -20.76 -3.05
N SER C 247 -7.62 -20.26 -3.57
CA SER C 247 -7.67 -19.64 -4.89
CA SER C 247 -7.67 -19.64 -4.89
C SER C 247 -7.07 -18.24 -4.90
N ASP C 248 -7.18 -17.54 -3.78
CA ASP C 248 -6.61 -16.20 -3.68
C ASP C 248 -5.07 -16.23 -3.71
N GLU C 249 -4.48 -17.26 -3.11
CA GLU C 249 -3.03 -17.41 -3.08
C GLU C 249 -2.53 -18.43 -4.11
N GLU C 250 -3.46 -19.13 -4.76
CA GLU C 250 -3.15 -20.12 -5.80
C GLU C 250 -2.19 -21.19 -5.27
N ARG C 251 -2.57 -21.78 -4.13
CA ARG C 251 -1.74 -22.79 -3.52
C ARG C 251 -2.59 -23.86 -2.86
N ILE C 252 -2.13 -25.10 -2.99
CA ILE C 252 -2.70 -26.19 -2.24
C ILE C 252 -2.31 -26.01 -0.79
N GLU C 253 -3.29 -26.20 0.09
CA GLU C 253 -3.04 -26.20 1.54
C GLU C 253 -3.46 -27.55 2.11
N VAL C 254 -2.51 -28.16 2.82
CA VAL C 254 -2.70 -29.47 3.43
C VAL C 254 -2.85 -29.28 4.93
N TRP C 255 -3.93 -29.85 5.48
CA TRP C 255 -4.20 -29.76 6.91
C TRP C 255 -4.42 -31.14 7.55
N LEU C 256 -4.30 -31.17 8.88
CA LEU C 256 -4.80 -32.27 9.68
C LEU C 256 -5.93 -31.74 10.55
N ARG C 257 -7.10 -32.37 10.42
CA ARG C 257 -8.31 -31.94 11.11
C ARG C 257 -8.62 -32.90 12.26
N ALA C 258 -8.73 -32.36 13.47
CA ALA C 258 -9.16 -33.15 14.61
C ALA C 258 -10.66 -33.41 14.49
N ARG C 259 -11.05 -34.68 14.35
CA ARG C 259 -12.46 -35.03 14.23
C ARG C 259 -13.19 -34.73 15.54
N THR C 260 -12.56 -35.10 16.66
CA THR C 260 -13.10 -34.83 17.98
C THR C 260 -12.06 -34.07 18.76
N ALA C 261 -12.46 -33.44 19.86
CA ALA C 261 -11.52 -32.67 20.67
C ALA C 261 -10.37 -33.57 21.10
N GLN C 262 -9.14 -33.06 21.01
CA GLN C 262 -7.97 -33.83 21.43
C GLN C 262 -7.15 -33.06 22.46
N HIS C 263 -6.55 -33.80 23.39
CA HIS C 263 -5.58 -33.27 24.34
C HIS C 263 -4.24 -33.96 24.09
N VAL C 264 -3.23 -33.17 23.74
CA VAL C 264 -1.89 -33.70 23.44
C VAL C 264 -0.85 -33.04 24.34
N ARG C 265 -0.01 -33.88 24.94
CA ARG C 265 1.14 -33.41 25.69
C ARG C 265 2.39 -33.71 24.87
N VAL C 266 3.22 -32.70 24.68
CA VAL C 266 4.54 -32.88 24.07
C VAL C 266 5.55 -32.71 25.20
N ALA C 267 6.02 -33.83 25.75
CA ALA C 267 6.80 -33.82 26.99
C ALA C 267 8.13 -33.06 26.91
N ALA C 268 8.83 -33.20 25.79
CA ALA C 268 10.13 -32.56 25.63
C ALA C 268 10.03 -31.03 25.70
N LEU C 269 8.83 -30.51 25.48
CA LEU C 269 8.60 -29.07 25.52
C LEU C 269 7.85 -28.63 26.77
N ASP C 270 7.56 -29.58 27.67
CA ASP C 270 6.65 -29.35 28.79
C ASP C 270 5.43 -28.62 28.27
N LEU C 271 4.87 -29.13 27.18
CA LEU C 271 3.83 -28.42 26.47
C LEU C 271 2.55 -29.23 26.37
N GLU C 272 1.46 -28.63 26.85
CA GLU C 272 0.12 -29.17 26.68
C GLU C 272 -0.56 -28.40 25.55
N VAL C 273 -1.11 -29.12 24.57
CA VAL C 273 -1.77 -28.48 23.43
C VAL C 273 -3.11 -29.13 23.15
N ASP C 274 -4.13 -28.28 23.06
CA ASP C 274 -5.52 -28.73 22.95
C ASP C 274 -6.11 -28.43 21.59
N PHE C 275 -6.85 -29.40 21.08
CA PHE C 275 -7.55 -29.28 19.81
C PHE C 275 -9.05 -29.30 20.01
N ALA C 276 -9.72 -28.35 19.38
CA ALA C 276 -11.17 -28.30 19.36
C ALA C 276 -11.68 -29.28 18.31
N ALA C 277 -12.91 -29.75 18.48
CA ALA C 277 -13.55 -30.56 17.46
C ALA C 277 -13.64 -29.76 16.16
N GLY C 278 -13.16 -30.37 15.07
CA GLY C 278 -13.16 -29.73 13.77
C GLY C 278 -11.99 -28.79 13.53
N GLU C 279 -11.12 -28.65 14.54
CA GLU C 279 -9.99 -27.73 14.40
C GLU C 279 -8.96 -28.26 13.41
N GLU C 280 -8.50 -27.38 12.52
CA GLU C 280 -7.55 -27.76 11.47
C GLU C 280 -6.15 -27.19 11.71
N MET C 281 -5.14 -28.01 11.41
CA MET C 281 -3.74 -27.64 11.60
C MET C 281 -3.01 -27.69 10.26
N LEU C 282 -2.33 -26.59 9.91
CA LEU C 282 -1.66 -26.48 8.62
C LEU C 282 -0.33 -27.20 8.61
N THR C 283 -0.23 -28.26 7.81
CA THR C 283 0.99 -29.07 7.78
C THR C 283 1.85 -28.81 6.53
N ALA C 284 1.23 -28.35 5.45
CA ALA C 284 1.99 -27.98 4.25
C ALA C 284 1.23 -27.05 3.32
N VAL C 285 1.99 -26.28 2.55
CA VAL C 285 1.45 -25.63 1.36
C VAL C 285 2.19 -26.16 0.16
N SER C 286 1.53 -26.09 -0.99
CA SER C 286 2.19 -26.36 -2.25
C SER C 286 1.76 -25.28 -3.22
N CYS C 287 2.58 -24.24 -3.35
CA CYS C 287 2.23 -23.07 -4.15
C CYS C 287 2.33 -23.46 -5.61
N LYS C 288 1.36 -23.01 -6.39
CA LYS C 288 1.35 -23.24 -7.82
C LYS C 288 1.65 -21.93 -8.52
N PHE C 289 2.33 -22.01 -9.67
CA PHE C 289 2.92 -20.82 -10.30
C PHE C 289 2.36 -20.49 -11.67
N ARG C 290 2.48 -19.21 -12.03
CA ARG C 290 2.28 -18.71 -13.40
C ARG C 290 3.65 -18.42 -14.01
N PRO C 291 3.82 -18.65 -15.32
CA PRO C 291 5.17 -18.56 -15.88
C PRO C 291 5.86 -17.21 -15.68
N GLU C 292 5.09 -16.13 -15.75
CA GLU C 292 5.62 -14.78 -15.68
C GLU C 292 6.11 -14.42 -14.27
N ASN C 293 5.48 -15.03 -13.26
CA ASN C 293 5.85 -14.80 -11.88
C ASN C 293 7.13 -15.54 -11.51
N VAL C 294 7.38 -16.68 -12.16
CA VAL C 294 8.63 -17.40 -11.93
C VAL C 294 9.79 -16.51 -12.39
N VAL C 295 9.65 -15.88 -13.56
CA VAL C 295 10.68 -14.97 -14.08
C VAL C 295 10.98 -13.84 -13.11
N ALA C 296 9.94 -13.28 -12.51
CA ALA C 296 10.08 -12.08 -11.68
C ALA C 296 10.65 -12.40 -10.29
N GLU C 297 10.27 -13.54 -9.73
CA GLU C 297 10.80 -13.97 -8.43
C GLU C 297 12.30 -14.21 -8.56
N LEU C 298 12.70 -14.86 -9.65
CA LEU C 298 14.12 -15.10 -9.92
C LEU C 298 14.88 -13.78 -10.00
N ALA C 299 14.33 -12.87 -10.81
CA ALA C 299 14.93 -11.57 -11.05
C ALA C 299 15.07 -10.78 -9.74
N GLU C 300 14.06 -10.86 -8.88
CA GLU C 300 14.10 -10.17 -7.61
C GLU C 300 15.25 -10.70 -6.76
N ALA C 301 15.55 -12.00 -6.92
CA ALA C 301 16.63 -12.63 -6.18
C ALA C 301 18.03 -12.41 -6.82
N GLY C 302 18.07 -11.80 -8.00
CA GLY C 302 19.32 -11.52 -8.70
C GLY C 302 19.70 -12.55 -9.76
N LEU C 303 18.78 -13.47 -10.06
CA LEU C 303 19.01 -14.51 -11.06
C LEU C 303 18.23 -14.25 -12.34
N ARG C 304 18.89 -14.43 -13.49
CA ARG C 304 18.30 -14.15 -14.78
C ARG C 304 17.89 -15.43 -15.52
N GLN C 305 16.59 -15.62 -15.70
CA GLN C 305 16.12 -16.80 -16.42
C GLN C 305 16.54 -16.71 -17.89
N THR C 306 17.21 -17.75 -18.36
CA THR C 306 17.73 -17.79 -19.73
C THR C 306 16.95 -18.78 -20.59
N HIS C 307 16.34 -19.77 -19.95
CA HIS C 307 15.54 -20.76 -20.65
C HIS C 307 14.28 -21.11 -19.87
N TRP C 308 13.22 -21.42 -20.60
CA TRP C 308 11.95 -21.81 -19.99
C TRP C 308 11.39 -22.98 -20.79
N TRP C 309 11.05 -24.08 -20.12
CA TRP C 309 10.53 -25.26 -20.81
C TRP C 309 9.27 -25.75 -20.13
N THR C 310 8.30 -26.21 -20.92
CA THR C 310 7.14 -26.92 -20.38
C THR C 310 6.80 -28.18 -21.19
N ASP C 311 6.01 -29.06 -20.59
CA ASP C 311 5.37 -30.15 -21.29
C ASP C 311 4.36 -29.55 -22.26
N PRO C 312 3.89 -30.34 -23.24
CA PRO C 312 2.93 -29.84 -24.25
C PRO C 312 1.61 -29.31 -23.68
N ALA C 313 1.22 -29.79 -22.50
CA ALA C 313 -0.03 -29.38 -21.85
C ALA C 313 0.13 -28.10 -21.02
N GLY C 314 1.38 -27.77 -20.68
CA GLY C 314 1.66 -26.65 -19.80
C GLY C 314 1.39 -26.97 -18.34
N ASP C 315 1.42 -28.25 -17.98
CA ASP C 315 1.16 -28.66 -16.62
C ASP C 315 2.26 -28.22 -15.65
N PHE C 316 3.49 -28.11 -16.17
CA PHE C 316 4.70 -27.99 -15.35
C PHE C 316 5.78 -27.20 -16.10
N GLY C 317 6.52 -26.35 -15.39
CA GLY C 317 7.55 -25.54 -16.00
C GLY C 317 8.94 -25.79 -15.41
N LEU C 318 9.94 -25.72 -16.27
CA LEU C 318 11.34 -25.84 -15.87
C LEU C 318 12.08 -24.59 -16.33
N SER C 319 12.72 -23.92 -15.37
CA SER C 319 13.49 -22.72 -15.65
C SER C 319 15.00 -22.92 -15.46
N LEU C 320 15.78 -22.40 -16.39
CA LEU C 320 17.22 -22.29 -16.22
C LEU C 320 17.56 -20.80 -16.07
N ALA C 321 18.21 -20.46 -14.96
CA ALA C 321 18.58 -19.08 -14.68
C ALA C 321 20.05 -19.06 -14.29
N VAL C 322 20.69 -17.92 -14.48
CA VAL C 322 22.12 -17.84 -14.26
C VAL C 322 22.43 -16.63 -13.40
N ARG C 323 23.49 -16.79 -12.62
CA ARG C 323 24.04 -15.77 -11.76
C ARG C 323 25.06 -14.96 -12.52
N SER D 6 -6.70 21.96 20.45
CA SER D 6 -6.73 20.55 20.18
C SER D 6 -7.49 20.27 18.90
N LEU D 7 -6.70 20.04 17.87
CA LEU D 7 -7.16 19.88 16.51
C LEU D 7 -7.38 18.43 16.09
N ALA D 8 -8.33 18.18 15.18
CA ALA D 8 -8.42 16.95 14.44
C ALA D 8 -7.72 17.18 13.10
N ASN D 9 -6.45 16.80 12.98
CA ASN D 9 -5.68 17.16 11.79
C ASN D 9 -5.67 16.07 10.72
N TYR D 10 -6.37 16.34 9.62
CA TYR D 10 -6.42 15.43 8.48
C TYR D 10 -5.37 15.81 7.43
N LEU D 11 -4.71 16.94 7.63
CA LEU D 11 -3.66 17.40 6.73
C LEU D 11 -2.30 17.42 7.43
N ALA D 12 -1.88 16.26 7.92
CA ALA D 12 -0.54 16.13 8.50
C ALA D 12 0.49 16.34 7.39
N ALA D 13 1.75 16.54 7.76
CA ALA D 13 2.78 16.93 6.80
C ALA D 13 2.95 15.93 5.65
N ASP D 14 2.75 14.64 5.94
CA ASP D 14 2.86 13.62 4.90
C ASP D 14 1.72 13.78 3.87
N SER D 15 0.48 13.84 4.33
CA SER D 15 -0.68 13.96 3.44
C SER D 15 -0.72 15.28 2.67
N ALA D 16 -0.28 16.36 3.32
CA ALA D 16 -0.22 17.67 2.67
C ALA D 16 0.88 17.69 1.61
N ALA D 17 2.01 17.08 1.93
CA ALA D 17 3.14 17.07 1.02
C ALA D 17 2.79 16.21 -0.20
N GLU D 18 2.06 15.12 0.03
CA GLU D 18 1.64 14.25 -1.07
C GLU D 18 0.64 14.97 -2.00
N ALA D 19 -0.34 15.67 -1.42
CA ALA D 19 -1.32 16.41 -2.21
C ALA D 19 -0.69 17.53 -3.02
N LEU D 20 0.29 18.22 -2.45
CA LEU D 20 0.95 19.30 -3.14
C LEU D 20 1.79 18.79 -4.31
N ARG D 21 2.49 17.69 -4.11
CA ARG D 21 3.30 17.09 -5.18
C ARG D 21 2.42 16.76 -6.38
N ARG D 22 1.26 16.17 -6.11
CA ARG D 22 0.29 15.84 -7.14
C ARG D 22 -0.20 17.09 -7.87
N ASP D 23 -0.61 18.10 -7.10
CA ASP D 23 -1.21 19.31 -7.65
C ASP D 23 -0.20 20.11 -8.48
N VAL D 24 1.04 20.13 -8.01
CA VAL D 24 2.09 20.92 -8.67
C VAL D 24 2.55 20.22 -9.95
N ARG D 25 2.71 18.90 -9.90
CA ARG D 25 3.09 18.16 -11.10
C ARG D 25 2.01 18.30 -12.17
N ALA D 26 0.75 18.13 -11.79
CA ALA D 26 -0.34 18.21 -12.76
C ALA D 26 -0.47 19.62 -13.33
N GLY D 27 -0.39 20.63 -12.48
CA GLY D 27 -0.58 21.99 -12.92
C GLY D 27 0.53 22.49 -13.83
N LEU D 28 1.78 22.19 -13.49
CA LEU D 28 2.91 22.77 -14.22
C LEU D 28 3.23 22.04 -15.52
N THR D 29 2.74 20.81 -15.64
CA THR D 29 3.00 20.04 -16.86
C THR D 29 1.80 20.09 -17.79
N ALA D 30 0.84 20.94 -17.48
CA ALA D 30 -0.32 21.17 -18.35
C ALA D 30 -0.01 22.25 -19.40
N THR D 31 -0.73 22.23 -20.52
CA THR D 31 -0.55 23.23 -21.58
C THR D 31 -0.82 24.62 -21.02
N GLN D 32 -1.95 24.74 -20.33
CA GLN D 32 -2.23 25.91 -19.51
C GLN D 32 -1.78 25.63 -18.08
N LYS D 33 -0.67 26.23 -17.67
CA LYS D 33 -0.14 25.97 -16.35
C LYS D 33 -1.09 26.54 -15.30
N SER D 34 -1.12 25.92 -14.13
CA SER D 34 -1.95 26.44 -13.06
C SER D 34 -1.48 25.91 -11.72
N LEU D 35 -1.87 26.60 -10.67
CA LEU D 35 -1.67 26.13 -9.31
C LEU D 35 -2.99 26.33 -8.55
N PRO D 36 -3.39 25.36 -7.72
CA PRO D 36 -4.64 25.55 -6.97
C PRO D 36 -4.54 26.60 -5.85
N PRO D 37 -5.56 27.46 -5.68
CA PRO D 37 -5.45 28.54 -4.68
C PRO D 37 -5.40 28.07 -3.22
N LYS D 38 -5.78 26.82 -2.97
CA LYS D 38 -5.73 26.26 -1.63
C LYS D 38 -4.34 26.44 -1.01
N TRP D 39 -3.31 26.48 -1.86
CA TRP D 39 -1.94 26.49 -1.39
C TRP D 39 -1.40 27.89 -1.15
N PHE D 40 -2.24 28.90 -1.41
CA PHE D 40 -1.90 30.29 -1.05
C PHE D 40 -1.73 30.43 0.44
N TYR D 41 -2.44 29.59 1.19
CA TYR D 41 -2.69 29.89 2.59
C TYR D 41 -1.75 29.13 3.51
N ASP D 42 -0.48 29.49 3.46
CA ASP D 42 0.42 29.14 4.55
C ASP D 42 0.47 30.35 5.50
N ALA D 43 1.31 30.29 6.53
CA ALA D 43 1.36 31.36 7.54
C ALA D 43 1.44 32.74 6.87
N VAL D 44 2.40 32.87 5.96
CA VAL D 44 2.65 34.14 5.26
C VAL D 44 1.45 34.54 4.40
N GLY D 45 0.89 33.58 3.67
CA GLY D 45 -0.21 33.87 2.78
C GLY D 45 -1.47 34.23 3.54
N SER D 46 -1.71 33.56 4.66
CA SER D 46 -2.87 33.89 5.49
C SER D 46 -2.76 35.32 6.03
N ASP D 47 -1.54 35.76 6.33
CA ASP D 47 -1.36 37.11 6.85
C ASP D 47 -1.55 38.19 5.79
N LEU D 48 -1.17 37.86 4.56
CA LEU D 48 -1.37 38.73 3.43
C LEU D 48 -2.87 38.82 3.12
N PHE D 49 -3.56 37.69 3.19
CA PHE D 49 -5.00 37.75 3.01
C PHE D 49 -5.64 38.64 4.05
N ASP D 50 -5.20 38.52 5.31
CA ASP D 50 -5.75 39.35 6.37
C ASP D 50 -5.59 40.81 5.96
N GLN D 51 -4.44 41.12 5.38
CA GLN D 51 -4.21 42.47 4.86
C GLN D 51 -5.11 42.83 3.66
N ILE D 52 -5.34 41.88 2.75
CA ILE D 52 -6.28 42.12 1.65
C ILE D 52 -7.66 42.59 2.17
N THR D 53 -8.13 42.02 3.29
CA THR D 53 -9.50 42.27 3.74
C THR D 53 -9.73 43.72 4.17
N ARG D 54 -8.64 44.46 4.40
CA ARG D 54 -8.76 45.85 4.83
C ARG D 54 -8.38 46.85 3.74
N LEU D 55 -8.09 46.35 2.55
CA LEU D 55 -7.73 47.21 1.40
C LEU D 55 -8.93 48.02 0.93
N PRO D 56 -8.71 49.27 0.51
CA PRO D 56 -9.85 50.08 0.06
C PRO D 56 -10.56 49.50 -1.18
N GLU D 57 -9.78 48.92 -2.07
CA GLU D 57 -10.32 48.30 -3.29
C GLU D 57 -11.11 47.03 -3.01
N TYR D 58 -10.74 46.32 -1.94
CA TYR D 58 -11.32 45.01 -1.69
C TYR D 58 -12.56 45.13 -0.80
N TYR D 59 -13.69 45.46 -1.42
CA TYR D 59 -14.94 45.69 -0.71
C TYR D 59 -15.59 44.44 -0.07
N PRO D 60 -15.30 43.21 -0.57
CA PRO D 60 -16.14 42.10 -0.04
C PRO D 60 -16.16 41.88 1.49
N THR D 61 -15.03 41.95 2.17
CA THR D 61 -15.00 41.64 3.60
C THR D 61 -15.79 42.64 4.44
N ARG D 62 -15.55 43.94 4.27
CA ARG D 62 -16.28 44.90 5.08
C ARG D 62 -17.77 44.89 4.72
N THR D 63 -18.09 44.55 3.47
CA THR D 63 -19.48 44.51 3.03
C THR D 63 -20.24 43.36 3.68
N GLU D 64 -19.66 42.17 3.67
CA GLU D 64 -20.27 41.01 4.33
C GLU D 64 -20.31 41.24 5.85
N ALA D 65 -19.27 41.85 6.39
CA ALA D 65 -19.22 42.18 7.81
C ALA D 65 -20.39 43.09 8.18
N GLN D 66 -20.68 44.06 7.33
CA GLN D 66 -21.76 45.00 7.60
C GLN D 66 -23.10 44.26 7.65
N ILE D 67 -23.34 43.37 6.69
CA ILE D 67 -24.58 42.60 6.64
C ILE D 67 -24.71 41.73 7.88
N LEU D 68 -23.62 41.07 8.24
CA LEU D 68 -23.62 40.21 9.43
C LEU D 68 -23.84 41.02 10.69
N ARG D 69 -23.30 42.23 10.75
CA ARG D 69 -23.38 43.00 11.98
C ARG D 69 -24.81 43.51 12.17
N THR D 70 -25.54 43.63 11.07
CA THR D 70 -26.95 44.02 11.09
C THR D 70 -27.89 42.82 11.22
N ARG D 71 -27.55 41.67 10.65
CA ARG D 71 -28.50 40.54 10.47
C ARG D 71 -28.18 39.24 11.23
N SER D 72 -27.10 39.20 11.98
CA SER D 72 -26.75 37.97 12.70
C SER D 72 -27.85 37.44 13.61
N ALA D 73 -28.51 38.33 14.34
CA ALA D 73 -29.63 37.88 15.20
C ALA D 73 -30.76 37.25 14.38
N GLU D 74 -31.04 37.82 13.22
CA GLU D 74 -32.06 37.27 12.33
C GLU D 74 -31.63 35.91 11.81
N ILE D 75 -30.35 35.80 11.51
CA ILE D 75 -29.79 34.56 11.00
C ILE D 75 -29.90 33.47 12.05
N ILE D 76 -29.55 33.82 13.28
CA ILE D 76 -29.55 32.86 14.37
C ILE D 76 -30.96 32.47 14.78
N SER D 77 -31.88 33.43 14.65
CA SER D 77 -33.30 33.18 14.87
C SER D 77 -33.80 32.12 13.89
N ALA D 78 -33.51 32.31 12.61
CA ALA D 78 -33.93 31.37 11.57
C ALA D 78 -33.28 30.01 11.72
N ALA D 79 -31.99 30.00 12.06
CA ALA D 79 -31.23 28.75 12.15
C ALA D 79 -31.52 27.97 13.43
N GLY D 80 -31.53 28.66 14.57
CA GLY D 80 -31.80 28.02 15.84
C GLY D 80 -30.75 26.98 16.22
N ALA D 81 -29.57 27.11 15.63
CA ALA D 81 -28.49 26.17 15.85
C ALA D 81 -27.75 26.42 17.18
N ASP D 82 -27.15 25.37 17.73
CA ASP D 82 -26.26 25.47 18.90
C ASP D 82 -24.80 25.18 18.54
N THR D 83 -24.58 24.74 17.31
CA THR D 83 -23.24 24.39 16.85
C THR D 83 -22.88 25.19 15.60
N LEU D 84 -21.85 26.02 15.71
CA LEU D 84 -21.41 26.80 14.55
C LEU D 84 -20.22 26.12 13.90
N VAL D 85 -20.39 25.75 12.62
CA VAL D 85 -19.34 25.15 11.81
C VAL D 85 -18.88 26.17 10.76
N GLU D 86 -17.60 26.54 10.78
CA GLU D 86 -17.09 27.50 9.78
C GLU D 86 -16.05 26.89 8.86
N LEU D 87 -16.42 26.88 7.56
CA LEU D 87 -15.55 26.37 6.50
C LEU D 87 -14.66 27.50 5.98
N GLY D 88 -13.36 27.25 5.92
CA GLY D 88 -12.42 28.29 5.53
C GLY D 88 -12.53 29.48 6.47
N SER D 89 -12.26 29.20 7.73
CA SER D 89 -12.59 30.13 8.81
C SER D 89 -11.63 31.33 8.95
N GLY D 90 -10.35 31.13 8.66
CA GLY D 90 -9.37 32.19 8.85
C GLY D 90 -9.36 32.75 10.27
N THR D 91 -9.37 34.08 10.38
CA THR D 91 -9.25 34.75 11.66
C THR D 91 -10.55 34.81 12.44
N SER D 92 -11.65 34.46 11.79
CA SER D 92 -12.96 34.45 12.41
C SER D 92 -13.36 35.81 13.02
N GLU D 93 -13.04 36.89 12.31
CA GLU D 93 -13.46 38.23 12.72
C GLU D 93 -14.96 38.43 12.49
N LYS D 94 -15.45 37.90 11.37
CA LYS D 94 -16.87 37.99 11.04
C LYS D 94 -17.64 37.00 11.90
N THR D 95 -16.96 35.94 12.30
CA THR D 95 -17.56 34.85 13.06
C THR D 95 -18.05 35.25 14.46
N ARG D 96 -17.39 36.24 15.06
CA ARG D 96 -17.81 36.69 16.38
C ARG D 96 -19.25 37.24 16.37
N MET D 97 -19.64 37.83 15.25
CA MET D 97 -20.98 38.40 15.14
C MET D 97 -22.03 37.32 15.26
N LEU D 98 -21.79 36.20 14.59
CA LEU D 98 -22.68 35.05 14.68
C LEU D 98 -22.64 34.41 16.09
N LEU D 99 -21.44 34.25 16.65
CA LEU D 99 -21.31 33.67 18.00
C LEU D 99 -22.03 34.50 19.08
N ASP D 100 -21.91 35.81 18.95
CA ASP D 100 -22.55 36.73 19.89
C ASP D 100 -24.07 36.60 19.82
N ALA D 101 -24.58 36.49 18.60
CA ALA D 101 -26.01 36.28 18.37
C ALA D 101 -26.47 34.98 19.02
N MET D 102 -25.66 33.94 18.89
CA MET D 102 -25.96 32.65 19.50
C MET D 102 -25.93 32.73 21.03
N ARG D 103 -25.02 33.54 21.54
CA ARG D 103 -24.93 33.69 22.99
C ARG D 103 -26.14 34.48 23.52
N ASP D 104 -26.51 35.55 22.83
CA ASP D 104 -27.72 36.32 23.15
C ASP D 104 -28.96 35.43 23.20
N ALA D 105 -29.01 34.47 22.28
CA ALA D 105 -30.14 33.56 22.21
C ALA D 105 -30.01 32.38 23.19
N GLU D 106 -28.95 32.36 23.98
CA GLU D 106 -28.67 31.25 24.90
C GLU D 106 -28.68 29.90 24.14
N LEU D 107 -28.16 29.93 22.92
CA LEU D 107 -28.10 28.75 22.06
C LEU D 107 -26.69 28.15 21.99
N LEU D 108 -25.68 28.98 22.20
CA LEU D 108 -24.31 28.63 21.81
C LEU D 108 -23.76 27.50 22.64
N ARG D 109 -23.40 26.39 21.99
CA ARG D 109 -22.87 25.21 22.69
C ARG D 109 -21.52 24.79 22.13
N ARG D 110 -21.31 24.99 20.83
CA ARG D 110 -20.18 24.38 20.15
C ARG D 110 -19.69 25.18 18.96
N PHE D 111 -18.37 25.26 18.80
CA PHE D 111 -17.75 25.93 17.64
C PHE D 111 -16.76 24.97 16.97
N ILE D 112 -16.96 24.79 15.66
CA ILE D 112 -16.13 23.88 14.86
C ILE D 112 -15.51 24.64 13.69
N PRO D 113 -14.35 25.28 13.92
CA PRO D 113 -13.64 25.96 12.82
C PRO D 113 -12.95 24.95 11.89
N PHE D 114 -12.97 25.22 10.58
CA PHE D 114 -12.48 24.27 9.59
C PHE D 114 -11.59 25.04 8.60
N ASP D 115 -10.34 24.62 8.45
CA ASP D 115 -9.39 25.35 7.60
C ASP D 115 -8.19 24.48 7.24
N VAL D 116 -7.62 24.75 6.07
CA VAL D 116 -6.42 24.06 5.61
C VAL D 116 -5.16 24.52 6.38
N ASP D 117 -5.21 25.72 6.94
CA ASP D 117 -4.08 26.29 7.69
C ASP D 117 -4.27 26.08 9.18
N ALA D 118 -3.55 25.12 9.77
CA ALA D 118 -3.70 24.83 11.19
C ALA D 118 -3.39 26.05 12.06
N GLY D 119 -2.51 26.93 11.57
CA GLY D 119 -2.16 28.15 12.29
C GLY D 119 -3.33 29.05 12.66
N VAL D 120 -4.20 29.37 11.70
CA VAL D 120 -5.32 30.27 12.00
C VAL D 120 -6.33 29.60 12.93
N LEU D 121 -6.41 28.27 12.87
CA LEU D 121 -7.32 27.54 13.76
C LEU D 121 -6.88 27.72 15.20
N ARG D 122 -5.58 27.67 15.44
CA ARG D 122 -5.06 27.84 16.79
C ARG D 122 -5.28 29.26 17.31
N SER D 123 -5.07 30.26 16.47
CA SER D 123 -5.34 31.65 16.82
C SER D 123 -6.81 31.88 17.17
N ALA D 124 -7.68 31.49 16.24
CA ALA D 124 -9.12 31.66 16.42
C ALA D 124 -9.62 30.87 17.61
N GLY D 125 -9.22 29.61 17.72
CA GLY D 125 -9.64 28.77 18.84
C GLY D 125 -9.32 29.36 20.20
N ALA D 126 -8.13 29.92 20.35
CA ALA D 126 -7.70 30.47 21.63
C ALA D 126 -8.50 31.71 22.00
N ALA D 127 -8.67 32.60 21.03
CA ALA D 127 -9.43 33.82 21.22
C ALA D 127 -10.89 33.51 21.58
N ILE D 128 -11.49 32.56 20.87
CA ILE D 128 -12.90 32.22 21.07
C ILE D 128 -13.14 31.45 22.37
N GLY D 129 -12.22 30.57 22.73
CA GLY D 129 -12.34 29.87 24.00
C GLY D 129 -12.41 30.85 25.15
N ALA D 130 -11.60 31.90 25.07
CA ALA D 130 -11.44 32.84 26.17
C ALA D 130 -12.62 33.82 26.29
N GLU D 131 -13.29 34.06 25.17
CA GLU D 131 -14.36 35.04 25.12
CA GLU D 131 -14.36 35.04 25.12
C GLU D 131 -15.72 34.40 25.35
N TYR D 132 -15.83 33.09 25.11
CA TYR D 132 -17.10 32.37 25.22
C TYR D 132 -17.03 31.20 26.23
N PRO D 133 -17.15 31.51 27.52
CA PRO D 133 -17.08 30.46 28.54
C PRO D 133 -18.12 29.36 28.33
N GLY D 134 -17.71 28.11 28.56
CA GLY D 134 -18.61 26.97 28.49
C GLY D 134 -18.79 26.37 27.11
N ILE D 135 -18.26 27.04 26.10
CA ILE D 135 -18.35 26.56 24.73
C ILE D 135 -17.36 25.42 24.51
N GLU D 136 -17.73 24.48 23.65
CA GLU D 136 -16.82 23.42 23.21
C GLU D 136 -16.27 23.79 21.84
N ILE D 137 -14.94 23.75 21.72
CA ILE D 137 -14.28 24.09 20.45
C ILE D 137 -13.58 22.86 19.91
N ASP D 138 -14.06 22.38 18.77
CA ASP D 138 -13.49 21.22 18.08
C ASP D 138 -13.05 21.62 16.68
N ALA D 139 -11.76 21.89 16.53
CA ALA D 139 -11.18 22.33 15.27
C ALA D 139 -10.91 21.16 14.34
N VAL D 140 -11.16 21.37 13.06
CA VAL D 140 -10.86 20.37 12.02
C VAL D 140 -9.94 20.99 10.98
N CYS D 141 -8.76 20.40 10.82
CA CYS D 141 -7.82 20.81 9.78
C CYS D 141 -7.95 19.89 8.59
N GLY D 142 -8.43 20.44 7.49
CA GLY D 142 -8.63 19.65 6.29
C GLY D 142 -9.00 20.54 5.12
N ASP D 143 -9.34 19.88 4.02
CA ASP D 143 -9.70 20.47 2.75
C ASP D 143 -11.21 20.36 2.64
N PHE D 144 -11.92 21.46 2.42
CA PHE D 144 -13.38 21.41 2.40
C PHE D 144 -13.92 20.77 1.11
N GLU D 145 -13.01 20.41 0.20
CA GLU D 145 -13.40 19.62 -0.98
C GLU D 145 -13.27 18.13 -0.73
N GLU D 146 -12.70 17.76 0.40
CA GLU D 146 -12.38 16.36 0.68
C GLU D 146 -12.82 15.85 2.04
N HIS D 147 -12.88 16.71 3.06
CA HIS D 147 -13.01 16.23 4.44
C HIS D 147 -14.24 16.74 5.18
N LEU D 148 -15.27 17.15 4.45
CA LEU D 148 -16.51 17.57 5.10
C LEU D 148 -17.13 16.43 5.93
N GLY D 149 -16.86 15.18 5.54
CA GLY D 149 -17.39 14.04 6.24
C GLY D 149 -16.79 13.87 7.62
N LYS D 150 -15.69 14.60 7.88
CA LYS D 150 -14.97 14.50 9.16
C LYS D 150 -15.56 15.44 10.20
N ILE D 151 -16.46 16.33 9.78
CA ILE D 151 -17.16 17.21 10.70
C ILE D 151 -18.18 16.38 11.48
N PRO D 152 -18.11 16.43 12.82
CA PRO D 152 -19.02 15.58 13.59
C PRO D 152 -20.50 15.98 13.48
N HIS D 153 -21.34 14.96 13.51
CA HIS D 153 -22.78 15.13 13.46
C HIS D 153 -23.32 15.25 14.88
N VAL D 154 -23.28 16.47 15.38
CA VAL D 154 -23.67 16.79 16.74
C VAL D 154 -24.52 18.04 16.74
N GLY D 155 -25.48 18.10 17.65
CA GLY D 155 -26.37 19.24 17.79
C GLY D 155 -27.13 19.59 16.53
N ARG D 156 -27.58 20.85 16.47
CA ARG D 156 -28.09 21.44 15.25
C ARG D 156 -27.01 22.36 14.74
N ARG D 157 -26.58 22.14 13.51
CA ARG D 157 -25.41 22.84 12.99
C ARG D 157 -25.78 23.93 11.98
N LEU D 158 -25.22 25.11 12.22
CA LEU D 158 -25.18 26.19 11.25
C LEU D 158 -23.81 26.19 10.61
N VAL D 159 -23.74 25.67 9.40
CA VAL D 159 -22.52 25.66 8.61
C VAL D 159 -22.40 26.98 7.88
N VAL D 160 -21.28 27.65 8.08
CA VAL D 160 -21.00 28.97 7.56
CA VAL D 160 -21.07 28.95 7.46
C VAL D 160 -19.85 28.94 6.56
N PHE D 161 -20.00 29.57 5.40
CA PHE D 161 -18.98 29.59 4.37
C PHE D 161 -18.98 31.00 3.84
N LEU D 162 -18.13 31.84 4.45
CA LEU D 162 -18.18 33.27 4.19
C LEU D 162 -17.13 33.66 3.15
N GLY D 163 -17.08 34.95 2.86
CA GLY D 163 -15.99 35.51 2.09
C GLY D 163 -16.08 35.27 0.60
N SER D 164 -17.21 34.72 0.14
CA SER D 164 -17.36 34.29 -1.25
C SER D 164 -16.29 33.27 -1.64
N THR D 165 -15.81 32.51 -0.67
CA THR D 165 -14.82 31.48 -0.93
C THR D 165 -15.41 30.37 -1.81
N ILE D 166 -16.73 30.22 -1.81
CA ILE D 166 -17.37 29.28 -2.74
C ILE D 166 -17.15 29.68 -4.20
N GLY D 167 -16.83 30.94 -4.44
CA GLY D 167 -16.55 31.44 -5.78
C GLY D 167 -15.13 31.07 -6.24
N ASN D 168 -14.32 30.51 -5.35
CA ASN D 168 -12.96 30.09 -5.66
C ASN D 168 -12.96 28.66 -6.21
N LEU D 169 -14.16 28.12 -6.34
CA LEU D 169 -14.39 26.88 -7.03
C LEU D 169 -15.07 27.22 -8.36
N THR D 170 -14.56 26.68 -9.46
CA THR D 170 -15.24 26.71 -10.75
C THR D 170 -16.51 25.85 -10.71
N PRO D 171 -17.39 25.99 -11.71
CA PRO D 171 -18.72 25.35 -11.63
C PRO D 171 -18.74 23.86 -11.35
N ALA D 172 -17.89 23.05 -12.00
CA ALA D 172 -17.98 21.61 -11.78
C ALA D 172 -17.55 21.20 -10.35
N PRO D 173 -16.36 21.67 -9.87
CA PRO D 173 -16.03 21.37 -8.46
C PRO D 173 -16.98 22.04 -7.45
N ARG D 174 -17.54 23.18 -7.81
CA ARG D 174 -18.45 23.89 -6.92
C ARG D 174 -19.73 23.09 -6.70
N ALA D 175 -20.27 22.52 -7.77
CA ALA D 175 -21.44 21.65 -7.67
C ALA D 175 -21.15 20.43 -6.82
N GLU D 176 -19.97 19.85 -7.03
CA GLU D 176 -19.62 18.62 -6.31
C GLU D 176 -19.49 18.96 -4.84
N PHE D 177 -18.93 20.13 -4.55
CA PHE D 177 -18.80 20.59 -3.17
C PHE D 177 -20.18 20.78 -2.52
N LEU D 178 -21.09 21.50 -3.18
CA LEU D 178 -22.40 21.77 -2.57
C LEU D 178 -23.17 20.48 -2.35
N SER D 179 -23.10 19.56 -3.32
CA SER D 179 -23.82 18.30 -3.23
C SER D 179 -23.29 17.47 -2.05
N THR D 180 -21.97 17.48 -1.89
CA THR D 180 -21.30 16.72 -0.82
C THR D 180 -21.59 17.34 0.54
N LEU D 181 -21.61 18.67 0.61
CA LEU D 181 -21.94 19.34 1.85
C LEU D 181 -23.38 19.04 2.24
N ALA D 182 -24.29 19.12 1.26
CA ALA D 182 -25.70 18.84 1.50
C ALA D 182 -25.89 17.45 2.08
N ASP D 183 -25.17 16.46 1.54
CA ASP D 183 -25.29 15.10 2.03
C ASP D 183 -24.79 14.93 3.48
N THR D 184 -23.85 15.78 3.93
CA THR D 184 -23.38 15.71 5.33
C THR D 184 -24.33 16.39 6.30
N LEU D 185 -25.22 17.24 5.80
CA LEU D 185 -26.16 17.95 6.65
C LEU D 185 -27.29 17.03 7.13
N GLN D 186 -27.76 17.29 8.34
CA GLN D 186 -28.93 16.62 8.89
C GLN D 186 -30.16 17.53 8.75
N PRO D 187 -31.35 16.93 8.74
CA PRO D 187 -32.53 17.79 8.79
C PRO D 187 -32.46 18.74 9.96
N GLY D 188 -32.76 20.01 9.69
CA GLY D 188 -32.71 21.03 10.71
C GLY D 188 -31.44 21.84 10.60
N ASP D 189 -30.42 21.27 9.96
CA ASP D 189 -29.17 22.00 9.78
C ASP D 189 -29.36 23.06 8.71
N SER D 190 -28.48 24.06 8.71
CA SER D 190 -28.55 25.19 7.81
C SER D 190 -27.16 25.53 7.27
N LEU D 191 -27.15 26.13 6.07
CA LEU D 191 -25.96 26.62 5.41
C LEU D 191 -26.09 28.11 5.21
N LEU D 192 -25.11 28.85 5.73
CA LEU D 192 -25.05 30.28 5.53
C LEU D 192 -23.93 30.52 4.53
N LEU D 193 -24.30 31.01 3.35
CA LEU D 193 -23.39 31.15 2.22
C LEU D 193 -23.21 32.62 1.86
N GLY D 194 -21.96 33.10 1.86
CA GLY D 194 -21.67 34.47 1.45
C GLY D 194 -21.23 34.45 0.00
N THR D 195 -21.87 35.26 -0.83
CA THR D 195 -21.56 35.26 -2.26
C THR D 195 -21.45 36.69 -2.81
N ASP D 196 -20.29 37.01 -3.36
CA ASP D 196 -20.07 38.28 -4.02
C ASP D 196 -20.87 38.33 -5.32
N LEU D 197 -21.46 39.48 -5.61
CA LEU D 197 -22.38 39.58 -6.72
C LEU D 197 -21.80 40.33 -7.92
N VAL D 198 -22.30 39.96 -9.10
CA VAL D 198 -21.94 40.65 -10.33
C VAL D 198 -22.19 42.15 -10.16
N LYS D 199 -21.26 42.94 -10.70
CA LYS D 199 -21.29 44.39 -10.56
C LYS D 199 -20.33 44.98 -11.61
N ASP D 200 -20.10 46.28 -11.50
CA ASP D 200 -19.18 47.00 -12.40
C ASP D 200 -17.84 46.24 -12.52
N THR D 201 -17.42 45.98 -13.75
CA THR D 201 -16.21 45.24 -14.04
C THR D 201 -14.96 45.91 -13.46
N GLY D 202 -14.87 47.23 -13.62
CA GLY D 202 -13.80 48.00 -13.03
C GLY D 202 -13.64 47.76 -11.55
N ARG D 203 -14.74 47.82 -10.80
CA ARG D 203 -14.72 47.55 -9.37
C ARG D 203 -14.23 46.14 -9.07
N LEU D 204 -14.61 45.19 -9.92
CA LEU D 204 -14.25 43.80 -9.70
C LEU D 204 -12.76 43.60 -9.90
N VAL D 205 -12.22 44.13 -10.99
CA VAL D 205 -10.83 43.89 -11.31
C VAL D 205 -9.91 44.59 -10.30
N ARG D 206 -10.29 45.81 -9.89
CA ARG D 206 -9.48 46.58 -8.94
C ARG D 206 -9.47 45.88 -7.57
N ALA D 207 -10.54 45.16 -7.25
CA ALA D 207 -10.58 44.45 -5.99
C ALA D 207 -9.51 43.35 -5.91
N TYR D 208 -9.00 42.92 -7.07
CA TYR D 208 -7.98 41.86 -7.11
C TYR D 208 -6.69 42.37 -7.71
N ASP D 209 -6.46 43.68 -7.57
CA ASP D 209 -5.29 44.32 -8.17
C ASP D 209 -5.10 45.71 -7.52
N ASP D 210 -4.94 45.68 -6.20
CA ASP D 210 -4.87 46.89 -5.39
C ASP D 210 -3.61 47.68 -5.64
N ALA D 211 -3.66 48.99 -5.40
CA ALA D 211 -2.50 49.85 -5.58
C ALA D 211 -1.40 49.59 -4.55
N ALA D 212 -1.73 49.00 -3.42
CA ALA D 212 -0.71 48.74 -2.40
C ALA D 212 0.15 47.52 -2.74
N GLY D 213 -0.27 46.74 -3.75
CA GLY D 213 0.51 45.60 -4.21
C GLY D 213 0.37 44.35 -3.35
N VAL D 214 -0.61 44.35 -2.46
CA VAL D 214 -0.75 43.28 -1.48
C VAL D 214 -1.25 42.00 -2.13
N THR D 215 -2.17 42.11 -3.08
CA THR D 215 -2.74 40.92 -3.72
C THR D 215 -1.68 40.28 -4.60
N ALA D 216 -0.82 41.12 -5.19
CA ALA D 216 0.27 40.63 -6.01
C ALA D 216 1.21 39.80 -5.15
N ALA D 217 1.48 40.29 -3.94
CA ALA D 217 2.39 39.60 -3.05
C ALA D 217 1.73 38.31 -2.56
N PHE D 218 0.42 38.37 -2.37
CA PHE D 218 -0.35 37.20 -1.95
C PHE D 218 -0.23 36.13 -3.03
N ASN D 219 -0.39 36.57 -4.27
CA ASN D 219 -0.34 35.69 -5.43
C ASN D 219 1.06 35.10 -5.62
N ARG D 220 2.11 35.92 -5.50
CA ARG D 220 3.49 35.42 -5.65
CA ARG D 220 3.48 35.42 -5.66
C ARG D 220 3.87 34.48 -4.53
N ASN D 221 3.21 34.60 -3.39
CA ASN D 221 3.56 33.75 -2.26
C ASN D 221 3.30 32.26 -2.56
N VAL D 222 2.42 31.96 -3.51
CA VAL D 222 2.16 30.56 -3.86
C VAL D 222 3.40 29.95 -4.47
N LEU D 223 4.26 30.78 -5.06
CA LEU D 223 5.54 30.32 -5.57
C LEU D 223 6.51 30.08 -4.43
N ALA D 224 6.50 30.94 -3.42
CA ALA D 224 7.36 30.76 -2.25
C ALA D 224 6.97 29.47 -1.53
N VAL D 225 5.68 29.12 -1.59
CA VAL D 225 5.22 27.88 -0.99
C VAL D 225 5.80 26.69 -1.73
N VAL D 226 5.70 26.70 -3.05
CA VAL D 226 6.25 25.61 -3.85
C VAL D 226 7.77 25.57 -3.69
N ASN D 227 8.41 26.74 -3.65
CA ASN D 227 9.86 26.81 -3.46
C ASN D 227 10.28 26.14 -2.16
N ARG D 228 9.61 26.47 -1.06
CA ARG D 228 9.97 25.92 0.24
C ARG D 228 9.62 24.43 0.36
N GLU D 229 8.38 24.08 0.03
CA GLU D 229 7.89 22.73 0.30
C GLU D 229 8.45 21.70 -0.67
N LEU D 230 8.66 22.10 -1.92
CA LEU D 230 9.12 21.17 -2.95
C LEU D 230 10.53 21.52 -3.45
N SER D 231 11.22 22.38 -2.73
CA SER D 231 12.59 22.77 -3.08
C SER D 231 12.69 23.20 -4.54
N ALA D 232 11.91 24.21 -4.90
CA ALA D 232 11.92 24.77 -6.24
C ALA D 232 12.66 26.10 -6.25
N ASP D 233 12.89 26.63 -7.43
CA ASP D 233 13.69 27.85 -7.58
C ASP D 233 12.96 28.94 -8.35
N PHE D 234 11.66 29.11 -8.09
CA PHE D 234 10.95 30.26 -8.64
C PHE D 234 11.60 31.55 -8.14
N ASP D 235 11.89 32.49 -9.03
CA ASP D 235 12.25 33.85 -8.59
CA ASP D 235 12.25 33.85 -8.61
C ASP D 235 10.99 34.70 -8.64
N LEU D 236 10.42 34.94 -7.46
CA LEU D 236 9.13 35.62 -7.35
C LEU D 236 9.09 36.90 -8.18
N ASP D 237 10.19 37.66 -8.19
CA ASP D 237 10.26 38.94 -8.90
C ASP D 237 10.09 38.83 -10.42
N ALA D 238 10.17 37.63 -10.95
CA ALA D 238 10.12 37.42 -12.40
C ALA D 238 8.69 37.18 -12.92
N PHE D 239 7.73 37.07 -12.00
CA PHE D 239 6.33 36.83 -12.37
C PHE D 239 5.42 37.99 -12.00
N GLU D 240 4.62 38.42 -12.97
CA GLU D 240 3.73 39.57 -12.82
C GLU D 240 2.29 39.16 -12.51
N HIS D 241 1.74 39.72 -11.43
CA HIS D 241 0.35 39.52 -11.07
C HIS D 241 -0.55 40.17 -12.11
N VAL D 242 -1.53 39.40 -12.59
CA VAL D 242 -2.52 39.88 -13.53
C VAL D 242 -3.88 39.41 -13.09
N ALA D 243 -4.81 40.36 -12.96
CA ALA D 243 -6.20 40.05 -12.65
C ALA D 243 -7.05 40.39 -13.86
N LYS D 244 -7.86 39.44 -14.31
CA LYS D 244 -8.75 39.70 -15.46
C LYS D 244 -10.19 39.32 -15.13
N TRP D 245 -11.11 39.94 -15.87
CA TRP D 245 -12.53 39.59 -15.81
C TRP D 245 -12.88 38.73 -17.03
N ASN D 246 -13.35 37.52 -16.76
CA ASN D 246 -13.88 36.62 -17.78
C ASN D 246 -15.38 36.85 -17.87
N SER D 247 -15.81 37.52 -18.92
CA SER D 247 -17.19 37.97 -19.01
C SER D 247 -18.17 36.81 -19.22
N ASP D 248 -17.82 35.85 -20.09
CA ASP D 248 -18.71 34.72 -20.39
C ASP D 248 -19.01 33.92 -19.15
N GLU D 249 -18.01 33.78 -18.28
CA GLU D 249 -18.13 32.95 -17.08
C GLU D 249 -18.42 33.79 -15.85
N GLU D 250 -18.45 35.11 -16.02
CA GLU D 250 -18.67 36.05 -14.93
C GLU D 250 -17.81 35.73 -13.71
N ARG D 251 -16.49 35.72 -13.94
CA ARG D 251 -15.56 35.45 -12.87
C ARG D 251 -14.25 36.21 -13.07
N ILE D 252 -13.68 36.62 -11.95
CA ILE D 252 -12.32 37.10 -11.91
C ILE D 252 -11.37 35.91 -12.08
N GLU D 253 -10.29 36.11 -12.83
CA GLU D 253 -9.29 35.08 -13.02
C GLU D 253 -7.95 35.69 -12.67
N VAL D 254 -7.19 35.01 -11.80
CA VAL D 254 -5.90 35.51 -11.30
C VAL D 254 -4.74 34.70 -11.88
N TRP D 255 -3.79 35.42 -12.49
CA TRP D 255 -2.68 34.84 -13.21
C TRP D 255 -1.34 35.33 -12.68
N LEU D 256 -0.30 34.51 -12.85
CA LEU D 256 1.07 34.98 -12.75
C LEU D 256 1.68 34.91 -14.15
N ARG D 257 2.30 35.99 -14.60
CA ARG D 257 2.82 36.08 -15.94
C ARG D 257 4.34 36.25 -15.94
N ALA D 258 5.04 35.36 -16.63
CA ALA D 258 6.49 35.44 -16.72
C ALA D 258 6.89 36.67 -17.51
N ARG D 259 7.62 37.58 -16.86
CA ARG D 259 8.09 38.80 -17.52
C ARG D 259 9.13 38.47 -18.58
N THR D 260 9.97 37.50 -18.25
CA THR D 260 10.99 37.02 -19.16
C THR D 260 10.94 35.50 -19.14
N ALA D 261 11.66 34.86 -20.04
CA ALA D 261 11.73 33.40 -20.06
C ALA D 261 12.32 32.90 -18.73
N GLN D 262 11.75 31.83 -18.20
CA GLN D 262 12.18 31.28 -16.92
C GLN D 262 12.33 29.77 -17.01
N HIS D 263 13.40 29.26 -16.41
CA HIS D 263 13.56 27.83 -16.21
C HIS D 263 13.34 27.54 -14.74
N VAL D 264 12.43 26.61 -14.43
CA VAL D 264 12.14 26.28 -13.03
C VAL D 264 12.43 24.80 -12.76
N ARG D 265 13.16 24.54 -11.70
CA ARG D 265 13.42 23.17 -11.25
C ARG D 265 12.69 22.93 -9.94
N VAL D 266 11.81 21.94 -9.94
CA VAL D 266 11.14 21.48 -8.74
C VAL D 266 11.83 20.19 -8.27
N ALA D 267 12.79 20.33 -7.36
CA ALA D 267 13.68 19.23 -6.99
C ALA D 267 12.96 18.04 -6.36
N ALA D 268 11.88 18.29 -5.62
CA ALA D 268 11.15 17.21 -4.97
C ALA D 268 10.40 16.35 -5.98
N LEU D 269 10.14 16.91 -7.16
CA LEU D 269 9.44 16.19 -8.21
C LEU D 269 10.41 15.70 -9.28
N ASP D 270 11.68 16.04 -9.11
CA ASP D 270 12.69 15.78 -10.13
C ASP D 270 12.16 16.26 -11.48
N LEU D 271 11.69 17.51 -11.48
CA LEU D 271 11.00 18.06 -12.64
C LEU D 271 11.51 19.46 -12.96
N GLU D 272 11.78 19.69 -14.24
CA GLU D 272 12.16 21.01 -14.73
C GLU D 272 11.07 21.51 -15.66
N VAL D 273 10.64 22.76 -15.45
CA VAL D 273 9.62 23.39 -16.28
C VAL D 273 10.13 24.72 -16.81
N ASP D 274 9.67 25.08 -18.01
CA ASP D 274 10.05 26.33 -18.66
C ASP D 274 8.85 27.24 -18.89
N PHE D 275 9.06 28.53 -18.67
CA PHE D 275 8.05 29.54 -18.92
C PHE D 275 8.49 30.41 -20.07
N ALA D 276 7.63 30.57 -21.07
CA ALA D 276 7.89 31.51 -22.15
C ALA D 276 7.69 32.93 -21.62
N ALA D 277 8.35 33.89 -22.26
CA ALA D 277 8.12 35.29 -21.92
C ALA D 277 6.65 35.62 -22.14
N GLY D 278 6.00 36.14 -21.11
CA GLY D 278 4.59 36.48 -21.20
C GLY D 278 3.65 35.33 -20.91
N GLU D 279 4.19 34.13 -20.74
CA GLU D 279 3.32 32.98 -20.49
C GLU D 279 2.62 33.17 -19.13
N GLU D 280 1.32 32.88 -19.11
CA GLU D 280 0.47 33.11 -17.94
C GLU D 280 0.02 31.80 -17.30
N MET D 281 0.11 31.74 -15.97
CA MET D 281 -0.27 30.58 -15.18
C MET D 281 -1.45 30.91 -14.26
N LEU D 282 -2.55 30.19 -14.40
CA LEU D 282 -3.76 30.46 -13.62
C LEU D 282 -3.59 30.01 -12.17
N THR D 283 -3.63 30.96 -11.24
CA THR D 283 -3.46 30.64 -9.83
C THR D 283 -4.76 30.65 -9.01
N ALA D 284 -5.82 31.28 -9.54
CA ALA D 284 -7.12 31.31 -8.86
C ALA D 284 -8.24 31.94 -9.69
N VAL D 285 -9.46 31.57 -9.35
CA VAL D 285 -10.65 32.24 -9.88
CA VAL D 285 -10.64 32.22 -9.89
C VAL D 285 -11.49 32.75 -8.73
N SER D 286 -12.32 33.74 -9.02
CA SER D 286 -13.27 34.25 -8.04
C SER D 286 -14.56 34.54 -8.77
N CYS D 287 -15.41 33.52 -8.83
CA CYS D 287 -16.67 33.60 -9.54
C CYS D 287 -17.62 34.56 -8.85
N LYS D 288 -18.40 35.28 -9.65
CA LYS D 288 -19.37 36.22 -9.12
C LYS D 288 -20.78 35.74 -9.45
N PHE D 289 -21.73 36.11 -8.60
CA PHE D 289 -23.06 35.51 -8.63
C PHE D 289 -24.19 36.51 -8.84
N ARG D 290 -25.30 35.99 -9.35
CA ARG D 290 -26.57 36.68 -9.37
C ARG D 290 -27.50 36.00 -8.37
N PRO D 291 -28.38 36.75 -7.70
CA PRO D 291 -29.23 36.15 -6.68
C PRO D 291 -29.98 34.90 -7.16
N GLU D 292 -30.50 34.94 -8.38
CA GLU D 292 -31.31 33.84 -8.90
C GLU D 292 -30.45 32.58 -9.15
N ASN D 293 -29.18 32.77 -9.49
CA ASN D 293 -28.30 31.63 -9.72
C ASN D 293 -27.86 31.01 -8.39
N VAL D 294 -27.76 31.79 -7.32
CA VAL D 294 -27.46 31.22 -6.00
C VAL D 294 -28.61 30.28 -5.57
N VAL D 295 -29.85 30.74 -5.71
CA VAL D 295 -31.03 29.91 -5.45
C VAL D 295 -30.97 28.61 -6.24
N ALA D 296 -30.65 28.70 -7.52
CA ALA D 296 -30.64 27.54 -8.41
C ALA D 296 -29.52 26.54 -8.07
N GLU D 297 -28.31 27.02 -7.79
CA GLU D 297 -27.23 26.09 -7.47
C GLU D 297 -27.50 25.35 -6.14
N LEU D 298 -28.06 26.06 -5.16
CA LEU D 298 -28.47 25.41 -3.90
C LEU D 298 -29.51 24.32 -4.14
N ALA D 299 -30.53 24.62 -4.93
CA ALA D 299 -31.58 23.65 -5.24
C ALA D 299 -31.02 22.43 -5.94
N GLU D 300 -30.08 22.64 -6.84
CA GLU D 300 -29.50 21.56 -7.62
C GLU D 300 -28.75 20.60 -6.69
N ALA D 301 -28.23 21.15 -5.58
CA ALA D 301 -27.49 20.38 -4.58
C ALA D 301 -28.41 19.71 -3.54
N GLY D 302 -29.72 19.94 -3.65
CA GLY D 302 -30.68 19.35 -2.73
C GLY D 302 -30.87 20.19 -1.48
N LEU D 303 -30.52 21.47 -1.55
CA LEU D 303 -30.80 22.41 -0.46
C LEU D 303 -31.91 23.36 -0.92
N ARG D 304 -32.45 24.11 0.04
CA ARG D 304 -33.48 25.09 -0.28
C ARG D 304 -33.19 26.41 0.46
N GLN D 305 -32.92 27.46 -0.31
CA GLN D 305 -32.74 28.78 0.28
C GLN D 305 -34.03 29.27 0.94
N THR D 306 -33.90 29.74 2.17
CA THR D 306 -35.03 30.22 2.94
C THR D 306 -34.95 31.72 3.24
N HIS D 307 -33.74 32.27 3.17
CA HIS D 307 -33.51 33.67 3.48
C HIS D 307 -32.41 34.27 2.61
N TRP D 308 -32.48 35.58 2.44
CA TRP D 308 -31.54 36.34 1.63
C TRP D 308 -31.36 37.72 2.23
N TRP D 309 -30.11 38.15 2.35
CA TRP D 309 -29.82 39.47 2.90
C TRP D 309 -28.72 40.08 2.07
N THR D 310 -28.78 41.38 1.87
CA THR D 310 -27.72 42.09 1.16
CA THR D 310 -27.72 42.08 1.17
C THR D 310 -27.46 43.44 1.80
N ASP D 311 -26.33 44.05 1.44
CA ASP D 311 -26.01 45.41 1.84
C ASP D 311 -26.93 46.32 1.04
N PRO D 312 -27.17 47.55 1.54
CA PRO D 312 -28.10 48.48 0.86
C PRO D 312 -27.75 48.65 -0.62
N ALA D 313 -26.46 48.66 -0.94
CA ALA D 313 -26.01 48.91 -2.30
C ALA D 313 -26.12 47.66 -3.19
N GLY D 314 -26.31 46.50 -2.59
CA GLY D 314 -26.45 45.28 -3.37
C GLY D 314 -25.16 44.72 -3.92
N ASP D 315 -24.05 44.96 -3.21
CA ASP D 315 -22.75 44.46 -3.63
C ASP D 315 -22.55 42.98 -3.33
N PHE D 316 -23.22 42.50 -2.29
CA PHE D 316 -22.88 41.21 -1.69
C PHE D 316 -24.16 40.60 -1.13
N GLY D 317 -24.25 39.26 -1.18
CA GLY D 317 -25.40 38.55 -0.63
C GLY D 317 -25.05 37.41 0.32
N LEU D 318 -25.89 37.26 1.33
CA LEU D 318 -25.83 36.15 2.26
C LEU D 318 -27.09 35.33 2.15
N SER D 319 -26.92 34.04 1.84
CA SER D 319 -28.01 33.09 1.73
CA SER D 319 -28.02 33.11 1.72
C SER D 319 -28.09 32.18 2.94
N LEU D 320 -29.29 31.90 3.41
CA LEU D 320 -29.48 30.82 4.38
C LEU D 320 -30.30 29.76 3.68
N ALA D 321 -29.82 28.52 3.70
CA ALA D 321 -30.51 27.42 3.06
C ALA D 321 -30.57 26.23 4.00
N VAL D 322 -31.66 25.46 3.90
CA VAL D 322 -31.87 24.33 4.78
C VAL D 322 -31.76 23.00 4.07
N ARG D 323 -31.32 21.99 4.82
CA ARG D 323 -31.25 20.64 4.35
C ARG D 323 -32.62 19.98 4.43
N TRP E . 1.10 2.89 -28.55
CA TRP E . -0.17 2.11 -28.56
C TRP E . -1.27 2.99 -29.12
O TRP E . -1.85 2.63 -30.14
CB TRP E . -0.52 1.62 -27.15
CG TRP E . -1.88 1.00 -27.03
CD1 TRP E . -2.48 0.14 -27.92
CD2 TRP E . -2.81 1.17 -25.96
NE1 TRP E . -3.73 -0.23 -27.45
CE2 TRP E . -3.95 0.39 -26.25
CE3 TRP E . -2.78 1.90 -24.77
CZ2 TRP E . -5.05 0.34 -25.41
CZ3 TRP E . -3.86 1.85 -23.94
CH2 TRP E . -4.99 1.08 -24.26
OXT TRP E . -1.58 4.06 -28.59
H1 TRP E . 1.79 2.33 -28.66
H2 TRP E . 1.09 3.48 -29.22
H3 TRP E . 1.18 3.31 -27.77
HA TRP E . -0.07 1.34 -29.14
HB2 TRP E . 0.13 0.96 -26.88
HB3 TRP E . -0.49 2.38 -26.54
HD1 TRP E . -2.11 -0.15 -28.72
HE1 TRP E . -4.28 -0.75 -27.85
HE3 TRP E . -2.04 2.42 -24.55
HZ2 TRP E . -5.81 -0.17 -25.61
HZ3 TRP E . -3.86 2.34 -23.14
HH2 TRP E . -5.71 1.06 -23.67
N SAH F . 8.18 -0.30 -29.77
CA SAH F . 6.99 -1.11 -29.57
CB SAH F . 6.20 -0.54 -28.41
CG SAH F . 5.60 -1.67 -27.59
SD SAH F . 4.37 -1.13 -26.42
C SAH F . 6.09 -1.10 -30.79
O SAH F . 5.19 -1.94 -30.90
OXT SAH F . 6.24 -0.24 -31.64
C5' SAH F . 5.38 0.12 -25.55
C4' SAH F . 6.68 -0.35 -24.89
O4' SAH F . 7.29 0.82 -24.39
C3' SAH F . 6.52 -1.31 -23.71
O3' SAH F . 7.57 -2.24 -23.63
C2' SAH F . 6.57 -0.42 -22.51
O2' SAH F . 7.06 -1.06 -21.34
C1' SAH F . 7.45 0.73 -23.00
N9 SAH F . 7.08 2.01 -22.39
C8 SAH F . 5.84 2.57 -22.30
N7 SAH F . 5.96 3.75 -21.66
C5 SAH F . 7.26 3.94 -21.35
C6 SAH F . 7.94 4.97 -20.72
N6 SAH F . 7.30 6.03 -20.26
N1 SAH F . 9.30 4.87 -20.55
C2 SAH F . 9.99 3.77 -21.02
N3 SAH F . 9.31 2.75 -21.66
C4 SAH F . 7.97 2.86 -21.81
H2 SAH F . 11.09 3.76 -20.97
HN1 SAH F . 8.05 0.54 -29.66
HN2 SAH F . 8.65 -0.53 -30.46
HA SAH F . 7.24 -2.04 -29.35
HB1 SAH F . 5.41 0.09 -28.79
HB2 SAH F . 6.85 0.06 -27.77
HG1 SAH F . 6.40 -2.19 -27.06
HG2 SAH F . 5.15 -2.39 -28.28
H5'1 SAH F . 4.76 0.57 -24.78
H5'2 SAH F . 5.62 0.91 -26.26
H4' SAH F . 7.31 -0.82 -25.65
H3' SAH F . 5.55 -1.82 -23.77
HO3' SAH F . 8.08 -2.09 -22.80
H2' SAH F . 5.56 -0.03 -22.32
HO2' SAH F . 7.90 -0.63 -21.06
H1' SAH F . 8.48 0.50 -22.75
H8 SAH F . 4.91 2.14 -22.67
HN61 SAH F . 6.29 6.11 -20.36
HN62 SAH F . 7.82 6.76 -19.77
N TRP G . -4.89 -1.12 25.20
CA TRP G . -4.26 0.02 24.56
C TRP G . -4.91 0.26 23.20
O TRP G . -5.41 1.35 22.97
CB TRP G . -2.74 -0.19 24.42
CG TRP G . -2.05 0.81 23.54
CD1 TRP G . -2.29 2.15 23.46
CD2 TRP G . -0.99 0.54 22.61
NE1 TRP G . -1.44 2.73 22.52
CE2 TRP G . -0.64 1.75 21.99
CE3 TRP G . -0.31 -0.62 22.24
CZ2 TRP G . 0.36 1.84 21.03
CZ3 TRP G . 0.69 -0.53 21.28
CH2 TRP G . 1.00 0.69 20.69
OXT TRP G . -4.96 -0.62 22.32
HA TRP G . -4.40 0.81 25.10
HB2 TRP G . -2.34 -0.15 25.30
HB3 TRP G . -2.59 -1.07 24.03
HD1 TRP G . -2.92 2.61 23.96
HE1 TRP G . -1.43 3.56 22.31
HE3 TRP G . -0.53 -1.44 22.63
HZ2 TRP G . 0.58 2.66 20.64
HZ3 TRP G . 1.15 -1.30 21.03
HH2 TRP G . 1.68 0.72 20.05
N SAH H . -5.95 -1.85 32.81
CA SAH H . -5.12 -0.74 32.38
CB SAH H . -4.22 -1.16 31.24
CG SAH H . -2.79 -0.67 31.36
SD SAH H . -1.88 -1.07 29.87
C SAH H . -5.96 0.41 31.84
O SAH H . -7.17 0.25 31.68
OXT SAH H . -5.45 1.47 31.53
C5' SAH H . -1.89 -2.88 30.03
C4' SAH H . -1.40 -3.51 31.35
O4' SAH H . -1.62 -4.89 31.22
C3' SAH H . 0.09 -3.31 31.62
O3' SAH H . 0.35 -3.19 33.00
C2' SAH H . 0.72 -4.57 31.09
O2' SAH H . 1.89 -4.95 31.78
C1' SAH H . -0.39 -5.58 31.25
N9 SAH H . -0.40 -6.58 30.17
C8 SAH H . -0.36 -6.43 28.83
N7 SAH H . -0.40 -7.65 28.26
C5 SAH H . -0.49 -8.57 29.24
C6 SAH H . -0.57 -9.96 29.26
N6 SAH H . -0.57 -10.68 28.15
N1 SAH H . -0.64 -10.61 30.47
C2 SAH H . -0.65 -9.91 31.65
N3 SAH H . -0.56 -8.55 31.61
C4 SAH H . -0.49 -7.91 30.44
H2 SAH H . -0.91 -10.41 32.59
HN1 SAH H . -6.42 -2.20 32.17
HN2 SAH H . -6.46 -1.67 33.48
HA SAH H . -4.57 -0.40 33.13
HB1 SAH H . -4.64 -0.80 30.30
HB2 SAH H . -4.21 -2.25 31.19
HG1 SAH H . -2.31 -1.14 32.22
HG2 SAH H . -2.79 0.40 31.52
H5'1 SAH H . -1.29 -3.30 29.22
H5'2 SAH H . -2.91 -3.23 29.86
H4' SAH H . -1.98 -3.10 32.18
H3' SAH H . 0.46 -2.44 31.06
HO3' SAH H . 0.88 -3.95 33.30
H2' SAH H . 0.94 -4.44 30.03
HO2' SAH H . 1.74 -5.81 32.22
H1' SAH H . -0.27 -6.08 32.21
H8 SAH H . -0.28 -5.47 28.30
HN61 SAH H . -0.52 -10.23 27.26
HN62 SAH H . -0.60 -11.69 28.21
MG MG I . -10.39 8.03 46.84
CL CL J . 30.55 -44.31 0.14
N TRP K . 7.21 -31.24 -3.51
CA TRP K . 5.96 -31.99 -3.38
C TRP K . 4.77 -31.15 -3.83
O TRP K . 4.51 -30.09 -3.24
CB TRP K . 5.75 -32.43 -1.93
CG TRP K . 4.39 -33.04 -1.70
CD1 TRP K . 3.68 -33.85 -2.55
CD2 TRP K . 3.57 -32.88 -0.53
NE1 TRP K . 2.48 -34.20 -1.98
CE2 TRP K . 2.39 -33.62 -0.75
CE3 TRP K . 3.73 -32.19 0.68
CZ2 TRP K . 1.37 -33.69 0.21
CZ3 TRP K . 2.73 -32.26 1.62
CH2 TRP K . 1.56 -33.00 1.38
OXT TRP K . 4.07 -31.52 -4.78
HA TRP K . 6.00 -32.78 -3.94
HB2 TRP K . 6.42 -33.10 -1.70
HB3 TRP K . 5.83 -31.66 -1.35
HD1 TRP K . 3.98 -34.12 -3.39
HE1 TRP K . 1.88 -34.71 -2.35
HE3 TRP K . 4.51 -31.70 0.84
HZ2 TRP K . 0.61 -34.18 0.05
HZ3 TRP K . 2.81 -31.81 2.42
HH2 TRP K . 0.89 -33.03 2.03
N SAH L . 13.56 -34.06 -5.37
CA SAH L . 12.59 -35.15 -5.26
CB SAH L . 11.90 -35.16 -3.92
CG SAH L . 10.96 -33.97 -3.67
SD SAH L . 10.08 -34.07 -2.09
C SAH L . 11.56 -35.04 -6.38
O SAH L . 10.81 -35.97 -6.64
OXT SAH L . 11.47 -33.99 -7.02
C5' SAH L . 11.14 -32.85 -1.26
C4' SAH L . 12.53 -33.37 -0.86
O4' SAH L . 13.23 -32.33 -0.21
C3' SAH L . 12.51 -34.54 0.10
O3' SAH L . 13.53 -35.46 -0.19
C2' SAH L . 12.75 -33.90 1.46
O2' SAH L . 13.43 -34.76 2.38
C1' SAH L . 13.57 -32.69 1.12
N9 SAH L . 13.31 -31.51 1.94
C8 SAH L . 12.08 -30.94 2.24
N7 SAH L . 12.29 -29.84 2.99
C5 SAH L . 13.63 -29.68 3.15
C6 SAH L . 14.39 -28.73 3.79
N6 SAH L . 13.85 -27.70 4.43
N1 SAH L . 15.76 -28.84 3.76
C2 SAH L . 16.37 -29.88 3.10
N3 SAH L . 15.60 -30.82 2.45
C4 SAH L . 14.27 -30.71 2.47
H2 SAH L . 17.46 -29.95 3.07
HN1 SAH L . 13.23 -33.28 -5.26
HN2 SAH L . 14.02 -34.08 -6.10
HA SAH L . 13.06 -36.01 -5.37
HB1 SAH L . 12.66 -35.17 -3.13
HB2 SAH L . 11.32 -36.08 -3.82
HG1 SAH L . 10.23 -33.92 -4.48
HG2 SAH L . 11.54 -33.05 -3.70
H5'1 SAH L . 10.64 -32.50 -0.37
H5'2 SAH L . 11.27 -32.00 -1.92
H4' SAH L . 13.07 -33.67 -1.77
H3' SAH L . 11.54 -35.01 0.09
HO3' SAH L . 14.17 -35.49 0.55
H2' SAH L . 11.80 -33.59 1.88
HO2' SAH L . 14.30 -34.37 2.61
H1' SAH L . 14.63 -32.94 1.18
H8 SAH L . 11.11 -31.34 1.94
HN61 SAH L . 12.83 -27.61 4.46
HN62 SAH L . 14.42 -27.04 4.94
MG MG M . 32.96 -40.97 -20.93
N TRP N . -12.27 34.40 -1.04
CA TRP N . -11.46 35.50 -1.56
C TRP N . -12.05 36.04 -2.84
O TRP N . -12.28 35.27 -3.78
CB TRP N . -10.04 35.04 -1.80
CG TRP N . -9.17 36.04 -2.51
CD1 TRP N . -9.17 37.40 -2.33
CD2 TRP N . -8.19 35.75 -3.49
NE1 TRP N . -8.23 37.98 -3.16
CE2 TRP N . -7.60 36.97 -3.88
CE3 TRP N . -7.72 34.58 -4.08
CZ2 TRP N . -6.60 37.06 -4.84
CZ3 TRP N . -6.72 34.66 -5.03
CH2 TRP N . -6.17 35.89 -5.39
OXT TRP N . -12.35 37.24 -2.95
HA TRP N . -11.44 36.22 -0.90
HB2 TRP N . -9.62 34.84 -0.95
HB3 TRP N . -10.06 34.24 -2.35
HD1 TRP N . -9.71 37.87 -1.74
HE1 TRP N . -8.04 38.81 -3.21
HE3 TRP N . -8.08 33.75 -3.84
HZ2 TRP N . -6.23 37.87 -5.08
HZ3 TRP N . -6.42 33.88 -5.43
HH2 TRP N . -5.50 35.91 -6.04
N SAH O . -13.21 33.07 6.36
CA SAH O . -12.32 34.20 6.16
CB SAH O . -11.18 33.86 5.22
CG SAH O . -11.59 33.62 3.77
SD SAH O . -10.13 33.39 2.72
C SAH O . -13.06 35.39 5.58
O SAH O . -14.23 35.29 5.20
OXT SAH O . -12.49 36.47 5.46
C5' SAH O . -10.40 31.60 2.63
C4' SAH O . -10.09 30.80 3.90
O4' SAH O . -10.30 29.42 3.65
C3' SAH O . -8.63 30.91 4.36
O3' SAH O . -8.60 30.99 5.78
C2' SAH O . -7.96 29.64 3.88
O2' SAH O . -6.92 29.23 4.76
C1' SAH O . -9.11 28.66 3.81
N9 SAH O . -9.11 27.70 2.70
C8 SAH O . -8.85 27.93 1.37
N7 SAH O . -9.00 26.78 0.68
C5 SAH O . -9.36 25.81 1.57
C6 SAH O . -9.65 24.47 1.41
N6 SAH O . -9.59 23.90 0.21
N1 SAH O . -10.00 23.73 2.49
C2 SAH O . -10.08 24.29 3.76
N3 SAH O . -9.80 25.63 3.90
C4 SAH O . -9.44 26.38 2.82
H2 SAH O . -10.55 23.74 4.57
HN1 SAH O . -13.61 33.06 7.13
HN2 SAH O . -14.06 33.26 6.28
HA SAH O . -11.95 34.47 7.03
HB1 SAH O . -10.69 32.96 5.59
HB2 SAH O . -10.45 34.68 5.25
HG1 SAH O . -12.16 34.49 3.41
HG2 SAH O . -12.23 32.75 3.71
H5'1 SAH O . -9.79 31.20 1.82
H5'2 SAH O . -11.44 31.42 2.36
H4' SAH O . -10.74 31.14 4.71
H3' SAH O . -8.16 31.77 3.91
HO3' SAH O . -8.14 30.20 6.13
H2' SAH O . -7.56 29.80 2.88
HO2' SAH O . -7.15 28.37 5.15
H1' SAH O . -9.16 28.12 4.75
H8 SAH O . -8.57 28.90 0.93
HN61 SAH O . -9.33 24.46 -0.60
HN62 SAH O . -9.76 22.91 0.10
#